data_9HKY
#
_entry.id   9HKY
#
_cell.length_a   1.00
_cell.length_b   1.00
_cell.length_c   1.00
_cell.angle_alpha   90.00
_cell.angle_beta   90.00
_cell.angle_gamma   90.00
#
_symmetry.space_group_name_H-M   'P 1'
#
loop_
_entity.id
_entity.type
_entity.pdbx_description
1 polymer Adenosylhomocysteinase
2 non-polymer NICOTINAMIDE-ADENINE-DINUCLEOTIDE
3 non-polymer ADENOSINE
4 non-polymer 'POTASSIUM ION'
#
_entity_poly.entity_id   1
_entity_poly.type   'polypeptide(L)'
_entity_poly.pdbx_seq_one_letter_code
;SNAMSAVMTPAGFTDYKVADITLAAWGRRELIIAESEMPALMGLRRKYAGQQPLKGAKILGCIHMTIQTGVLIETLVALG
AEVRWSSCNIFSTQDQAAAAIAAAGIPVFAWKGETEEEYEWCIEQTILKDGQPWDANMVLDDGGDLTEILHKKYPQMLER
IHGITEETTTGVHRLLDMLKNGTLKVPAINVNDSVTKSKNDNKYGCRHSLNDAIKRGTDHLLSGKQALVIGYGDVGKGSS
QSLRQEGMIVKVAEVDPICAMQACMDGFEVVSPYKNGINDGTEASIDAALLGKIDLIVTTTGNVNVCDANMLKALKKRAV
VCNIGHFDNEIDTAFMRKNWAWEEVKPQVHKIHRTGKDGFDAHNDDYLILLAEGRLVNLGNATGHPSRIMDGSFANQVLA
QIHLFEQKYADLPAAEKAKRLSVEVLPKKLDEEVALEMVKGFGGVVTQLTPKQAEYIGVSVEGPFKPDTYRY
;
_entity_poly.pdbx_strand_id   A,B,C,D
#
loop_
_chem_comp.id
_chem_comp.type
_chem_comp.name
_chem_comp.formula
ADN non-polymer ADENOSINE 'C10 H13 N5 O4'
K non-polymer 'POTASSIUM ION' 'K 1'
NAD non-polymer NICOTINAMIDE-ADENINE-DINUCLEOTIDE 'C21 H27 N7 O14 P2'
#
# COMPACT_ATOMS: atom_id res chain seq x y z
N ALA A 25 -38.63 -18.95 12.56
CA ALA A 25 -38.56 -19.09 11.10
C ALA A 25 -37.17 -18.74 10.58
N TRP A 26 -36.75 -17.51 10.81
CA TRP A 26 -35.43 -17.09 10.35
C TRP A 26 -34.32 -17.79 11.13
N GLY A 27 -34.59 -18.18 12.38
CA GLY A 27 -33.59 -18.84 13.20
C GLY A 27 -33.13 -20.19 12.68
N ARG A 28 -33.86 -20.77 11.73
CA ARG A 28 -33.44 -21.99 11.06
C ARG A 28 -32.62 -21.74 9.80
N ARG A 29 -32.57 -20.49 9.33
CA ARG A 29 -31.96 -20.21 8.04
C ARG A 29 -30.45 -19.99 8.14
N GLU A 30 -29.99 -19.31 9.20
CA GLU A 30 -28.57 -18.98 9.27
C GLU A 30 -27.68 -20.20 9.48
N LEU A 31 -28.25 -21.35 9.84
CA LEU A 31 -27.45 -22.55 10.04
C LEU A 31 -26.79 -23.00 8.73
N ILE A 32 -27.52 -22.91 7.62
CA ILE A 32 -26.95 -23.29 6.33
C ILE A 32 -25.78 -22.39 5.98
N ILE A 33 -25.94 -21.08 6.18
CA ILE A 33 -24.81 -20.17 6.00
C ILE A 33 -23.70 -20.53 6.97
N ALA A 34 -24.01 -20.66 8.26
CA ALA A 34 -22.99 -20.95 9.26
C ALA A 34 -22.16 -22.17 8.87
N GLU A 35 -22.80 -23.16 8.24
CA GLU A 35 -22.03 -24.28 7.70
C GLU A 35 -21.18 -23.87 6.50
N SER A 36 -21.54 -22.75 5.84
CA SER A 36 -20.93 -22.43 4.55
C SER A 36 -19.65 -21.61 4.66
N GLU A 37 -19.51 -20.74 5.67
CA GLU A 37 -18.27 -19.99 5.83
C GLU A 37 -17.37 -20.53 6.93
N MET A 38 -17.46 -21.83 7.23
CA MET A 38 -16.52 -22.49 8.16
C MET A 38 -15.88 -23.64 7.41
N PRO A 39 -14.89 -23.36 6.56
CA PRO A 39 -14.25 -24.45 5.79
C PRO A 39 -13.59 -25.50 6.65
N ALA A 40 -12.95 -25.10 7.76
CA ALA A 40 -12.13 -26.04 8.52
C ALA A 40 -12.98 -27.10 9.22
N LEU A 41 -14.06 -26.69 9.87
CA LEU A 41 -14.89 -27.63 10.61
C LEU A 41 -15.53 -28.66 9.68
N MET A 42 -16.14 -28.20 8.59
CA MET A 42 -16.77 -29.13 7.65
C MET A 42 -15.73 -29.98 6.94
N GLY A 43 -14.54 -29.44 6.67
CA GLY A 43 -13.47 -30.25 6.09
C GLY A 43 -13.04 -31.37 7.01
N LEU A 44 -12.86 -31.06 8.30
CA LEU A 44 -12.53 -32.11 9.27
C LEU A 44 -13.63 -33.14 9.37
N ARG A 45 -14.90 -32.68 9.36
CA ARG A 45 -16.01 -33.62 9.47
C ARG A 45 -16.07 -34.56 8.28
N ARG A 46 -15.90 -34.03 7.06
CA ARG A 46 -15.92 -34.91 5.90
C ARG A 46 -14.64 -35.72 5.74
N LYS A 47 -13.55 -35.32 6.40
CA LYS A 47 -12.36 -36.15 6.42
C LYS A 47 -12.54 -37.33 7.36
N TYR A 48 -13.18 -37.12 8.51
CA TYR A 48 -13.33 -38.16 9.52
C TYR A 48 -14.65 -38.90 9.45
N ALA A 49 -15.55 -38.55 8.54
CA ALA A 49 -16.82 -39.25 8.42
C ALA A 49 -16.61 -40.65 7.86
N GLY A 50 -17.54 -41.54 8.21
CA GLY A 50 -17.44 -42.94 7.79
C GLY A 50 -16.64 -43.76 8.77
N GLN A 51 -15.38 -43.37 8.98
CA GLN A 51 -14.56 -44.03 10.00
C GLN A 51 -15.12 -43.79 11.39
N GLN A 52 -15.53 -42.55 11.67
CA GLN A 52 -15.98 -42.13 13.00
C GLN A 52 -14.96 -42.54 14.04
N PRO A 53 -13.80 -41.89 14.09
CA PRO A 53 -12.76 -42.29 15.06
C PRO A 53 -13.23 -42.17 16.50
N LEU A 54 -14.11 -41.22 16.80
CA LEU A 54 -14.63 -41.03 18.15
C LEU A 54 -16.12 -41.33 18.15
N LYS A 55 -16.56 -42.19 19.06
CA LYS A 55 -17.96 -42.52 19.19
C LYS A 55 -18.40 -42.36 20.65
N GLY A 56 -19.51 -41.67 20.85
CA GLY A 56 -20.05 -41.48 22.18
C GLY A 56 -19.13 -40.73 23.12
N ALA A 57 -18.55 -39.63 22.64
CA ALA A 57 -17.71 -38.80 23.50
C ALA A 57 -18.54 -38.19 24.62
N LYS A 58 -17.99 -38.16 25.82
CA LYS A 58 -18.70 -37.71 27.02
C LYS A 58 -18.31 -36.30 27.43
N ILE A 59 -18.12 -35.42 26.46
CA ILE A 59 -17.82 -34.02 26.75
C ILE A 59 -19.05 -33.38 27.39
N LEU A 60 -18.89 -32.90 28.62
CA LEU A 60 -19.88 -32.02 29.23
C LEU A 60 -19.48 -30.59 28.90
N GLY A 61 -20.29 -29.91 28.11
CA GLY A 61 -19.94 -28.61 27.56
C GLY A 61 -20.75 -27.49 28.22
N CYS A 62 -20.08 -26.37 28.47
CA CYS A 62 -20.73 -25.24 29.11
C CYS A 62 -20.30 -23.89 28.55
N ILE A 63 -19.52 -23.85 27.45
CA ILE A 63 -19.09 -22.58 26.91
C ILE A 63 -20.29 -21.84 26.35
N HIS A 64 -20.19 -20.51 26.31
CA HIS A 64 -21.31 -19.66 25.90
C HIS A 64 -21.82 -20.02 24.51
N MET A 65 -23.14 -20.14 24.39
CA MET A 65 -23.77 -20.48 23.12
C MET A 65 -23.61 -19.32 22.14
N THR A 66 -23.12 -19.62 20.94
CA THR A 66 -22.95 -18.63 19.90
C THR A 66 -23.52 -19.17 18.58
N ILE A 67 -23.56 -18.29 17.58
CA ILE A 67 -24.17 -18.64 16.30
C ILE A 67 -23.39 -19.71 15.56
N GLN A 68 -22.13 -19.93 15.91
CA GLN A 68 -21.29 -20.89 15.18
C GLN A 68 -21.39 -22.31 15.72
N THR A 69 -21.66 -22.48 17.01
CA THR A 69 -21.73 -23.80 17.63
C THR A 69 -23.10 -24.43 17.53
N GLY A 70 -24.01 -23.86 16.73
CA GLY A 70 -25.38 -24.34 16.72
C GLY A 70 -25.51 -25.76 16.18
N VAL A 71 -24.83 -26.06 15.08
CA VAL A 71 -25.03 -27.33 14.40
C VAL A 71 -24.58 -28.48 15.28
N LEU A 72 -23.33 -28.43 15.76
CA LEU A 72 -22.78 -29.55 16.53
C LEU A 72 -23.38 -29.68 17.92
N ILE A 73 -24.38 -28.87 18.27
CA ILE A 73 -25.10 -29.05 19.52
C ILE A 73 -26.59 -29.29 19.33
N GLU A 74 -27.20 -28.98 18.18
CA GLU A 74 -28.59 -29.33 17.99
C GLU A 74 -28.82 -30.45 16.97
N THR A 75 -28.02 -30.54 15.91
CA THR A 75 -28.21 -31.60 14.93
C THR A 75 -27.99 -32.97 15.56
N LEU A 76 -26.90 -33.11 16.32
CA LEU A 76 -26.59 -34.41 16.92
C LEU A 76 -27.68 -34.85 17.88
N VAL A 77 -28.19 -33.92 18.70
CA VAL A 77 -29.24 -34.28 19.65
C VAL A 77 -30.58 -34.49 18.94
N ALA A 78 -30.77 -33.91 17.75
CA ALA A 78 -31.98 -34.20 16.99
C ALA A 78 -31.92 -35.60 16.37
N LEU A 79 -30.74 -36.01 15.90
CA LEU A 79 -30.61 -37.37 15.38
C LEU A 79 -30.77 -38.43 16.47
N GLY A 80 -30.51 -38.09 17.73
CA GLY A 80 -30.73 -39.04 18.80
C GLY A 80 -29.65 -39.08 19.87
N ALA A 81 -28.62 -38.23 19.75
CA ALA A 81 -27.57 -38.21 20.76
C ALA A 81 -28.12 -37.82 22.12
N GLU A 82 -29.00 -36.81 22.16
CA GLU A 82 -29.68 -36.40 23.38
C GLU A 82 -28.70 -36.00 24.48
N VAL A 83 -27.92 -34.95 24.19
CA VAL A 83 -26.93 -34.42 25.12
C VAL A 83 -27.20 -32.94 25.32
N ARG A 84 -27.32 -32.54 26.59
CA ARG A 84 -27.67 -31.16 26.93
C ARG A 84 -26.44 -30.26 26.90
N TRP A 85 -26.69 -28.96 26.91
CA TRP A 85 -25.64 -27.96 26.86
C TRP A 85 -25.98 -26.89 27.89
N SER A 86 -24.99 -26.08 28.26
CA SER A 86 -25.24 -24.96 29.17
C SER A 86 -24.28 -23.82 28.84
N SER A 87 -24.45 -22.70 29.53
CA SER A 87 -23.65 -21.50 29.30
C SER A 87 -23.04 -21.05 30.62
N CYS A 88 -21.71 -21.11 30.71
CA CYS A 88 -21.02 -20.62 31.89
C CYS A 88 -20.90 -19.11 31.86
N ASN A 89 -20.38 -18.57 30.77
CA ASN A 89 -20.15 -17.12 30.63
C ASN A 89 -21.49 -16.47 30.31
N ILE A 90 -22.22 -16.11 31.37
CA ILE A 90 -23.55 -15.52 31.20
C ILE A 90 -23.46 -14.12 30.61
N PHE A 91 -22.38 -13.38 30.88
CA PHE A 91 -22.29 -12.01 30.40
C PHE A 91 -22.15 -11.97 28.88
N SER A 92 -21.59 -13.00 28.27
CA SER A 92 -21.44 -13.07 26.83
C SER A 92 -22.57 -13.83 26.14
N THR A 93 -23.56 -14.30 26.89
CA THR A 93 -24.64 -15.08 26.31
C THR A 93 -25.49 -14.20 25.39
N GLN A 94 -25.81 -14.73 24.21
CA GLN A 94 -26.65 -14.03 23.24
C GLN A 94 -27.95 -14.81 23.07
N ASP A 95 -29.07 -14.08 23.06
CA ASP A 95 -30.38 -14.72 22.93
C ASP A 95 -30.60 -15.30 21.53
N GLN A 96 -29.83 -14.87 20.54
CA GLN A 96 -30.03 -15.34 19.18
C GLN A 96 -29.73 -16.84 19.05
N ALA A 97 -28.62 -17.29 19.63
CA ALA A 97 -28.27 -18.71 19.56
C ALA A 97 -29.29 -19.57 20.31
N ALA A 98 -29.73 -19.11 21.48
CA ALA A 98 -30.72 -19.85 22.24
C ALA A 98 -32.04 -19.94 21.49
N ALA A 99 -32.44 -18.86 20.83
CA ALA A 99 -33.66 -18.88 20.02
C ALA A 99 -33.52 -19.85 18.85
N ALA A 100 -32.33 -19.93 18.26
CA ALA A 100 -32.09 -20.90 17.20
C ALA A 100 -32.21 -22.32 17.72
N ILE A 101 -31.70 -22.58 18.93
CA ILE A 101 -31.84 -23.90 19.53
C ILE A 101 -33.28 -24.17 19.92
N ALA A 102 -34.02 -23.13 20.33
CA ALA A 102 -35.37 -23.30 20.84
C ALA A 102 -36.35 -23.87 19.82
N ALA A 103 -35.99 -23.85 18.53
CA ALA A 103 -36.88 -24.42 17.52
C ALA A 103 -37.05 -25.93 17.70
N ALA A 104 -36.15 -26.59 18.42
CA ALA A 104 -36.26 -28.01 18.70
C ALA A 104 -37.01 -28.22 20.01
N GLY A 105 -37.23 -29.49 20.36
CA GLY A 105 -37.92 -29.87 21.57
C GLY A 105 -37.04 -30.01 22.80
N ILE A 106 -35.78 -29.62 22.70
CA ILE A 106 -34.85 -29.77 23.84
C ILE A 106 -35.25 -28.80 24.94
N PRO A 107 -35.47 -29.27 26.18
CA PRO A 107 -35.81 -28.34 27.26
C PRO A 107 -34.62 -27.49 27.69
N VAL A 108 -34.32 -26.44 26.93
CA VAL A 108 -33.24 -25.51 27.26
C VAL A 108 -33.75 -24.09 27.02
N PHE A 109 -33.44 -23.19 27.94
CA PHE A 109 -33.94 -21.82 27.90
C PHE A 109 -32.84 -20.80 27.67
N ALA A 110 -31.81 -20.79 28.53
CA ALA A 110 -30.74 -19.80 28.46
C ALA A 110 -31.28 -18.37 28.53
N TRP A 111 -32.30 -18.18 29.37
CA TRP A 111 -32.94 -16.89 29.50
C TRP A 111 -32.07 -15.93 30.30
N LYS A 112 -32.32 -14.63 30.12
CA LYS A 112 -31.65 -13.58 30.88
C LYS A 112 -32.28 -13.51 32.27
N GLY A 113 -31.90 -14.47 33.11
CA GLY A 113 -32.41 -14.52 34.47
C GLY A 113 -31.80 -13.46 35.37
N GLU A 114 -30.47 -13.46 35.47
CA GLU A 114 -29.71 -12.51 36.28
C GLU A 114 -30.10 -12.53 37.75
N THR A 115 -30.66 -13.64 38.22
CA THR A 115 -30.99 -13.80 39.64
C THR A 115 -30.65 -15.22 40.05
N GLU A 116 -30.03 -15.35 41.24
CA GLU A 116 -29.58 -16.66 41.70
C GLU A 116 -30.75 -17.51 42.20
N GLU A 117 -31.72 -16.88 42.89
CA GLU A 117 -32.78 -17.64 43.53
C GLU A 117 -33.59 -18.44 42.51
N GLU A 118 -33.97 -17.81 41.40
CA GLU A 118 -34.68 -18.52 40.34
C GLU A 118 -33.75 -19.40 39.52
N TYR A 119 -32.44 -19.15 39.57
CA TYR A 119 -31.50 -19.94 38.79
C TYR A 119 -31.31 -21.35 39.36
N GLU A 120 -31.36 -21.49 40.69
CA GLU A 120 -31.18 -22.79 41.30
C GLU A 120 -32.31 -23.74 40.93
N TRP A 121 -33.51 -23.21 40.68
CA TRP A 121 -34.62 -24.05 40.25
C TRP A 121 -34.35 -24.67 38.89
N CYS A 122 -33.76 -23.90 37.96
CA CYS A 122 -33.45 -24.42 36.64
C CYS A 122 -32.39 -25.50 36.69
N ILE A 123 -31.42 -25.38 37.61
CA ILE A 123 -30.28 -26.29 37.62
C ILE A 123 -30.71 -27.71 37.93
N GLU A 124 -31.54 -27.88 38.96
CA GLU A 124 -31.82 -29.22 39.48
C GLU A 124 -32.50 -30.13 38.46
N GLN A 125 -33.24 -29.55 37.51
CA GLN A 125 -33.96 -30.35 36.53
C GLN A 125 -33.10 -30.73 35.32
N THR A 126 -31.79 -30.48 35.37
CA THR A 126 -30.91 -30.76 34.22
C THR A 126 -29.91 -31.87 34.47
N ILE A 127 -29.32 -31.96 35.67
CA ILE A 127 -28.27 -32.96 35.89
C ILE A 127 -28.83 -34.36 35.77
N LEU A 128 -29.98 -34.62 36.39
CA LEU A 128 -30.65 -35.91 36.33
C LEU A 128 -31.95 -35.77 35.54
N LYS A 129 -32.10 -36.59 34.51
CA LYS A 129 -33.34 -36.64 33.74
C LYS A 129 -34.23 -37.81 34.15
N ASP A 130 -33.67 -39.03 34.21
CA ASP A 130 -34.43 -40.22 34.53
C ASP A 130 -34.15 -40.73 35.94
N GLY A 131 -33.60 -39.89 36.81
CA GLY A 131 -33.38 -40.24 38.19
C GLY A 131 -31.99 -40.71 38.56
N GLN A 132 -31.06 -40.74 37.60
CA GLN A 132 -29.70 -41.15 37.90
C GLN A 132 -28.71 -40.11 37.37
N PRO A 133 -27.59 -39.92 38.06
CA PRO A 133 -26.59 -38.97 37.57
C PRO A 133 -25.91 -39.48 36.30
N TRP A 134 -25.41 -38.54 35.50
CA TRP A 134 -24.76 -38.87 34.24
C TRP A 134 -23.25 -38.93 34.44
N ASP A 135 -22.61 -39.82 33.69
CA ASP A 135 -21.18 -40.10 33.84
C ASP A 135 -20.35 -39.08 33.05
N ALA A 136 -20.34 -37.86 33.57
CA ALA A 136 -19.51 -36.81 32.98
C ALA A 136 -18.03 -37.13 33.18
N ASN A 137 -17.24 -36.93 32.14
CA ASN A 137 -15.81 -37.19 32.18
C ASN A 137 -14.96 -35.93 32.13
N MET A 138 -15.35 -34.95 31.31
CA MET A 138 -14.63 -33.69 31.21
C MET A 138 -15.61 -32.52 31.38
N VAL A 139 -15.12 -31.44 31.95
CA VAL A 139 -15.88 -30.21 32.12
C VAL A 139 -15.28 -29.15 31.20
N LEU A 140 -16.16 -28.42 30.51
CA LEU A 140 -15.73 -27.36 29.59
C LEU A 140 -15.84 -26.04 30.32
N ASP A 141 -14.80 -25.73 31.10
CA ASP A 141 -14.74 -24.51 31.89
C ASP A 141 -13.74 -23.55 31.27
N ASP A 142 -14.21 -22.37 30.89
CA ASP A 142 -13.36 -21.28 30.46
C ASP A 142 -13.39 -20.11 31.43
N GLY A 143 -14.01 -20.28 32.59
CA GLY A 143 -14.04 -19.24 33.61
C GLY A 143 -13.16 -19.56 34.80
N GLY A 144 -13.11 -20.84 35.17
CA GLY A 144 -12.29 -21.26 36.30
C GLY A 144 -12.75 -20.75 37.65
N ASP A 145 -14.07 -20.77 37.89
CA ASP A 145 -14.63 -20.31 39.15
C ASP A 145 -15.39 -21.40 39.90
N LEU A 146 -16.27 -22.15 39.23
CA LEU A 146 -16.92 -23.29 39.87
C LEU A 146 -16.06 -24.56 39.84
N THR A 147 -14.91 -24.53 39.18
CA THR A 147 -14.11 -25.74 39.03
C THR A 147 -13.43 -26.18 40.32
N GLU A 148 -13.35 -25.32 41.33
CA GLU A 148 -12.68 -25.65 42.58
C GLU A 148 -13.63 -26.17 43.65
N ILE A 149 -14.92 -26.30 43.35
CA ILE A 149 -15.89 -26.89 44.26
C ILE A 149 -16.48 -28.15 43.63
N LEU A 150 -17.37 -28.83 44.37
CA LEU A 150 -18.04 -30.03 43.92
C LEU A 150 -17.05 -31.17 43.62
N HIS A 151 -16.45 -31.14 42.43
CA HIS A 151 -15.61 -32.25 41.99
C HIS A 151 -14.41 -32.45 42.91
N LYS A 152 -13.90 -31.37 43.50
CA LYS A 152 -12.82 -31.49 44.49
C LYS A 152 -13.33 -31.52 45.93
N LYS A 153 -14.63 -31.29 46.15
CA LYS A 153 -15.15 -31.38 47.51
C LYS A 153 -15.18 -32.82 48.01
N TYR A 154 -15.37 -33.77 47.10
CA TYR A 154 -15.24 -35.20 47.41
C TYR A 154 -14.39 -35.84 46.31
N PRO A 155 -13.21 -36.37 46.63
CA PRO A 155 -12.28 -36.82 45.58
C PRO A 155 -12.67 -38.14 44.94
N GLN A 156 -13.89 -38.63 45.19
CA GLN A 156 -14.27 -39.94 44.68
C GLN A 156 -14.31 -39.96 43.16
N MET A 157 -14.79 -38.88 42.54
CA MET A 157 -14.90 -38.82 41.09
C MET A 157 -13.59 -38.42 40.42
N LEU A 158 -12.64 -37.87 41.17
CA LEU A 158 -11.41 -37.35 40.59
C LEU A 158 -10.53 -38.44 39.99
N GLU A 159 -10.77 -39.70 40.32
CA GLU A 159 -9.99 -40.80 39.76
C GLU A 159 -10.41 -41.18 38.35
N ARG A 160 -11.48 -40.57 37.82
CA ARG A 160 -11.92 -40.79 36.44
C ARG A 160 -12.09 -39.43 35.77
N ILE A 161 -10.98 -38.88 35.27
CA ILE A 161 -10.96 -37.64 34.51
C ILE A 161 -9.98 -37.83 33.35
N HIS A 162 -10.03 -36.91 32.39
CA HIS A 162 -9.13 -36.96 31.25
C HIS A 162 -8.28 -35.70 31.13
N GLY A 163 -8.90 -34.53 31.22
CA GLY A 163 -8.16 -33.29 31.07
C GLY A 163 -9.05 -32.09 31.31
N ILE A 164 -8.51 -30.92 30.98
CA ILE A 164 -9.21 -29.65 31.19
C ILE A 164 -8.78 -28.68 30.11
N THR A 165 -9.71 -27.83 29.66
CA THR A 165 -9.45 -26.87 28.59
C THR A 165 -9.94 -25.50 29.04
N GLU A 166 -9.01 -24.58 29.27
CA GLU A 166 -9.32 -23.21 29.66
C GLU A 166 -8.71 -22.25 28.65
N GLU A 167 -9.41 -21.14 28.39
CA GLU A 167 -8.99 -20.17 27.39
C GLU A 167 -8.62 -18.81 27.97
N THR A 168 -9.27 -18.38 29.06
CA THR A 168 -9.05 -17.03 29.57
C THR A 168 -7.66 -16.87 30.15
N THR A 169 -7.01 -15.77 29.79
CA THR A 169 -5.69 -15.43 30.32
C THR A 169 -5.81 -14.92 31.75
N THR A 170 -4.85 -15.33 32.59
CA THR A 170 -4.72 -14.92 33.99
C THR A 170 -5.81 -15.58 34.83
N GLY A 171 -6.77 -16.24 34.17
CA GLY A 171 -7.71 -17.07 34.89
C GLY A 171 -7.17 -18.45 35.17
N VAL A 172 -6.28 -18.95 34.32
CA VAL A 172 -5.59 -20.22 34.58
C VAL A 172 -4.49 -20.07 35.61
N HIS A 173 -4.26 -18.85 36.11
CA HIS A 173 -3.28 -18.64 37.16
C HIS A 173 -3.66 -19.39 38.43
N ARG A 174 -4.96 -19.47 38.73
CA ARG A 174 -5.42 -20.24 39.88
C ARG A 174 -5.07 -21.71 39.73
N LEU A 175 -5.36 -22.28 38.55
CA LEU A 175 -4.98 -23.67 38.28
C LEU A 175 -3.48 -23.85 38.42
N LEU A 176 -2.70 -22.91 37.86
CA LEU A 176 -1.25 -23.05 37.83
C LEU A 176 -0.65 -23.00 39.23
N ASP A 177 -1.11 -22.07 40.08
CA ASP A 177 -0.48 -21.99 41.40
C ASP A 177 -1.02 -23.05 42.36
N MET A 178 -2.27 -23.52 42.18
CA MET A 178 -2.66 -24.68 42.99
C MET A 178 -2.17 -26.00 42.38
N LEU A 179 -1.50 -25.94 41.23
CA LEU A 179 -0.72 -27.08 40.78
C LEU A 179 0.68 -27.05 41.37
N LYS A 180 1.36 -25.90 41.31
CA LYS A 180 2.70 -25.84 41.90
C LYS A 180 2.67 -26.00 43.41
N ASN A 181 1.60 -25.55 44.07
CA ASN A 181 1.50 -25.70 45.52
C ASN A 181 1.41 -27.16 45.96
N GLY A 182 1.07 -28.06 45.05
CA GLY A 182 1.11 -29.48 45.34
C GLY A 182 -0.19 -30.16 45.66
N THR A 183 -1.33 -29.55 45.36
CA THR A 183 -2.63 -30.17 45.61
C THR A 183 -3.23 -30.85 44.39
N LEU A 184 -2.46 -30.98 43.30
CA LEU A 184 -2.93 -31.65 42.10
C LEU A 184 -1.83 -32.54 41.55
N LYS A 185 -2.24 -33.69 41.00
CA LYS A 185 -1.34 -34.60 40.29
C LYS A 185 -1.81 -34.82 38.87
N VAL A 186 -2.45 -33.81 38.28
CA VAL A 186 -3.02 -33.90 36.94
C VAL A 186 -2.37 -32.83 36.07
N PRO A 187 -1.77 -33.20 34.95
CA PRO A 187 -1.22 -32.17 34.04
C PRO A 187 -2.33 -31.39 33.37
N ALA A 188 -2.03 -30.12 33.06
CA ALA A 188 -2.97 -29.23 32.42
C ALA A 188 -2.41 -28.77 31.08
N ILE A 189 -3.31 -28.57 30.11
CA ILE A 189 -2.94 -28.13 28.77
C ILE A 189 -3.56 -26.76 28.53
N ASN A 190 -2.79 -25.87 27.91
CA ASN A 190 -3.22 -24.51 27.63
C ASN A 190 -3.51 -24.38 26.14
N VAL A 191 -4.71 -23.93 25.81
CA VAL A 191 -5.09 -23.73 24.41
C VAL A 191 -4.76 -22.32 23.92
N ASN A 192 -4.56 -21.36 24.83
CA ASN A 192 -4.39 -19.97 24.43
C ASN A 192 -3.06 -19.75 23.70
N ASP A 193 -2.01 -20.46 24.11
CA ASP A 193 -0.68 -20.24 23.56
C ASP A 193 -0.53 -20.72 22.12
N SER A 194 -1.59 -21.20 21.49
CA SER A 194 -1.51 -21.69 20.12
C SER A 194 -1.16 -20.55 19.17
N VAL A 195 -0.42 -20.89 18.11
CA VAL A 195 0.06 -19.89 17.17
C VAL A 195 -1.09 -19.29 16.39
N THR A 196 -2.00 -20.13 15.89
CA THR A 196 -3.13 -19.64 15.11
C THR A 196 -4.07 -18.78 15.94
N LYS A 197 -4.08 -18.95 17.27
CA LYS A 197 -4.92 -18.12 18.11
C LYS A 197 -4.36 -16.70 18.24
N SER A 198 -3.04 -16.56 18.19
CA SER A 198 -2.42 -15.26 18.41
C SER A 198 -2.69 -14.31 17.24
N LYS A 199 -2.28 -14.71 16.03
CA LYS A 199 -2.34 -13.81 14.89
C LYS A 199 -3.76 -13.47 14.50
N ASN A 200 -4.70 -14.42 14.63
CA ASN A 200 -6.07 -14.19 14.18
C ASN A 200 -6.74 -13.06 14.96
N ASP A 201 -6.54 -13.03 16.28
CA ASP A 201 -7.25 -12.09 17.14
C ASP A 201 -6.40 -10.88 17.54
N ASN A 202 -5.16 -11.11 17.99
CA ASN A 202 -4.36 -10.02 18.52
C ASN A 202 -3.95 -9.03 17.43
N LYS A 203 -3.63 -9.52 16.24
CA LYS A 203 -3.07 -8.68 15.18
C LYS A 203 -4.06 -8.46 14.03
N TYR A 204 -4.58 -9.52 13.44
CA TYR A 204 -5.45 -9.38 12.28
C TYR A 204 -6.89 -9.05 12.64
N GLY A 205 -7.33 -9.37 13.86
CA GLY A 205 -8.68 -9.04 14.25
C GLY A 205 -8.90 -7.54 14.41
N CYS A 206 -7.92 -6.84 14.96
CA CYS A 206 -8.08 -5.40 15.24
C CYS A 206 -7.96 -4.55 13.98
N ARG A 207 -7.13 -4.95 13.02
CA ARG A 207 -6.92 -4.14 11.83
C ARG A 207 -8.20 -4.01 11.02
N HIS A 208 -8.99 -5.09 10.95
CA HIS A 208 -10.25 -5.04 10.22
C HIS A 208 -11.31 -4.26 10.99
N SER A 209 -11.34 -4.40 12.31
CA SER A 209 -12.48 -3.92 13.09
C SER A 209 -12.34 -2.48 13.54
N LEU A 210 -11.12 -1.98 13.79
CA LEU A 210 -10.97 -0.64 14.34
C LEU A 210 -11.37 0.43 13.33
N ASN A 211 -10.86 0.33 12.10
CA ASN A 211 -11.10 1.38 11.12
C ASN A 211 -12.58 1.48 10.76
N ASP A 212 -13.27 0.35 10.67
CA ASP A 212 -14.70 0.38 10.42
C ASP A 212 -15.44 1.03 11.59
N ALA A 213 -15.09 0.66 12.82
CA ALA A 213 -15.85 1.12 13.98
C ALA A 213 -15.65 2.61 14.25
N ILE A 214 -14.41 3.09 14.11
CA ILE A 214 -14.12 4.49 14.41
C ILE A 214 -14.89 5.41 13.47
N LYS A 215 -15.00 5.02 12.20
CA LYS A 215 -15.78 5.80 11.24
C LYS A 215 -17.27 5.57 11.41
N ARG A 216 -17.67 4.36 11.78
CA ARG A 216 -19.09 4.04 11.95
C ARG A 216 -19.69 4.82 13.11
N GLY A 217 -18.90 5.07 14.15
CA GLY A 217 -19.43 5.78 15.31
C GLY A 217 -19.65 7.26 15.06
N THR A 218 -18.85 7.87 14.18
CA THR A 218 -18.88 9.33 14.02
C THR A 218 -18.94 9.83 12.58
N ASP A 219 -18.51 9.04 11.59
CA ASP A 219 -18.52 9.44 10.18
C ASP A 219 -17.70 10.73 9.96
N HIS A 220 -16.40 10.61 10.23
CA HIS A 220 -15.46 11.70 9.98
C HIS A 220 -14.49 11.32 8.87
N LEU A 221 -13.70 12.30 8.43
CA LEU A 221 -12.72 12.12 7.37
C LEU A 221 -11.36 11.83 7.99
N LEU A 222 -10.85 10.62 7.76
CA LEU A 222 -9.56 10.21 8.29
C LEU A 222 -8.46 10.47 7.26
N SER A 223 -8.25 11.76 6.99
CA SER A 223 -7.24 12.18 6.01
C SER A 223 -6.82 13.61 6.32
N GLY A 224 -5.53 13.80 6.56
CA GLY A 224 -4.96 15.11 6.78
C GLY A 224 -4.85 15.52 8.23
N LYS A 225 -5.70 14.98 9.10
CA LYS A 225 -5.66 15.29 10.52
C LYS A 225 -4.53 14.50 11.18
N GLN A 226 -4.44 14.58 12.51
CA GLN A 226 -3.38 13.91 13.26
C GLN A 226 -4.00 13.11 14.40
N ALA A 227 -3.52 11.88 14.57
CA ALA A 227 -4.02 10.98 15.59
C ALA A 227 -2.89 10.58 16.53
N LEU A 228 -3.27 10.15 17.73
CA LEU A 228 -2.32 9.66 18.73
C LEU A 228 -2.84 8.34 19.28
N VAL A 229 -2.05 7.28 19.11
CA VAL A 229 -2.38 5.96 19.62
C VAL A 229 -1.35 5.57 20.67
N ILE A 230 -1.78 4.87 21.71
CA ILE A 230 -0.96 4.57 22.87
C ILE A 230 -0.60 3.09 22.84
N GLY A 231 0.69 2.79 22.94
CA GLY A 231 1.16 1.43 22.96
C GLY A 231 1.41 0.89 21.56
N TYR A 232 2.34 -0.05 21.46
CA TYR A 232 2.66 -0.71 20.19
C TYR A 232 2.77 -2.22 20.40
N GLY A 233 1.80 -2.79 21.09
CA GLY A 233 1.67 -4.23 21.16
C GLY A 233 1.06 -4.78 19.90
N ASP A 234 0.54 -6.00 20.00
CA ASP A 234 -0.15 -6.59 18.86
C ASP A 234 -1.37 -5.76 18.47
N VAL A 235 -2.16 -5.34 19.46
CA VAL A 235 -3.34 -4.53 19.20
C VAL A 235 -2.94 -3.18 18.62
N GLY A 236 -1.89 -2.55 19.17
CA GLY A 236 -1.41 -1.31 18.62
C GLY A 236 -0.89 -1.46 17.20
N LYS A 237 -0.18 -2.57 16.94
CA LYS A 237 0.30 -2.84 15.60
C LYS A 237 -0.85 -2.97 14.61
N GLY A 238 -1.93 -3.64 15.02
CA GLY A 238 -3.10 -3.74 14.16
C GLY A 238 -3.85 -2.42 13.97
N SER A 239 -3.90 -1.59 15.02
CA SER A 239 -4.65 -0.35 14.96
C SER A 239 -3.94 0.72 14.14
N SER A 240 -2.61 0.77 14.24
CA SER A 240 -1.85 1.82 13.56
C SER A 240 -2.04 1.73 12.05
N GLN A 241 -2.04 0.52 11.49
CA GLN A 241 -2.25 0.36 10.05
C GLN A 241 -3.68 0.72 9.66
N SER A 242 -4.66 0.30 10.48
CA SER A 242 -6.05 0.62 10.18
C SER A 242 -6.29 2.12 10.14
N LEU A 243 -5.50 2.89 10.89
CA LEU A 243 -5.61 4.34 10.75
C LEU A 243 -4.72 4.92 9.65
N ARG A 244 -3.52 4.39 9.44
CA ARG A 244 -2.58 5.01 8.50
C ARG A 244 -2.94 4.70 7.05
N GLN A 245 -3.60 3.57 6.78
CA GLN A 245 -3.96 3.23 5.40
C GLN A 245 -4.99 4.18 4.81
N GLU A 246 -5.65 5.00 5.62
CA GLU A 246 -6.61 5.98 5.13
C GLU A 246 -6.04 7.38 4.99
N GLY A 247 -4.79 7.59 5.41
CA GLY A 247 -4.16 8.89 5.28
C GLY A 247 -4.05 9.70 6.55
N MET A 248 -4.27 9.11 7.72
CA MET A 248 -4.13 9.82 8.97
C MET A 248 -2.67 9.83 9.41
N ILE A 249 -2.16 11.01 9.77
CA ILE A 249 -0.80 11.14 10.28
C ILE A 249 -0.82 10.66 11.73
N VAL A 250 -0.33 9.44 11.94
CA VAL A 250 -0.44 8.76 13.24
C VAL A 250 0.82 8.99 14.06
N LYS A 251 0.64 9.09 15.37
CA LYS A 251 1.74 9.13 16.32
C LYS A 251 1.53 8.05 17.37
N VAL A 252 2.64 7.57 17.94
CA VAL A 252 2.62 6.43 18.84
C VAL A 252 3.32 6.80 20.15
N ALA A 253 2.79 6.31 21.26
CA ALA A 253 3.41 6.45 22.57
C ALA A 253 3.51 5.06 23.21
N GLU A 254 4.65 4.77 23.83
CA GLU A 254 4.92 3.41 24.28
C GLU A 254 5.99 3.46 25.37
N VAL A 255 5.82 2.60 26.39
CA VAL A 255 6.82 2.50 27.46
C VAL A 255 7.85 1.41 27.18
N ASP A 256 7.56 0.48 26.27
CA ASP A 256 8.47 -0.63 25.99
C ASP A 256 9.39 -0.25 24.83
N PRO A 257 10.71 -0.21 25.02
CA PRO A 257 11.59 0.21 23.91
C PRO A 257 11.52 -0.69 22.69
N ILE A 258 11.25 -1.98 22.85
CA ILE A 258 11.22 -2.89 21.70
C ILE A 258 10.02 -2.58 20.80
N CYS A 259 8.85 -2.37 21.42
CA CYS A 259 7.67 -1.99 20.65
C CYS A 259 7.88 -0.64 19.96
N ALA A 260 8.56 0.29 20.63
CA ALA A 260 8.89 1.55 19.99
C ALA A 260 9.84 1.35 18.82
N MET A 261 10.75 0.39 18.93
CA MET A 261 11.62 0.06 17.81
C MET A 261 10.82 -0.40 16.60
N GLN A 262 9.85 -1.28 16.84
CA GLN A 262 8.97 -1.69 15.73
C GLN A 262 8.13 -0.52 15.23
N ALA A 263 7.76 0.40 16.11
CA ALA A 263 6.98 1.56 15.69
C ALA A 263 7.79 2.46 14.74
N CYS A 264 9.07 2.66 15.04
CA CYS A 264 9.89 3.52 14.19
C CYS A 264 10.16 2.87 12.83
N MET A 265 10.16 1.55 12.76
CA MET A 265 10.46 0.87 11.50
C MET A 265 9.29 0.90 10.53
N ASP A 266 8.06 0.81 11.04
CA ASP A 266 6.89 0.80 10.17
C ASP A 266 6.60 2.16 9.56
N GLY A 267 7.30 3.21 9.96
CA GLY A 267 7.12 4.52 9.40
C GLY A 267 6.27 5.46 10.22
N PHE A 268 6.23 5.29 11.54
CA PHE A 268 5.43 6.13 12.42
C PHE A 268 6.32 7.07 13.21
N GLU A 269 5.68 8.01 13.90
CA GLU A 269 6.36 9.01 14.72
C GLU A 269 6.02 8.76 16.18
N VAL A 270 7.05 8.69 17.03
CA VAL A 270 6.89 8.38 18.43
C VAL A 270 7.08 9.65 19.25
N VAL A 271 6.14 9.93 20.15
CA VAL A 271 6.10 11.14 20.94
C VAL A 271 5.77 10.78 22.39
N SER A 272 5.77 11.79 23.26
CA SER A 272 5.44 11.61 24.68
C SER A 272 4.49 12.70 25.14
N PRO A 273 3.41 12.35 25.84
CA PRO A 273 2.53 13.38 26.40
C PRO A 273 3.19 14.25 27.45
N TYR A 274 4.22 13.74 28.13
CA TYR A 274 4.89 14.45 29.21
C TYR A 274 6.23 15.00 28.74
N LYS A 275 6.64 16.12 29.33
CA LYS A 275 7.95 16.68 29.06
C LYS A 275 9.04 15.68 29.45
N ASN A 276 9.76 15.17 28.45
CA ASN A 276 10.75 14.11 28.60
C ASN A 276 10.17 12.82 29.16
N GLY A 277 8.84 12.68 29.17
CA GLY A 277 8.19 11.47 29.62
C GLY A 277 8.09 11.32 31.12
N ILE A 278 8.53 12.30 31.90
CA ILE A 278 8.51 12.22 33.36
C ILE A 278 7.20 12.82 33.84
N ASN A 279 6.39 12.02 34.51
CA ASN A 279 5.03 12.39 34.92
C ASN A 279 5.07 12.80 36.40
N ASP A 280 5.16 14.09 36.66
CA ASP A 280 5.26 14.61 38.02
C ASP A 280 3.92 14.98 38.62
N GLY A 281 2.88 15.15 37.79
CA GLY A 281 1.57 15.52 38.24
C GLY A 281 1.30 17.02 38.22
N THR A 282 2.35 17.83 38.31
CA THR A 282 2.19 19.28 38.24
C THR A 282 1.88 19.71 36.81
N GLU A 283 1.24 20.88 36.69
CA GLU A 283 0.85 21.37 35.37
C GLU A 283 2.07 21.71 34.51
N ALA A 284 3.18 22.09 35.13
CA ALA A 284 4.39 22.42 34.39
C ALA A 284 5.10 21.19 33.82
N SER A 285 4.49 20.00 33.91
CA SER A 285 5.09 18.78 33.37
C SER A 285 4.47 18.34 32.05
N ILE A 286 3.27 18.84 31.73
CA ILE A 286 2.58 18.46 30.50
C ILE A 286 3.05 19.37 29.38
N ASP A 287 3.47 18.78 28.26
CA ASP A 287 3.81 19.56 27.07
C ASP A 287 2.52 19.91 26.35
N ALA A 288 1.92 21.04 26.73
CA ALA A 288 0.61 21.41 26.22
C ALA A 288 0.64 21.80 24.74
N ALA A 289 1.82 22.09 24.19
CA ALA A 289 1.90 22.52 22.80
C ALA A 289 1.45 21.41 21.85
N LEU A 290 1.91 20.18 22.09
CA LEU A 290 1.54 19.06 21.23
C LEU A 290 0.04 18.77 21.33
N LEU A 291 -0.50 18.78 22.55
CA LEU A 291 -1.88 18.35 22.76
C LEU A 291 -2.87 19.26 22.05
N GLY A 292 -2.53 20.52 21.86
CA GLY A 292 -3.37 21.43 21.10
C GLY A 292 -3.31 21.25 19.60
N LYS A 293 -2.33 20.49 19.10
CA LYS A 293 -2.20 20.22 17.68
C LYS A 293 -2.67 18.82 17.29
N ILE A 294 -3.02 17.98 18.27
CA ILE A 294 -3.42 16.60 18.01
C ILE A 294 -4.94 16.52 17.98
N ASP A 295 -5.46 15.76 17.01
CA ASP A 295 -6.89 15.70 16.75
C ASP A 295 -7.56 14.47 17.33
N LEU A 296 -6.79 13.46 17.75
CA LEU A 296 -7.37 12.20 18.22
C LEU A 296 -6.45 11.56 19.23
N ILE A 297 -7.05 10.94 20.25
CA ILE A 297 -6.34 10.07 21.18
C ILE A 297 -7.12 8.76 21.31
N VAL A 298 -6.41 7.64 21.17
CA VAL A 298 -7.00 6.31 21.31
C VAL A 298 -6.04 5.45 22.12
N THR A 299 -6.59 4.57 22.94
CA THR A 299 -5.81 3.74 23.86
C THR A 299 -5.93 2.28 23.46
N THR A 300 -4.79 1.58 23.39
CA THR A 300 -4.75 0.17 23.04
C THR A 300 -4.13 -0.71 24.11
N THR A 301 -3.54 -0.12 25.16
CA THR A 301 -2.82 -0.89 26.16
C THR A 301 -3.81 -1.53 27.14
N GLY A 302 -3.29 -2.02 28.27
CA GLY A 302 -4.14 -2.56 29.31
C GLY A 302 -3.76 -2.02 30.68
N ASN A 303 -3.02 -0.92 30.69
CA ASN A 303 -2.54 -0.32 31.93
C ASN A 303 -3.56 0.68 32.47
N VAL A 304 -3.33 1.12 33.70
CA VAL A 304 -4.27 1.98 34.43
C VAL A 304 -3.83 3.43 34.32
N ASN A 305 -4.79 4.33 34.15
CA ASN A 305 -4.56 5.78 34.15
C ASN A 305 -3.50 6.16 33.12
N VAL A 306 -3.61 5.59 31.93
CA VAL A 306 -2.69 5.95 30.86
C VAL A 306 -3.11 7.27 30.22
N CYS A 307 -4.41 7.58 30.25
CA CYS A 307 -4.93 8.86 29.80
C CYS A 307 -5.15 9.71 31.04
N ASP A 308 -4.14 10.52 31.39
CA ASP A 308 -4.17 11.28 32.63
C ASP A 308 -5.17 12.44 32.53
N ALA A 309 -5.63 12.87 33.71
CA ALA A 309 -6.60 13.96 33.78
C ALA A 309 -5.95 15.32 33.52
N ASN A 310 -4.66 15.45 33.82
CA ASN A 310 -3.99 16.73 33.61
C ASN A 310 -3.87 17.05 32.13
N MET A 311 -3.53 16.07 31.30
CA MET A 311 -3.51 16.27 29.86
C MET A 311 -4.88 16.12 29.23
N LEU A 312 -5.84 15.55 29.96
CA LEU A 312 -7.20 15.42 29.43
C LEU A 312 -7.85 16.77 29.25
N LYS A 313 -7.59 17.72 30.16
CA LYS A 313 -8.17 19.05 30.10
C LYS A 313 -7.33 20.02 29.27
N ALA A 314 -6.33 19.52 28.56
CA ALA A 314 -5.48 20.37 27.72
C ALA A 314 -5.44 19.89 26.27
N LEU A 315 -6.44 19.12 25.84
CA LEU A 315 -6.51 18.66 24.46
C LEU A 315 -7.02 19.76 23.54
N LYS A 316 -6.98 19.48 22.24
CA LYS A 316 -7.54 20.40 21.26
C LYS A 316 -9.06 20.35 21.34
N LYS A 317 -9.69 21.39 20.80
CA LYS A 317 -11.15 21.50 20.86
C LYS A 317 -11.79 20.43 19.98
N ARG A 318 -12.85 19.80 20.51
CA ARG A 318 -13.70 18.89 19.74
C ARG A 318 -12.94 17.64 19.30
N ALA A 319 -12.19 17.03 20.22
CA ALA A 319 -11.50 15.79 19.93
C ALA A 319 -12.38 14.58 20.24
N VAL A 320 -12.00 13.44 19.71
CA VAL A 320 -12.73 12.18 19.89
C VAL A 320 -11.93 11.29 20.83
N VAL A 321 -12.64 10.67 21.78
CA VAL A 321 -12.03 9.79 22.77
C VAL A 321 -12.48 8.37 22.49
N CYS A 322 -11.51 7.45 22.37
CA CYS A 322 -11.79 6.06 22.09
C CYS A 322 -10.97 5.16 23.01
N ASN A 323 -11.49 3.96 23.26
CA ASN A 323 -10.83 3.00 24.14
C ASN A 323 -11.25 1.60 23.75
N ILE A 324 -10.26 0.70 23.63
CA ILE A 324 -10.50 -0.69 23.27
C ILE A 324 -9.77 -1.67 24.18
N GLY A 325 -8.96 -1.18 25.12
CA GLY A 325 -8.04 -2.02 25.84
C GLY A 325 -8.60 -2.88 26.95
N HIS A 326 -9.91 -3.13 26.95
CA HIS A 326 -10.60 -4.04 27.86
C HIS A 326 -10.60 -3.52 29.29
N PHE A 327 -9.98 -2.39 29.57
CA PHE A 327 -9.91 -1.83 30.91
C PHE A 327 -10.55 -0.45 30.92
N ASP A 328 -11.47 -0.23 31.87
CA ASP A 328 -12.19 1.02 32.00
C ASP A 328 -11.44 2.07 32.81
N ASN A 329 -10.26 1.74 33.34
CA ASN A 329 -9.49 2.65 34.17
C ASN A 329 -8.39 3.37 33.39
N GLU A 330 -8.35 3.21 32.07
CA GLU A 330 -7.31 3.85 31.27
C GLU A 330 -7.51 5.36 31.22
N ILE A 331 -8.73 5.81 30.95
CA ILE A 331 -9.06 7.22 30.87
C ILE A 331 -9.68 7.64 32.20
N ASP A 332 -9.24 8.77 32.73
CA ASP A 332 -9.71 9.26 34.02
C ASP A 332 -11.13 9.78 33.87
N THR A 333 -12.08 8.84 33.84
CA THR A 333 -13.48 9.20 33.69
C THR A 333 -14.07 9.79 34.96
N ALA A 334 -13.49 9.50 36.13
CA ALA A 334 -14.05 10.02 37.37
C ALA A 334 -13.81 11.52 37.50
N PHE A 335 -12.59 11.98 37.24
CA PHE A 335 -12.28 13.41 37.22
C PHE A 335 -13.15 14.11 36.18
N MET A 336 -13.28 13.49 35.01
CA MET A 336 -14.11 14.02 33.94
C MET A 336 -15.57 14.16 34.34
N ARG A 337 -16.11 13.17 35.07
CA ARG A 337 -17.50 13.24 35.49
C ARG A 337 -17.71 14.26 36.60
N LYS A 338 -16.77 14.36 37.53
CA LYS A 338 -16.94 15.31 38.63
C LYS A 338 -16.69 16.74 38.19
N ASN A 339 -15.98 16.97 37.08
CA ASN A 339 -15.69 18.32 36.64
C ASN A 339 -16.45 18.75 35.39
N TRP A 340 -16.88 17.81 34.56
CA TRP A 340 -17.52 18.13 33.29
C TRP A 340 -18.85 17.41 33.19
N ALA A 341 -19.76 17.99 32.40
CA ALA A 341 -21.12 17.48 32.25
C ALA A 341 -21.29 16.74 30.92
N TRP A 342 -22.20 15.77 30.93
CA TRP A 342 -22.48 14.95 29.75
C TRP A 342 -23.83 15.34 29.15
N GLU A 343 -23.99 14.98 27.88
CA GLU A 343 -25.27 15.05 27.18
C GLU A 343 -25.57 13.68 26.58
N GLU A 344 -26.73 13.13 26.90
CA GLU A 344 -27.12 11.79 26.44
C GLU A 344 -27.92 11.93 25.15
N VAL A 345 -27.21 11.92 24.02
CA VAL A 345 -27.90 11.94 22.74
C VAL A 345 -28.63 10.62 22.50
N LYS A 346 -28.02 9.51 22.91
CA LYS A 346 -28.64 8.19 22.82
C LYS A 346 -27.86 7.24 23.71
N PRO A 347 -28.43 6.09 24.07
CA PRO A 347 -27.69 5.13 24.91
C PRO A 347 -26.50 4.48 24.21
N GLN A 348 -26.23 4.82 22.94
CA GLN A 348 -25.09 4.27 22.22
C GLN A 348 -23.98 5.27 21.94
N VAL A 349 -24.29 6.56 21.91
CA VAL A 349 -23.30 7.61 21.72
C VAL A 349 -23.51 8.64 22.82
N HIS A 350 -22.41 9.14 23.38
CA HIS A 350 -22.47 10.15 24.43
C HIS A 350 -21.62 11.36 24.06
N LYS A 351 -22.19 12.54 24.23
CA LYS A 351 -21.48 13.80 24.05
C LYS A 351 -21.18 14.41 25.41
N ILE A 352 -20.05 15.10 25.50
CA ILE A 352 -19.62 15.76 26.73
C ILE A 352 -19.21 17.18 26.42
N HIS A 353 -19.55 18.11 27.33
CA HIS A 353 -19.27 19.53 27.15
C HIS A 353 -18.35 20.00 28.27
N ARG A 354 -17.33 20.78 27.90
CA ARG A 354 -16.33 21.28 28.82
C ARG A 354 -16.66 22.67 29.37
N THR A 355 -17.79 23.26 28.95
CA THR A 355 -18.15 24.58 29.44
C THR A 355 -18.38 24.59 30.94
N GLY A 356 -19.07 23.56 31.46
CA GLY A 356 -19.32 23.49 32.88
C GLY A 356 -20.25 22.33 33.18
N LYS A 357 -20.70 22.29 34.43
CA LYS A 357 -21.61 21.24 34.87
C LYS A 357 -23.00 21.37 34.25
N ASP A 358 -23.33 22.54 33.70
CA ASP A 358 -24.60 22.78 33.04
C ASP A 358 -24.56 24.19 32.46
N GLY A 359 -25.52 24.47 31.58
CA GLY A 359 -25.73 25.82 31.09
C GLY A 359 -25.25 26.13 29.70
N PHE A 360 -25.13 25.13 28.82
CA PHE A 360 -24.81 25.41 27.42
C PHE A 360 -25.99 26.13 26.76
N ASP A 361 -25.69 27.14 25.94
CA ASP A 361 -26.76 27.96 25.41
C ASP A 361 -27.54 27.22 24.33
N ALA A 362 -26.92 26.99 23.19
CA ALA A 362 -27.43 26.04 22.20
C ALA A 362 -26.35 25.12 21.66
N HIS A 363 -25.14 25.65 21.43
CA HIS A 363 -24.02 24.87 20.90
C HIS A 363 -22.77 25.71 21.11
N ASN A 364 -21.79 25.15 21.83
CA ASN A 364 -20.58 25.87 22.18
C ASN A 364 -19.37 25.18 21.56
N ASP A 365 -18.20 25.75 21.82
CA ASP A 365 -16.94 25.25 21.26
C ASP A 365 -16.27 24.21 22.16
N ASP A 366 -16.40 24.38 23.47
CA ASP A 366 -15.68 23.55 24.46
C ASP A 366 -16.47 22.28 24.72
N TYR A 367 -16.22 21.24 23.91
CA TYR A 367 -16.85 19.96 24.19
C TYR A 367 -16.09 18.85 23.48
N LEU A 368 -16.34 17.61 23.92
CA LEU A 368 -15.72 16.42 23.35
C LEU A 368 -16.80 15.39 23.01
N ILE A 369 -16.40 14.16 22.69
CA ILE A 369 -17.34 13.11 22.32
C ILE A 369 -16.77 11.76 22.72
N LEU A 370 -17.66 10.83 23.08
CA LEU A 370 -17.30 9.48 23.50
C LEU A 370 -18.02 8.47 22.61
N LEU A 371 -17.37 7.33 22.37
CA LEU A 371 -17.90 6.33 21.41
C LEU A 371 -19.20 5.70 21.91
N ALA A 372 -19.11 4.70 22.79
CA ALA A 372 -20.29 3.98 23.26
C ALA A 372 -20.51 4.18 24.76
N GLU A 373 -19.53 3.83 25.58
CA GLU A 373 -19.57 4.12 27.00
C GLU A 373 -18.19 4.45 27.54
N GLY A 374 -17.17 4.42 26.69
CA GLY A 374 -15.79 4.56 27.11
C GLY A 374 -15.14 3.26 27.51
N ARG A 375 -15.92 2.23 27.79
CA ARG A 375 -15.38 0.96 28.29
C ARG A 375 -15.00 0.01 27.15
N LEU A 376 -15.97 -0.39 26.34
CA LEU A 376 -15.74 -1.41 25.32
C LEU A 376 -16.51 -1.09 24.06
N VAL A 377 -15.99 -1.58 22.93
CA VAL A 377 -16.72 -1.53 21.67
C VAL A 377 -17.82 -2.58 21.63
N ASN A 378 -17.69 -3.64 22.41
CA ASN A 378 -18.60 -4.78 22.39
C ASN A 378 -19.91 -4.53 23.13
N LEU A 379 -20.23 -3.27 23.42
CA LEU A 379 -21.48 -2.95 24.11
C LEU A 379 -22.71 -3.16 23.23
N GLY A 380 -22.53 -3.40 21.93
CA GLY A 380 -23.64 -3.63 21.05
C GLY A 380 -23.46 -3.09 19.64
N ASN A 381 -22.44 -2.26 19.44
CA ASN A 381 -22.14 -1.78 18.09
C ASN A 381 -21.69 -2.92 17.18
N ALA A 382 -20.82 -3.79 17.69
CA ALA A 382 -20.34 -4.93 16.93
C ALA A 382 -19.84 -5.99 17.91
N THR A 383 -19.93 -7.25 17.49
CA THR A 383 -19.53 -8.38 18.32
C THR A 383 -18.39 -9.13 17.65
N GLY A 384 -17.25 -9.18 18.33
CA GLY A 384 -16.14 -10.02 17.88
C GLY A 384 -15.65 -9.66 16.50
N HIS A 385 -15.46 -10.69 15.67
CA HIS A 385 -14.85 -10.59 14.37
C HIS A 385 -15.65 -11.45 13.39
N PRO A 386 -15.49 -11.25 12.08
CA PRO A 386 -16.18 -12.11 11.12
C PRO A 386 -15.79 -13.57 11.30
N SER A 387 -16.70 -14.45 10.89
CA SER A 387 -16.59 -15.88 11.21
C SER A 387 -15.29 -16.48 10.70
N ARG A 388 -14.72 -15.94 9.63
CA ARG A 388 -13.47 -16.47 9.11
C ARG A 388 -12.33 -16.27 10.09
N ILE A 389 -12.36 -15.18 10.86
CA ILE A 389 -11.33 -14.97 11.89
C ILE A 389 -11.50 -15.95 13.03
N MET A 390 -12.74 -16.17 13.46
CA MET A 390 -13.04 -17.04 14.61
C MET A 390 -13.13 -18.51 14.22
N ASP A 391 -12.82 -18.85 12.97
CA ASP A 391 -12.85 -20.26 12.56
C ASP A 391 -11.82 -21.08 13.35
N GLY A 392 -10.63 -20.52 13.56
CA GLY A 392 -9.60 -21.26 14.26
C GLY A 392 -9.82 -21.36 15.75
N SER A 393 -10.59 -20.44 16.33
CA SER A 393 -10.78 -20.44 17.78
C SER A 393 -11.48 -21.71 18.26
N PHE A 394 -12.54 -22.12 17.57
CA PHE A 394 -13.24 -23.35 17.91
C PHE A 394 -12.60 -24.58 17.28
N ALA A 395 -11.70 -24.40 16.31
CA ALA A 395 -11.09 -25.54 15.64
C ALA A 395 -10.01 -26.19 16.51
N ASN A 396 -9.26 -25.39 17.27
CA ASN A 396 -8.18 -25.93 18.09
C ASN A 396 -8.72 -26.78 19.24
N GLN A 397 -9.81 -26.33 19.87
CA GLN A 397 -10.31 -27.03 21.05
C GLN A 397 -10.92 -28.37 20.70
N VAL A 398 -11.56 -28.49 19.53
CA VAL A 398 -12.13 -29.78 19.15
C VAL A 398 -11.01 -30.78 18.85
N LEU A 399 -9.89 -30.32 18.30
CA LEU A 399 -8.75 -31.22 18.12
C LEU A 399 -8.08 -31.55 19.45
N ALA A 400 -8.08 -30.62 20.40
CA ALA A 400 -7.63 -30.94 21.74
C ALA A 400 -8.49 -32.03 22.36
N GLN A 401 -9.80 -31.97 22.15
CA GLN A 401 -10.69 -32.99 22.67
C GLN A 401 -10.47 -34.33 21.96
N ILE A 402 -10.32 -34.30 20.63
CA ILE A 402 -10.15 -35.56 19.90
C ILE A 402 -8.84 -36.23 20.28
N HIS A 403 -7.80 -35.45 20.58
CA HIS A 403 -6.52 -36.03 20.98
C HIS A 403 -6.64 -36.77 22.31
N LEU A 404 -7.37 -36.19 23.27
CA LEU A 404 -7.44 -36.80 24.60
C LEU A 404 -8.22 -38.12 24.59
N PHE A 405 -9.26 -38.21 23.76
CA PHE A 405 -10.11 -39.40 23.76
C PHE A 405 -9.51 -40.55 22.96
N GLU A 406 -8.47 -40.29 22.16
CA GLU A 406 -7.84 -41.36 21.39
C GLU A 406 -7.25 -42.45 22.29
N GLN A 407 -6.74 -42.07 23.46
CA GLN A 407 -6.16 -43.02 24.39
C GLN A 407 -6.95 -43.02 25.69
N LYS A 408 -7.10 -44.21 26.28
CA LYS A 408 -7.86 -44.38 27.51
C LYS A 408 -6.96 -44.16 28.71
N TYR A 409 -7.40 -43.29 29.63
CA TYR A 409 -6.57 -42.92 30.76
C TYR A 409 -6.40 -44.10 31.73
N ALA A 410 -7.45 -44.91 31.90
CA ALA A 410 -7.39 -46.01 32.86
C ALA A 410 -6.51 -47.16 32.37
N ASP A 411 -6.22 -47.23 31.08
CA ASP A 411 -5.40 -48.31 30.55
C ASP A 411 -3.90 -48.07 30.68
N LEU A 412 -3.48 -46.83 30.91
CA LEU A 412 -2.07 -46.55 31.07
C LEU A 412 -1.65 -46.83 32.51
N PRO A 413 -0.72 -47.75 32.76
CA PRO A 413 -0.28 -48.01 34.13
C PRO A 413 0.37 -46.79 34.76
N ALA A 414 0.22 -46.68 36.07
CA ALA A 414 0.72 -45.54 36.83
C ALA A 414 2.20 -45.64 37.16
N ALA A 415 2.82 -46.80 36.93
CA ALA A 415 4.23 -46.98 37.30
C ALA A 415 5.13 -46.15 36.40
N GLU A 416 5.13 -46.44 35.10
CA GLU A 416 6.02 -45.72 34.18
C GLU A 416 5.64 -44.26 34.03
N LYS A 417 4.39 -43.90 34.33
CA LYS A 417 4.01 -42.49 34.34
C LYS A 417 4.83 -41.71 35.36
N ALA A 418 4.96 -42.24 36.57
CA ALA A 418 5.80 -41.62 37.58
C ALA A 418 7.28 -41.76 37.26
N LYS A 419 7.65 -42.74 36.43
CA LYS A 419 9.03 -42.90 36.02
C LYS A 419 9.46 -41.84 35.00
N ARG A 420 8.52 -41.27 34.26
CA ARG A 420 8.80 -40.23 33.28
C ARG A 420 7.68 -39.18 33.34
N LEU A 421 7.98 -38.04 33.98
CA LEU A 421 7.01 -36.99 34.22
C LEU A 421 7.52 -35.69 33.61
N SER A 422 6.66 -35.04 32.81
CA SER A 422 7.01 -33.77 32.21
C SER A 422 5.73 -33.05 31.82
N VAL A 423 5.83 -31.73 31.69
CA VAL A 423 4.72 -30.88 31.27
C VAL A 423 5.07 -30.30 29.90
N GLU A 424 4.17 -30.50 28.94
CA GLU A 424 4.41 -30.10 27.55
C GLU A 424 3.26 -29.25 27.04
N VAL A 425 3.60 -28.23 26.26
CA VAL A 425 2.62 -27.38 25.61
C VAL A 425 1.99 -28.15 24.45
N LEU A 426 0.94 -27.59 23.86
CA LEU A 426 0.29 -28.24 22.74
C LEU A 426 1.28 -28.48 21.61
N PRO A 427 1.34 -29.69 21.06
CA PRO A 427 2.27 -29.95 19.94
C PRO A 427 1.93 -29.10 18.74
N LYS A 428 2.97 -28.68 18.01
CA LYS A 428 2.79 -27.89 16.80
C LYS A 428 2.05 -28.66 15.73
N LYS A 429 2.07 -29.99 15.79
CA LYS A 429 1.45 -30.81 14.74
C LYS A 429 -0.06 -30.57 14.67
N LEU A 430 -0.72 -30.42 15.82
CA LEU A 430 -2.16 -30.23 15.82
C LEU A 430 -2.55 -28.88 15.23
N ASP A 431 -1.72 -27.86 15.40
CA ASP A 431 -2.05 -26.53 14.89
C ASP A 431 -1.89 -26.45 13.38
N GLU A 432 -0.88 -27.14 12.82
CA GLU A 432 -0.68 -27.10 11.37
C GLU A 432 -1.85 -27.73 10.64
N GLU A 433 -2.43 -28.79 11.20
CA GLU A 433 -3.59 -29.42 10.58
C GLU A 433 -4.80 -28.50 10.55
N VAL A 434 -4.83 -27.48 11.41
CA VAL A 434 -5.91 -26.49 11.37
C VAL A 434 -5.76 -25.60 10.15
N ALA A 435 -4.56 -25.08 9.92
CA ALA A 435 -4.35 -24.10 8.85
C ALA A 435 -4.41 -24.73 7.46
N LEU A 436 -4.20 -26.04 7.35
CA LEU A 436 -4.21 -26.68 6.04
C LEU A 436 -5.59 -26.57 5.39
N GLU A 437 -6.64 -26.85 6.16
CA GLU A 437 -8.00 -26.72 5.63
C GLU A 437 -8.37 -25.27 5.40
N MET A 438 -7.83 -24.37 6.22
CA MET A 438 -8.22 -22.96 6.14
C MET A 438 -7.56 -22.27 4.96
N VAL A 439 -6.31 -22.65 4.64
CA VAL A 439 -5.68 -22.17 3.41
C VAL A 439 -6.34 -22.79 2.19
N LYS A 440 -6.69 -24.08 2.28
CA LYS A 440 -7.40 -24.74 1.20
C LYS A 440 -8.76 -24.11 0.93
N GLY A 441 -9.35 -23.46 1.94
CA GLY A 441 -10.62 -22.79 1.73
C GLY A 441 -10.53 -21.61 0.77
N PHE A 442 -9.47 -20.81 0.88
CA PHE A 442 -9.30 -19.67 -0.01
C PHE A 442 -8.96 -20.08 -1.44
N GLY A 443 -8.66 -21.35 -1.69
CA GLY A 443 -8.31 -21.81 -3.01
C GLY A 443 -6.84 -22.06 -3.24
N GLY A 444 -6.01 -21.97 -2.20
CA GLY A 444 -4.60 -22.24 -2.34
C GLY A 444 -4.27 -23.71 -2.30
N VAL A 445 -2.98 -24.01 -2.42
CA VAL A 445 -2.49 -25.37 -2.43
C VAL A 445 -1.08 -25.39 -1.83
N VAL A 446 -0.82 -26.40 -1.02
CA VAL A 446 0.43 -26.51 -0.27
C VAL A 446 1.23 -27.67 -0.84
N THR A 447 2.51 -27.43 -1.13
CA THR A 447 3.36 -28.42 -1.77
C THR A 447 3.82 -29.46 -0.77
N GLN A 448 3.84 -30.73 -1.20
CA GLN A 448 4.38 -31.82 -0.40
C GLN A 448 5.87 -31.96 -0.66
N LEU A 449 6.62 -32.29 0.40
CA LEU A 449 8.05 -32.46 0.29
C LEU A 449 8.40 -33.80 -0.35
N THR A 450 9.66 -33.94 -0.74
CA THR A 450 10.19 -35.20 -1.25
C THR A 450 11.08 -35.85 -0.20
N PRO A 451 11.18 -37.19 -0.20
CA PRO A 451 11.99 -37.85 0.84
C PRO A 451 13.43 -37.39 0.87
N LYS A 452 14.04 -37.16 -0.30
CA LYS A 452 15.42 -36.67 -0.33
C LYS A 452 15.53 -35.26 0.22
N GLN A 453 14.57 -34.40 -0.12
CA GLN A 453 14.64 -33.00 0.28
C GLN A 453 14.43 -32.84 1.79
N ALA A 454 13.51 -33.61 2.36
CA ALA A 454 13.13 -33.41 3.75
C ALA A 454 14.23 -33.79 4.73
N GLU A 455 15.24 -34.54 4.30
CA GLU A 455 16.31 -34.95 5.20
C GLU A 455 17.36 -33.85 5.39
N TYR A 456 17.37 -32.82 4.55
CA TYR A 456 18.31 -31.72 4.73
C TYR A 456 17.94 -30.89 5.96
N ILE A 457 16.64 -30.70 6.21
CA ILE A 457 16.20 -29.89 7.33
C ILE A 457 15.96 -30.70 8.60
N GLY A 458 15.93 -32.02 8.50
CA GLY A 458 15.81 -32.86 9.67
C GLY A 458 14.40 -33.12 10.17
N VAL A 459 13.40 -32.91 9.34
CA VAL A 459 12.01 -33.16 9.70
C VAL A 459 11.36 -33.99 8.61
N SER A 460 10.50 -34.92 9.01
CA SER A 460 9.82 -35.81 8.07
C SER A 460 8.86 -35.02 7.18
N VAL A 461 8.20 -35.75 6.27
CA VAL A 461 7.30 -35.12 5.32
C VAL A 461 6.09 -34.49 6.01
N GLU A 462 5.73 -34.99 7.19
CA GLU A 462 4.55 -34.51 7.89
C GLU A 462 4.85 -33.90 9.26
N GLY A 463 6.06 -34.04 9.77
CA GLY A 463 6.37 -33.61 11.12
C GLY A 463 6.40 -32.11 11.29
N PRO A 464 6.43 -31.65 12.54
CA PRO A 464 6.49 -30.20 12.80
C PRO A 464 7.76 -29.59 12.20
N PHE A 465 7.56 -28.56 11.39
CA PHE A 465 8.64 -27.96 10.61
C PHE A 465 9.42 -26.91 11.39
N LYS A 466 8.98 -26.53 12.59
CA LYS A 466 9.62 -25.47 13.34
C LYS A 466 9.88 -25.91 14.77
N PRO A 467 10.97 -25.46 15.37
CA PRO A 467 11.18 -25.68 16.80
C PRO A 467 10.22 -24.82 17.62
N ASP A 468 10.19 -25.09 18.93
CA ASP A 468 9.31 -24.34 19.83
C ASP A 468 9.84 -22.96 20.15
N THR A 469 11.13 -22.70 19.92
CA THR A 469 11.69 -21.37 20.15
C THR A 469 11.31 -20.40 19.04
N TYR A 470 11.09 -20.90 17.82
CA TYR A 470 10.82 -20.05 16.68
C TYR A 470 9.57 -19.20 16.91
N ARG A 471 9.68 -17.91 16.61
CA ARG A 471 8.58 -16.96 16.80
C ARG A 471 8.01 -16.61 15.43
N TYR A 472 6.76 -16.97 15.20
CA TYR A 472 6.10 -16.66 13.94
C TYR A 472 5.83 -15.16 13.82
N ASP B 20 -43.63 7.20 13.15
CA ASP B 20 -42.77 7.74 14.20
C ASP B 20 -41.89 8.85 13.65
N ILE B 21 -42.51 10.00 13.34
CA ILE B 21 -41.78 11.15 12.83
C ILE B 21 -40.80 11.69 13.86
N THR B 22 -41.00 11.37 15.14
CA THR B 22 -40.30 12.00 16.24
C THR B 22 -38.78 11.78 16.21
N LEU B 23 -38.28 11.02 15.24
CA LEU B 23 -36.84 10.93 15.04
C LEU B 23 -36.25 12.22 14.49
N ALA B 24 -37.08 13.18 14.09
CA ALA B 24 -36.58 14.45 13.57
C ALA B 24 -35.78 15.21 14.62
N ALA B 25 -36.10 15.03 15.90
CA ALA B 25 -35.28 15.65 16.94
C ALA B 25 -33.86 15.08 16.92
N TRP B 26 -33.74 13.76 16.84
CA TRP B 26 -32.42 13.14 16.71
C TRP B 26 -31.73 13.59 15.43
N GLY B 27 -32.49 13.72 14.34
CA GLY B 27 -31.90 14.18 13.09
C GLY B 27 -31.32 15.59 13.19
N ARG B 28 -32.07 16.50 13.81
CA ARG B 28 -31.57 17.85 14.01
C ARG B 28 -30.36 17.86 14.94
N ARG B 29 -30.38 17.03 15.99
CA ARG B 29 -29.26 16.98 16.91
C ARG B 29 -28.00 16.45 16.21
N GLU B 30 -28.15 15.46 15.33
CA GLU B 30 -27.02 14.99 14.54
C GLU B 30 -26.55 16.05 13.55
N LEU B 31 -27.50 16.77 12.94
CA LEU B 31 -27.15 17.77 11.94
C LEU B 31 -26.41 18.96 12.55
N ILE B 32 -26.74 19.32 13.79
CA ILE B 32 -26.23 20.56 14.37
C ILE B 32 -24.75 20.49 14.73
N ILE B 33 -24.11 19.32 14.62
CA ILE B 33 -22.70 19.17 14.99
C ILE B 33 -21.81 18.97 13.78
N ALA B 34 -22.32 19.21 12.57
CA ALA B 34 -21.52 19.07 11.35
C ALA B 34 -21.12 20.41 10.75
N GLU B 35 -21.22 21.49 11.52
CA GLU B 35 -20.93 22.81 10.99
C GLU B 35 -19.44 23.05 10.81
N SER B 36 -18.61 22.45 11.65
CA SER B 36 -17.18 22.70 11.64
C SER B 36 -16.44 21.91 10.56
N GLU B 37 -17.13 21.00 9.86
CA GLU B 37 -16.52 20.25 8.78
C GLU B 37 -16.64 20.94 7.43
N MET B 38 -17.37 22.04 7.34
CA MET B 38 -17.63 22.74 6.09
C MET B 38 -17.25 24.21 6.23
N PRO B 39 -15.95 24.51 6.24
CA PRO B 39 -15.54 25.93 6.39
C PRO B 39 -15.97 26.82 5.24
N ALA B 40 -15.89 26.34 3.99
CA ALA B 40 -16.25 27.18 2.86
C ALA B 40 -17.74 27.51 2.85
N LEU B 41 -18.59 26.53 3.17
CA LEU B 41 -20.01 26.77 3.20
C LEU B 41 -20.38 27.76 4.30
N MET B 42 -19.66 27.73 5.43
CA MET B 42 -19.85 28.73 6.47
C MET B 42 -19.41 30.11 6.01
N GLY B 43 -18.23 30.18 5.38
CA GLY B 43 -17.74 31.44 4.85
C GLY B 43 -18.63 32.04 3.79
N LEU B 44 -19.43 31.20 3.13
CA LEU B 44 -20.45 31.75 2.23
C LEU B 44 -21.44 32.63 2.99
N ARG B 45 -21.87 32.19 4.18
CA ARG B 45 -22.71 33.05 5.01
C ARG B 45 -21.91 34.22 5.58
N ARG B 46 -20.66 33.98 5.96
CA ARG B 46 -19.81 35.06 6.46
C ARG B 46 -19.41 36.06 5.39
N LYS B 47 -19.92 35.94 4.18
CA LYS B 47 -19.60 36.85 3.09
C LYS B 47 -20.84 37.45 2.42
N TYR B 48 -21.93 36.68 2.29
CA TYR B 48 -23.09 37.11 1.52
C TYR B 48 -24.36 37.21 2.35
N ALA B 49 -24.26 37.19 3.68
CA ALA B 49 -25.45 37.35 4.50
C ALA B 49 -25.98 38.79 4.46
N GLY B 50 -25.10 39.75 4.19
CA GLY B 50 -25.47 41.15 4.16
C GLY B 50 -26.02 41.66 2.84
N GLN B 51 -26.21 40.79 1.86
CA GLN B 51 -26.74 41.20 0.56
C GLN B 51 -28.10 40.57 0.23
N GLN B 52 -28.40 39.38 0.75
CA GLN B 52 -29.63 38.65 0.46
C GLN B 52 -29.83 38.51 -1.05
N PRO B 53 -29.04 37.66 -1.71
CA PRO B 53 -29.11 37.62 -3.18
C PRO B 53 -30.36 36.95 -3.73
N LEU B 54 -30.81 35.85 -3.12
CA LEU B 54 -31.96 35.13 -3.67
C LEU B 54 -33.25 35.92 -3.54
N LYS B 55 -33.38 36.69 -2.45
CA LYS B 55 -34.58 37.49 -2.13
C LYS B 55 -35.87 36.74 -2.46
N GLY B 56 -36.00 35.56 -1.85
CA GLY B 56 -37.22 34.79 -2.02
C GLY B 56 -37.40 34.16 -3.37
N ALA B 57 -36.32 33.92 -4.11
CA ALA B 57 -36.42 33.20 -5.37
C ALA B 57 -36.86 31.76 -5.13
N LYS B 58 -37.54 31.19 -6.11
CA LYS B 58 -38.12 29.86 -5.97
C LYS B 58 -37.19 28.83 -6.62
N ILE B 59 -36.71 27.89 -5.81
CA ILE B 59 -35.73 26.90 -6.24
C ILE B 59 -36.38 25.53 -6.12
N LEU B 60 -36.46 24.80 -7.23
CA LEU B 60 -36.93 23.42 -7.22
C LEU B 60 -35.77 22.51 -7.54
N GLY B 61 -35.79 21.30 -7.01
CA GLY B 61 -34.68 20.40 -7.22
C GLY B 61 -35.05 18.93 -7.04
N CYS B 62 -34.05 18.09 -7.32
CA CYS B 62 -34.16 16.65 -7.17
C CYS B 62 -32.75 16.06 -7.03
N ILE B 63 -32.55 15.37 -5.90
CA ILE B 63 -31.25 14.71 -5.59
C ILE B 63 -31.57 13.76 -4.45
N HIS B 64 -30.89 12.64 -4.37
CA HIS B 64 -31.02 11.82 -3.17
C HIS B 64 -30.58 12.63 -1.95
N MET B 65 -31.49 12.80 -0.99
CA MET B 65 -31.24 13.69 0.13
C MET B 65 -30.54 12.96 1.27
N THR B 66 -29.74 13.71 2.03
CA THR B 66 -29.06 13.22 3.21
C THR B 66 -29.06 14.31 4.27
N ILE B 67 -28.28 14.09 5.33
CA ILE B 67 -28.00 15.16 6.29
C ILE B 67 -27.19 16.27 5.63
N GLN B 68 -26.22 15.91 4.78
CA GLN B 68 -25.35 16.99 4.24
C GLN B 68 -26.14 17.75 3.13
N THR B 69 -27.09 17.12 2.43
CA THR B 69 -27.99 17.90 1.59
C THR B 69 -29.02 18.65 2.42
N GLY B 70 -29.38 18.11 3.59
CA GLY B 70 -30.21 18.86 4.51
C GLY B 70 -29.56 20.15 4.96
N VAL B 71 -28.24 20.14 5.09
CA VAL B 71 -27.51 21.38 5.42
C VAL B 71 -27.74 22.42 4.32
N LEU B 72 -27.64 22.01 3.06
CA LEU B 72 -27.89 22.93 1.96
C LEU B 72 -29.33 23.42 1.97
N ILE B 73 -30.27 22.52 2.25
CA ILE B 73 -31.69 22.90 2.25
C ILE B 73 -31.96 23.93 3.35
N GLU B 74 -31.44 23.68 4.56
CA GLU B 74 -31.66 24.64 5.65
C GLU B 74 -30.93 25.95 5.39
N THR B 75 -29.77 25.90 4.73
CA THR B 75 -29.11 27.14 4.34
C THR B 75 -29.96 27.94 3.37
N LEU B 76 -30.55 27.27 2.38
CA LEU B 76 -31.41 27.96 1.43
C LEU B 76 -32.63 28.56 2.12
N VAL B 77 -33.24 27.83 3.05
CA VAL B 77 -34.38 28.38 3.79
C VAL B 77 -33.96 29.58 4.63
N ALA B 78 -32.80 29.48 5.29
CA ALA B 78 -32.30 30.59 6.08
C ALA B 78 -31.90 31.79 5.22
N LEU B 79 -31.68 31.58 3.92
CA LEU B 79 -31.42 32.68 3.01
C LEU B 79 -32.70 33.40 2.57
N GLY B 80 -33.86 32.90 2.98
CA GLY B 80 -35.12 33.59 2.77
C GLY B 80 -36.07 32.91 1.81
N ALA B 81 -35.66 31.85 1.14
CA ALA B 81 -36.48 31.20 0.12
C ALA B 81 -37.24 30.02 0.68
N GLU B 82 -38.16 29.50 -0.13
CA GLU B 82 -38.95 28.31 0.19
C GLU B 82 -38.88 27.35 -0.98
N VAL B 83 -38.67 26.07 -0.68
CA VAL B 83 -38.46 25.05 -1.71
C VAL B 83 -39.35 23.85 -1.43
N ARG B 84 -39.59 23.07 -2.48
CA ARG B 84 -40.17 21.73 -2.40
C ARG B 84 -39.15 20.75 -2.94
N TRP B 85 -39.15 19.53 -2.39
CA TRP B 85 -38.04 18.64 -2.71
C TRP B 85 -38.58 17.21 -2.79
N SER B 86 -38.08 16.43 -3.76
CA SER B 86 -38.49 15.05 -3.92
C SER B 86 -37.27 14.14 -3.96
N SER B 87 -37.50 12.85 -3.76
CA SER B 87 -36.44 11.86 -3.75
C SER B 87 -36.07 11.43 -5.17
N CYS B 88 -34.86 10.89 -5.30
CA CYS B 88 -34.36 10.39 -6.57
C CYS B 88 -34.22 8.88 -6.61
N ASN B 89 -33.88 8.25 -5.49
CA ASN B 89 -33.67 6.81 -5.42
C ASN B 89 -34.58 6.21 -4.35
N ILE B 90 -34.95 4.94 -4.55
CA ILE B 90 -35.87 4.27 -3.64
C ILE B 90 -35.23 4.10 -2.27
N PHE B 91 -33.97 3.68 -2.23
CA PHE B 91 -33.34 3.29 -0.97
C PHE B 91 -32.83 4.47 -0.15
N SER B 92 -32.64 5.64 -0.76
CA SER B 92 -31.99 6.77 -0.12
C SER B 92 -32.98 7.75 0.52
N THR B 93 -34.12 7.25 1.00
CA THR B 93 -35.10 8.13 1.61
C THR B 93 -34.57 8.78 2.88
N GLN B 94 -33.94 7.98 3.75
CA GLN B 94 -33.44 8.44 5.04
C GLN B 94 -34.54 9.17 5.81
N ASP B 95 -35.57 8.39 6.17
CA ASP B 95 -36.74 8.94 6.83
C ASP B 95 -36.37 9.75 8.06
N GLN B 96 -35.45 9.22 8.88
CA GLN B 96 -35.02 9.95 10.08
C GLN B 96 -34.31 11.25 9.71
N ALA B 97 -33.49 11.21 8.66
CA ALA B 97 -32.77 12.42 8.24
C ALA B 97 -33.68 13.40 7.50
N ALA B 98 -34.62 12.89 6.71
CA ALA B 98 -35.52 13.78 5.97
C ALA B 98 -36.56 14.41 6.90
N ALA B 99 -36.88 13.75 8.02
CA ALA B 99 -37.87 14.28 8.93
C ALA B 99 -37.45 15.61 9.54
N ALA B 100 -36.14 15.85 9.65
CA ALA B 100 -35.67 17.12 10.20
C ALA B 100 -36.13 18.29 9.34
N ILE B 101 -35.98 18.17 8.02
CA ILE B 101 -36.49 19.21 7.12
C ILE B 101 -38.00 19.15 7.01
N ALA B 102 -38.58 17.94 7.03
CA ALA B 102 -40.03 17.81 6.93
C ALA B 102 -40.74 18.53 8.07
N ALA B 103 -40.14 18.56 9.25
CA ALA B 103 -40.71 19.30 10.38
C ALA B 103 -40.57 20.80 10.23
N ALA B 104 -39.82 21.28 9.22
CA ALA B 104 -39.63 22.70 8.98
C ALA B 104 -40.66 23.27 8.00
N GLY B 105 -41.82 22.64 7.90
CA GLY B 105 -42.91 23.17 7.08
C GLY B 105 -42.84 22.84 5.61
N ILE B 106 -41.88 22.03 5.17
CA ILE B 106 -41.72 21.67 3.76
C ILE B 106 -42.30 20.27 3.58
N PRO B 107 -43.38 20.11 2.83
CA PRO B 107 -43.94 18.76 2.62
C PRO B 107 -43.04 17.93 1.72
N VAL B 108 -42.86 16.66 2.11
CA VAL B 108 -42.07 15.71 1.34
C VAL B 108 -42.90 14.45 1.14
N PHE B 109 -42.65 13.76 0.02
CA PHE B 109 -43.38 12.55 -0.34
C PHE B 109 -42.36 11.47 -0.73
N ALA B 110 -42.09 10.56 0.18
CA ALA B 110 -41.17 9.46 -0.07
C ALA B 110 -41.44 8.34 0.92
N TRP B 111 -41.09 7.12 0.54
CA TRP B 111 -41.25 5.96 1.41
C TRP B 111 -40.38 4.84 0.88
N LYS B 112 -39.47 4.34 1.73
CA LYS B 112 -38.53 3.32 1.30
C LYS B 112 -39.24 2.02 0.97
N GLY B 113 -38.78 1.35 -0.10
CA GLY B 113 -39.36 0.09 -0.49
C GLY B 113 -40.70 0.19 -1.18
N GLU B 114 -41.09 1.37 -1.64
CA GLU B 114 -42.37 1.55 -2.29
C GLU B 114 -42.35 1.03 -3.72
N THR B 115 -43.52 0.63 -4.20
CA THR B 115 -43.66 0.20 -5.58
C THR B 115 -43.46 1.40 -6.52
N GLU B 116 -42.87 1.12 -7.69
CA GLU B 116 -42.51 2.20 -8.61
C GLU B 116 -43.71 2.99 -9.07
N GLU B 117 -44.89 2.37 -9.14
CA GLU B 117 -46.10 3.11 -9.51
C GLU B 117 -46.44 4.18 -8.48
N GLU B 118 -46.32 3.84 -7.19
CA GLU B 118 -46.55 4.84 -6.16
C GLU B 118 -45.49 5.93 -6.20
N TYR B 119 -44.24 5.57 -6.50
CA TYR B 119 -43.19 6.57 -6.59
C TYR B 119 -43.44 7.55 -7.73
N GLU B 120 -43.85 7.05 -8.90
CA GLU B 120 -44.13 7.94 -10.02
C GLU B 120 -45.41 8.74 -9.79
N TRP B 121 -46.36 8.20 -9.03
CA TRP B 121 -47.52 9.00 -8.65
C TRP B 121 -47.13 10.09 -7.67
N CYS B 122 -46.15 9.84 -6.80
CA CYS B 122 -45.65 10.87 -5.90
C CYS B 122 -44.86 11.93 -6.65
N ILE B 123 -44.13 11.55 -7.70
CA ILE B 123 -43.30 12.52 -8.43
C ILE B 123 -44.18 13.58 -9.07
N GLU B 124 -45.28 13.16 -9.71
CA GLU B 124 -46.19 14.11 -10.33
C GLU B 124 -47.01 14.89 -9.32
N GLN B 125 -47.02 14.48 -8.05
CA GLN B 125 -47.81 15.17 -7.04
C GLN B 125 -47.31 16.59 -6.81
N THR B 126 -46.00 16.78 -6.73
CA THR B 126 -45.44 18.09 -6.44
C THR B 126 -45.45 19.03 -7.64
N ILE B 127 -45.60 18.48 -8.85
CA ILE B 127 -45.61 19.32 -10.05
C ILE B 127 -46.84 20.23 -10.05
N LEU B 128 -48.01 19.67 -9.72
CA LEU B 128 -49.28 20.38 -9.78
C LEU B 128 -49.73 20.74 -8.37
N LYS B 129 -49.98 22.03 -8.14
CA LYS B 129 -50.42 22.54 -6.86
C LYS B 129 -51.75 23.27 -7.06
N ASP B 130 -52.81 22.71 -6.49
CA ASP B 130 -54.17 23.28 -6.58
C ASP B 130 -54.63 23.45 -8.02
N GLY B 131 -54.21 22.55 -8.91
CA GLY B 131 -54.62 22.62 -10.30
C GLY B 131 -53.86 23.61 -11.15
N GLN B 132 -52.81 24.23 -10.63
CA GLN B 132 -52.11 25.31 -11.32
C GLN B 132 -50.61 25.11 -11.16
N PRO B 133 -49.83 25.32 -12.21
CA PRO B 133 -48.38 25.10 -12.11
C PRO B 133 -47.71 26.14 -11.22
N TRP B 134 -46.92 25.65 -10.27
CA TRP B 134 -46.25 26.51 -9.30
C TRP B 134 -45.18 27.36 -9.98
N ASP B 135 -44.85 28.49 -9.36
CA ASP B 135 -43.80 29.35 -9.89
C ASP B 135 -42.44 28.70 -9.70
N ALA B 136 -41.56 28.95 -10.66
CA ALA B 136 -40.19 28.42 -10.61
C ALA B 136 -39.25 29.38 -11.31
N ASN B 137 -38.08 29.59 -10.72
CA ASN B 137 -37.04 30.43 -11.30
C ASN B 137 -35.76 29.65 -11.60
N MET B 138 -35.41 28.68 -10.77
CA MET B 138 -34.24 27.83 -11.00
C MET B 138 -34.64 26.39 -10.72
N VAL B 139 -33.89 25.45 -11.28
CA VAL B 139 -34.15 24.03 -11.09
C VAL B 139 -32.85 23.32 -10.74
N LEU B 140 -32.91 22.44 -9.75
CA LEU B 140 -31.85 21.49 -9.44
C LEU B 140 -32.25 20.13 -9.99
N ASP B 141 -31.29 19.38 -10.52
CA ASP B 141 -31.60 18.13 -11.19
C ASP B 141 -30.52 17.10 -10.88
N ASP B 142 -30.90 15.82 -11.02
CA ASP B 142 -29.97 14.72 -10.82
C ASP B 142 -30.36 13.60 -11.78
N GLY B 143 -29.53 13.37 -12.79
CA GLY B 143 -29.76 12.30 -13.74
C GLY B 143 -30.70 12.62 -14.87
N GLY B 144 -31.22 13.85 -14.94
CA GLY B 144 -32.08 14.24 -16.05
C GLY B 144 -33.45 13.60 -16.07
N ASP B 145 -33.84 12.92 -14.99
CA ASP B 145 -35.15 12.28 -14.96
C ASP B 145 -36.27 13.31 -14.96
N LEU B 146 -36.10 14.40 -14.21
CA LEU B 146 -37.11 15.45 -14.16
C LEU B 146 -37.11 16.32 -15.40
N THR B 147 -35.94 16.50 -16.03
CA THR B 147 -35.84 17.35 -17.20
C THR B 147 -36.67 16.81 -18.37
N GLU B 148 -36.61 15.50 -18.59
CA GLU B 148 -37.41 14.91 -19.67
C GLU B 148 -38.89 15.01 -19.38
N ILE B 149 -39.28 14.83 -18.11
CA ILE B 149 -40.67 15.02 -17.73
C ILE B 149 -41.11 16.44 -18.03
N LEU B 150 -40.26 17.42 -17.70
CA LEU B 150 -40.60 18.81 -17.96
C LEU B 150 -40.72 19.09 -19.46
N HIS B 151 -39.87 18.44 -20.27
CA HIS B 151 -39.92 18.63 -21.71
C HIS B 151 -41.07 17.90 -22.40
N LYS B 152 -41.61 16.83 -21.82
CA LYS B 152 -42.75 16.15 -22.43
C LYS B 152 -44.04 16.34 -21.66
N LYS B 153 -44.05 17.19 -20.63
CA LYS B 153 -45.27 17.48 -19.88
C LYS B 153 -45.23 18.95 -19.47
N TYR B 154 -46.31 19.67 -19.79
CA TYR B 154 -46.38 21.11 -19.60
C TYR B 154 -45.19 21.83 -20.25
N PRO B 155 -45.06 21.76 -21.59
CA PRO B 155 -43.93 22.43 -22.24
C PRO B 155 -43.95 23.95 -22.12
N GLN B 156 -45.08 24.54 -21.73
CA GLN B 156 -45.19 25.98 -21.51
C GLN B 156 -44.53 26.43 -20.21
N MET B 157 -43.70 25.57 -19.62
CA MET B 157 -43.07 25.82 -18.33
C MET B 157 -41.63 26.33 -18.44
N LEU B 158 -40.95 26.05 -19.55
CA LEU B 158 -39.52 26.32 -19.64
C LEU B 158 -39.22 27.81 -19.74
N GLU B 159 -40.11 28.59 -20.35
CA GLU B 159 -39.81 29.99 -20.63
C GLU B 159 -39.62 30.79 -19.34
N ARG B 160 -40.38 30.46 -18.29
CA ARG B 160 -40.26 31.19 -17.04
C ARG B 160 -38.93 30.90 -16.33
N ILE B 161 -38.43 29.67 -16.47
CA ILE B 161 -37.22 29.28 -15.75
C ILE B 161 -36.02 30.04 -16.29
N HIS B 162 -35.19 30.56 -15.37
CA HIS B 162 -34.00 31.33 -15.72
C HIS B 162 -32.76 30.46 -15.93
N GLY B 163 -32.59 29.40 -15.16
CA GLY B 163 -31.40 28.58 -15.28
C GLY B 163 -31.58 27.24 -14.60
N ILE B 164 -30.72 26.31 -14.98
CA ILE B 164 -30.72 24.95 -14.46
C ILE B 164 -29.30 24.60 -14.03
N THR B 165 -29.15 24.07 -12.82
CA THR B 165 -27.86 23.63 -12.31
C THR B 165 -27.92 22.14 -12.03
N GLU B 166 -26.99 21.39 -12.62
CA GLU B 166 -27.01 19.94 -12.61
C GLU B 166 -25.58 19.44 -12.55
N GLU B 167 -25.42 18.16 -12.18
CA GLU B 167 -24.09 17.60 -11.92
C GLU B 167 -24.01 16.22 -12.58
N THR B 168 -22.98 15.46 -12.18
CA THR B 168 -22.68 14.11 -12.66
C THR B 168 -22.18 14.11 -14.10
N THR B 169 -21.31 13.15 -14.42
CA THR B 169 -20.79 13.04 -15.78
C THR B 169 -21.90 12.70 -16.77
N THR B 170 -22.83 11.84 -16.37
CA THR B 170 -23.92 11.45 -17.27
C THR B 170 -24.80 12.63 -17.62
N GLY B 171 -25.10 13.50 -16.65
CA GLY B 171 -25.92 14.66 -16.92
C GLY B 171 -25.29 15.60 -17.93
N VAL B 172 -23.97 15.74 -17.89
CA VAL B 172 -23.28 16.55 -18.88
C VAL B 172 -23.47 15.98 -20.27
N HIS B 173 -23.39 14.65 -20.40
CA HIS B 173 -23.63 14.01 -21.69
C HIS B 173 -25.06 14.23 -22.16
N ARG B 174 -26.03 14.12 -21.25
CA ARG B 174 -27.42 14.37 -21.62
C ARG B 174 -27.61 15.80 -22.11
N LEU B 175 -27.01 16.77 -21.41
CA LEU B 175 -27.13 18.17 -21.80
C LEU B 175 -26.46 18.43 -23.15
N LEU B 176 -25.30 17.81 -23.38
CA LEU B 176 -24.62 17.98 -24.65
C LEU B 176 -25.42 17.38 -25.80
N ASP B 177 -26.04 16.22 -25.58
CA ASP B 177 -26.91 15.64 -26.60
C ASP B 177 -28.11 16.54 -26.86
N MET B 178 -28.68 17.12 -25.81
CA MET B 178 -29.81 18.04 -25.99
C MET B 178 -29.40 19.25 -26.81
N LEU B 179 -28.20 19.79 -26.54
CA LEU B 179 -27.71 20.91 -27.34
C LEU B 179 -27.47 20.50 -28.79
N LYS B 180 -26.96 19.28 -28.99
CA LYS B 180 -26.74 18.79 -30.35
C LYS B 180 -28.04 18.69 -31.12
N ASN B 181 -29.11 18.21 -30.47
CA ASN B 181 -30.42 18.21 -31.10
C ASN B 181 -30.93 19.62 -31.37
N GLY B 182 -30.40 20.62 -30.67
CA GLY B 182 -30.80 22.00 -30.89
C GLY B 182 -32.09 22.41 -30.22
N THR B 183 -32.68 21.55 -29.40
CA THR B 183 -33.95 21.84 -28.74
C THR B 183 -33.81 22.24 -27.29
N LEU B 184 -32.59 22.42 -26.79
CA LEU B 184 -32.37 22.78 -25.40
C LEU B 184 -32.50 24.30 -25.23
N LYS B 185 -33.27 24.70 -24.23
CA LYS B 185 -33.45 26.10 -23.87
C LYS B 185 -32.97 26.32 -22.44
N VAL B 186 -32.90 27.59 -22.04
CA VAL B 186 -32.57 27.96 -20.66
C VAL B 186 -31.20 27.39 -20.30
N PRO B 187 -30.10 27.97 -20.80
CA PRO B 187 -28.77 27.36 -20.63
C PRO B 187 -28.42 27.00 -19.19
N ALA B 188 -27.50 26.06 -19.05
CA ALA B 188 -27.11 25.51 -17.76
C ALA B 188 -25.63 25.77 -17.49
N ILE B 189 -25.20 25.40 -16.29
CA ILE B 189 -23.82 25.56 -15.84
C ILE B 189 -23.28 24.18 -15.48
N ASN B 190 -22.11 23.85 -16.01
CA ASN B 190 -21.48 22.55 -15.77
C ASN B 190 -20.58 22.66 -14.54
N VAL B 191 -20.88 21.86 -13.52
CA VAL B 191 -20.10 21.87 -12.29
C VAL B 191 -19.05 20.77 -12.23
N ASN B 192 -19.18 19.73 -13.07
CA ASN B 192 -18.17 18.68 -13.08
C ASN B 192 -16.83 19.17 -13.60
N ASP B 193 -16.83 20.25 -14.39
CA ASP B 193 -15.58 20.79 -14.92
C ASP B 193 -14.70 21.31 -13.80
N SER B 194 -15.31 21.91 -12.77
CA SER B 194 -14.54 22.44 -11.65
C SER B 194 -13.80 21.33 -10.93
N VAL B 195 -12.63 21.69 -10.40
CA VAL B 195 -11.76 20.68 -9.77
C VAL B 195 -12.42 20.11 -8.52
N THR B 196 -13.03 20.96 -7.70
CA THR B 196 -13.61 20.53 -6.44
C THR B 196 -14.73 19.51 -6.63
N LYS B 197 -15.17 19.26 -7.85
CA LYS B 197 -16.20 18.27 -8.14
C LYS B 197 -15.68 17.04 -8.86
N SER B 198 -14.75 17.21 -9.80
CA SER B 198 -14.30 16.09 -10.62
C SER B 198 -13.24 15.25 -9.90
N LYS B 199 -12.10 15.85 -9.59
CA LYS B 199 -10.96 15.11 -9.05
C LYS B 199 -10.98 15.02 -7.53
N ASN B 200 -12.04 15.51 -6.88
CA ASN B 200 -12.17 15.46 -5.43
C ASN B 200 -13.37 14.65 -4.99
N ASP B 201 -14.56 14.97 -5.50
CA ASP B 201 -15.77 14.24 -5.10
C ASP B 201 -15.79 12.85 -5.70
N ASN B 202 -15.48 12.72 -6.99
CA ASN B 202 -15.64 11.45 -7.67
C ASN B 202 -14.63 10.41 -7.20
N LYS B 203 -13.42 10.84 -6.85
CA LYS B 203 -12.36 9.88 -6.52
C LYS B 203 -12.44 9.44 -5.06
N TYR B 204 -12.47 10.40 -4.13
CA TYR B 204 -12.37 10.08 -2.71
C TYR B 204 -13.70 9.69 -2.07
N GLY B 205 -14.83 10.02 -2.70
CA GLY B 205 -16.10 9.58 -2.15
C GLY B 205 -16.26 8.07 -2.19
N CYS B 206 -15.94 7.46 -3.33
CA CYS B 206 -16.01 6.01 -3.44
C CYS B 206 -14.97 5.35 -2.54
N ARG B 207 -13.74 5.87 -2.56
CA ARG B 207 -12.65 5.30 -1.77
C ARG B 207 -13.01 5.25 -0.28
N HIS B 208 -13.83 6.19 0.19
CA HIS B 208 -14.19 6.23 1.60
C HIS B 208 -15.51 5.50 1.89
N SER B 209 -16.42 5.43 0.92
CA SER B 209 -17.76 4.91 1.19
C SER B 209 -17.96 3.45 0.79
N LEU B 210 -17.24 2.95 -0.21
CA LEU B 210 -17.54 1.62 -0.73
C LEU B 210 -17.25 0.54 0.29
N ASN B 211 -16.05 0.55 0.87
CA ASN B 211 -15.69 -0.46 1.85
C ASN B 211 -16.58 -0.38 3.08
N ASP B 212 -16.89 0.85 3.52
CA ASP B 212 -17.81 1.02 4.65
C ASP B 212 -19.15 0.36 4.36
N ALA B 213 -19.72 0.64 3.19
CA ALA B 213 -21.03 0.09 2.85
C ALA B 213 -21.00 -1.44 2.80
N ILE B 214 -20.01 -2.00 2.11
CA ILE B 214 -20.01 -3.45 1.91
C ILE B 214 -19.71 -4.18 3.22
N LYS B 215 -18.78 -3.65 4.03
CA LYS B 215 -18.48 -4.28 5.31
C LYS B 215 -19.62 -4.09 6.31
N ARG B 216 -20.40 -3.02 6.17
CA ARG B 216 -21.54 -2.81 7.05
C ARG B 216 -22.68 -3.75 6.68
N GLY B 217 -22.88 -4.00 5.38
CA GLY B 217 -23.94 -4.86 4.94
C GLY B 217 -23.67 -6.34 5.07
N THR B 218 -22.45 -6.77 4.75
CA THR B 218 -22.13 -8.19 4.64
C THR B 218 -21.36 -8.75 5.83
N ASP B 219 -20.55 -7.93 6.49
CA ASP B 219 -19.72 -8.31 7.63
C ASP B 219 -18.69 -9.39 7.29
N HIS B 220 -18.44 -9.64 6.02
CA HIS B 220 -17.41 -10.61 5.64
C HIS B 220 -16.02 -10.02 5.84
N LEU B 221 -15.02 -10.89 5.71
CA LEU B 221 -13.62 -10.49 5.70
C LEU B 221 -13.21 -10.15 4.27
N LEU B 222 -12.64 -8.95 4.09
CA LEU B 222 -12.22 -8.48 2.77
C LEU B 222 -10.71 -8.58 2.58
N SER B 223 -10.08 -9.65 3.05
CA SER B 223 -8.65 -9.83 2.87
C SER B 223 -8.40 -11.19 2.24
N GLY B 224 -7.58 -11.22 1.19
CA GLY B 224 -7.16 -12.46 0.56
C GLY B 224 -8.10 -13.02 -0.49
N LYS B 225 -9.12 -12.28 -0.91
CA LYS B 225 -10.06 -12.74 -1.91
C LYS B 225 -9.88 -11.96 -3.20
N GLN B 226 -10.54 -12.46 -4.25
CA GLN B 226 -10.42 -11.90 -5.59
C GLN B 226 -11.71 -11.19 -5.99
N ALA B 227 -11.56 -10.04 -6.64
CA ALA B 227 -12.70 -9.25 -7.10
C ALA B 227 -12.37 -8.65 -8.47
N LEU B 228 -13.43 -8.24 -9.17
CA LEU B 228 -13.31 -7.70 -10.52
C LEU B 228 -13.96 -6.32 -10.55
N VAL B 229 -13.24 -5.34 -11.12
CA VAL B 229 -13.72 -3.98 -11.29
C VAL B 229 -13.61 -3.62 -12.76
N ILE B 230 -14.71 -3.17 -13.36
CA ILE B 230 -14.80 -2.95 -14.79
C ILE B 230 -14.82 -1.44 -15.05
N GLY B 231 -13.77 -0.93 -15.66
CA GLY B 231 -13.65 0.49 -15.95
C GLY B 231 -12.64 1.14 -15.03
N TYR B 232 -11.85 2.06 -15.58
CA TYR B 232 -10.78 2.72 -14.84
C TYR B 232 -10.81 4.22 -15.08
N GLY B 233 -12.00 4.81 -14.95
CA GLY B 233 -12.15 6.25 -14.93
C GLY B 233 -11.85 6.80 -13.55
N ASP B 234 -12.33 8.02 -13.30
CA ASP B 234 -12.11 8.63 -11.99
C ASP B 234 -12.76 7.81 -10.88
N VAL B 235 -14.02 7.39 -11.09
CA VAL B 235 -14.68 6.55 -10.09
C VAL B 235 -14.00 5.19 -10.03
N GLY B 236 -13.57 4.67 -11.18
CA GLY B 236 -12.79 3.44 -11.19
C GLY B 236 -11.43 3.62 -10.54
N LYS B 237 -10.77 4.75 -10.78
CA LYS B 237 -9.49 5.03 -10.15
C LYS B 237 -9.62 5.19 -8.64
N GLY B 238 -10.82 5.56 -8.15
CA GLY B 238 -11.03 5.68 -6.73
C GLY B 238 -11.43 4.39 -6.05
N SER B 239 -12.38 3.67 -6.65
CA SER B 239 -12.90 2.45 -6.04
C SER B 239 -11.85 1.33 -5.96
N SER B 240 -10.83 1.37 -6.81
CA SER B 240 -9.82 0.31 -6.80
C SER B 240 -8.93 0.40 -5.57
N GLN B 241 -8.59 1.62 -5.13
CA GLN B 241 -7.65 1.78 -4.02
C GLN B 241 -8.24 1.27 -2.71
N SER B 242 -9.53 1.50 -2.49
CA SER B 242 -10.16 1.05 -1.25
C SER B 242 -10.14 -0.46 -1.13
N LEU B 243 -10.26 -1.18 -2.24
CA LEU B 243 -10.20 -2.63 -2.19
C LEU B 243 -8.78 -3.13 -1.96
N ARG B 244 -7.79 -2.50 -2.60
CA ARG B 244 -6.40 -2.90 -2.40
C ARG B 244 -5.95 -2.66 -0.97
N GLN B 245 -6.32 -1.52 -0.38
CA GLN B 245 -5.87 -1.20 0.96
C GLN B 245 -6.46 -2.13 2.02
N GLU B 246 -7.56 -2.81 1.70
CA GLU B 246 -8.18 -3.75 2.62
C GLU B 246 -7.61 -5.16 2.51
N GLY B 247 -6.62 -5.37 1.64
CA GLY B 247 -5.99 -6.66 1.50
C GLY B 247 -6.51 -7.54 0.38
N MET B 248 -7.28 -6.99 -0.55
CA MET B 248 -7.86 -7.77 -1.63
C MET B 248 -6.91 -7.84 -2.82
N ILE B 249 -7.17 -8.79 -3.70
CA ILE B 249 -6.47 -8.93 -4.97
C ILE B 249 -7.52 -8.77 -6.07
N VAL B 250 -7.44 -7.67 -6.81
CA VAL B 250 -8.52 -7.29 -7.71
C VAL B 250 -8.01 -7.16 -9.13
N LYS B 251 -8.92 -7.32 -10.08
CA LYS B 251 -8.62 -7.28 -11.50
C LYS B 251 -9.41 -6.15 -12.15
N VAL B 252 -8.82 -5.54 -13.19
CA VAL B 252 -9.38 -4.37 -13.83
C VAL B 252 -9.52 -4.63 -15.33
N ALA B 253 -10.68 -4.29 -15.88
CA ALA B 253 -10.93 -4.38 -17.31
C ALA B 253 -11.62 -3.11 -17.77
N GLU B 254 -11.38 -2.73 -19.02
CA GLU B 254 -11.99 -1.54 -19.60
C GLU B 254 -11.86 -1.63 -21.12
N VAL B 255 -12.57 -0.73 -21.80
CA VAL B 255 -12.51 -0.67 -23.26
C VAL B 255 -11.59 0.43 -23.79
N ASP B 256 -11.30 1.46 -23.00
CA ASP B 256 -10.48 2.58 -23.47
C ASP B 256 -9.01 2.26 -23.27
N PRO B 257 -8.19 2.24 -24.34
CA PRO B 257 -6.75 2.00 -24.14
C PRO B 257 -6.08 3.01 -23.24
N ILE B 258 -6.46 4.29 -23.31
CA ILE B 258 -5.78 5.33 -22.53
C ILE B 258 -5.92 5.07 -21.04
N CYS B 259 -7.15 4.84 -20.58
CA CYS B 259 -7.37 4.58 -19.17
C CYS B 259 -6.96 3.18 -18.75
N ALA B 260 -6.93 2.23 -19.69
CA ALA B 260 -6.45 0.88 -19.36
C ALA B 260 -4.94 0.86 -19.20
N MET B 261 -4.22 1.77 -19.87
CA MET B 261 -2.78 1.86 -19.67
C MET B 261 -2.42 2.28 -18.25
N GLN B 262 -3.21 3.19 -17.67
CA GLN B 262 -2.93 3.68 -16.33
C GLN B 262 -3.02 2.56 -15.29
N ALA B 263 -3.88 1.57 -15.52
CA ALA B 263 -4.01 0.47 -14.58
C ALA B 263 -2.71 -0.32 -14.45
N CYS B 264 -2.02 -0.55 -15.58
CA CYS B 264 -0.76 -1.28 -15.53
C CYS B 264 0.30 -0.51 -14.75
N MET B 265 0.36 0.82 -14.94
CA MET B 265 1.35 1.61 -14.23
C MET B 265 1.04 1.76 -12.76
N ASP B 266 -0.22 1.61 -12.35
CA ASP B 266 -0.58 1.67 -10.94
C ASP B 266 -0.32 0.36 -10.22
N GLY B 267 -0.01 -0.71 -10.94
CA GLY B 267 0.23 -2.00 -10.33
C GLY B 267 -0.90 -3.00 -10.44
N PHE B 268 -1.92 -2.72 -11.24
CA PHE B 268 -3.07 -3.60 -11.38
C PHE B 268 -2.90 -4.50 -12.60
N GLU B 269 -3.77 -5.50 -12.69
CA GLU B 269 -3.68 -6.51 -13.74
C GLU B 269 -4.91 -6.39 -14.65
N VAL B 270 -4.69 -6.59 -15.95
CA VAL B 270 -5.72 -6.33 -16.95
C VAL B 270 -6.10 -7.65 -17.63
N VAL B 271 -7.39 -7.97 -17.59
CA VAL B 271 -7.94 -9.14 -18.28
C VAL B 271 -9.14 -8.71 -19.12
N SER B 272 -9.80 -9.68 -19.74
CA SER B 272 -11.01 -9.44 -20.52
C SER B 272 -11.97 -10.60 -20.27
N PRO B 273 -13.25 -10.33 -20.01
CA PRO B 273 -14.22 -11.42 -19.81
C PRO B 273 -14.43 -12.26 -21.05
N TYR B 274 -14.05 -11.77 -22.24
CA TYR B 274 -14.25 -12.48 -23.49
C TYR B 274 -12.91 -13.00 -24.02
N LYS B 275 -12.97 -14.11 -24.75
CA LYS B 275 -11.77 -14.70 -25.33
C LYS B 275 -11.18 -13.76 -26.37
N ASN B 276 -9.87 -13.50 -26.26
CA ASN B 276 -9.10 -12.74 -27.23
C ASN B 276 -9.58 -11.30 -27.37
N GLY B 277 -10.57 -10.90 -26.56
CA GLY B 277 -11.09 -9.55 -26.59
C GLY B 277 -12.19 -9.29 -27.58
N ILE B 278 -12.57 -10.27 -28.40
CA ILE B 278 -13.62 -10.11 -29.39
C ILE B 278 -14.90 -10.75 -28.85
N ASN B 279 -15.93 -9.94 -28.67
CA ASN B 279 -17.25 -10.43 -28.30
C ASN B 279 -18.09 -10.60 -29.56
N ASP B 280 -18.81 -11.71 -29.62
CA ASP B 280 -19.68 -11.99 -30.77
C ASP B 280 -21.05 -12.54 -30.40
N GLY B 281 -21.37 -12.65 -29.11
CA GLY B 281 -22.70 -13.02 -28.69
C GLY B 281 -22.94 -14.49 -28.48
N THR B 282 -21.98 -15.36 -28.80
CA THR B 282 -22.19 -16.79 -28.60
C THR B 282 -21.76 -17.21 -27.21
N GLU B 283 -22.31 -18.33 -26.75
CA GLU B 283 -22.01 -18.83 -25.41
C GLU B 283 -20.55 -19.24 -25.27
N ALA B 284 -19.91 -19.62 -26.38
CA ALA B 284 -18.53 -20.08 -26.33
C ALA B 284 -17.51 -18.95 -26.35
N SER B 285 -17.96 -17.69 -26.49
CA SER B 285 -17.03 -16.57 -26.62
C SER B 285 -16.52 -16.06 -25.27
N ILE B 286 -17.12 -16.48 -24.16
CA ILE B 286 -16.68 -16.02 -22.85
C ILE B 286 -15.52 -16.89 -22.37
N ASP B 287 -14.79 -16.41 -21.36
CA ASP B 287 -13.65 -17.13 -20.79
C ASP B 287 -14.09 -17.69 -19.45
N ALA B 288 -14.33 -19.01 -19.42
CA ALA B 288 -14.81 -19.66 -18.20
C ALA B 288 -13.72 -19.84 -17.14
N ALA B 289 -12.47 -19.49 -17.46
CA ALA B 289 -11.39 -19.74 -16.53
C ALA B 289 -11.41 -18.75 -15.36
N LEU B 290 -11.28 -17.45 -15.65
CA LEU B 290 -11.18 -16.46 -14.58
C LEU B 290 -12.49 -16.25 -13.85
N LEU B 291 -13.63 -16.57 -14.48
CA LEU B 291 -14.92 -16.31 -13.84
C LEU B 291 -15.18 -17.27 -12.69
N GLY B 292 -14.52 -18.43 -12.68
CA GLY B 292 -14.72 -19.40 -11.64
C GLY B 292 -13.86 -19.16 -10.42
N LYS B 293 -13.35 -17.96 -10.30
CA LYS B 293 -12.50 -17.55 -9.17
C LYS B 293 -13.00 -16.27 -8.49
N ILE B 294 -13.54 -15.33 -9.25
CA ILE B 294 -13.96 -14.04 -8.69
C ILE B 294 -15.16 -14.24 -7.78
N ASP B 295 -15.17 -13.51 -6.66
CA ASP B 295 -16.22 -13.63 -5.66
C ASP B 295 -17.01 -12.35 -5.43
N LEU B 296 -16.47 -11.20 -5.84
CA LEU B 296 -17.15 -9.91 -5.66
C LEU B 296 -16.99 -9.11 -6.94
N ILE B 297 -18.09 -8.57 -7.45
CA ILE B 297 -18.09 -7.81 -8.68
C ILE B 297 -18.66 -6.42 -8.41
N VAL B 298 -17.86 -5.40 -8.68
CA VAL B 298 -18.27 -4.01 -8.59
C VAL B 298 -18.16 -3.41 -9.98
N THR B 299 -19.29 -2.96 -10.53
CA THR B 299 -19.34 -2.45 -11.89
C THR B 299 -19.54 -0.94 -11.85
N THR B 300 -18.74 -0.22 -12.63
CA THR B 300 -18.63 1.23 -12.49
C THR B 300 -18.57 1.93 -13.84
N THR B 301 -19.46 1.55 -14.76
CA THR B 301 -19.43 2.13 -16.10
C THR B 301 -20.66 2.96 -16.45
N GLY B 302 -21.82 2.69 -15.83
CA GLY B 302 -23.02 3.44 -16.14
C GLY B 302 -23.52 3.27 -17.56
N ASN B 303 -23.49 2.05 -18.08
CA ASN B 303 -23.81 1.77 -19.48
C ASN B 303 -25.10 0.96 -19.58
N VAL B 304 -25.38 0.50 -20.81
CA VAL B 304 -26.58 -0.29 -21.09
C VAL B 304 -26.34 -1.77 -20.83
N ASN B 305 -25.22 -2.33 -21.32
CA ASN B 305 -24.93 -3.75 -21.13
C ASN B 305 -23.41 -3.91 -21.10
N VAL B 306 -22.85 -4.05 -19.91
CA VAL B 306 -21.44 -4.40 -19.74
C VAL B 306 -21.25 -5.89 -19.50
N CYS B 307 -22.18 -6.51 -18.78
CA CYS B 307 -22.23 -7.95 -18.61
C CYS B 307 -23.45 -8.50 -19.34
N ASP B 308 -23.37 -9.76 -19.71
CA ASP B 308 -24.46 -10.42 -20.43
C ASP B 308 -25.09 -11.50 -19.57
N ALA B 309 -26.08 -12.19 -20.13
CA ALA B 309 -26.74 -13.26 -19.41
C ALA B 309 -25.80 -14.42 -19.13
N ASN B 310 -24.90 -14.72 -20.07
CA ASN B 310 -24.03 -15.88 -19.95
C ASN B 310 -22.79 -15.64 -19.11
N MET B 311 -22.51 -14.39 -18.74
CA MET B 311 -21.35 -14.13 -17.88
C MET B 311 -21.53 -14.75 -16.51
N LEU B 312 -22.75 -14.68 -15.96
CA LEU B 312 -23.02 -15.18 -14.62
C LEU B 312 -23.30 -16.68 -14.59
N LYS B 313 -23.38 -17.34 -15.75
CA LYS B 313 -23.48 -18.80 -15.76
C LYS B 313 -22.16 -19.46 -15.40
N ALA B 314 -21.04 -18.85 -15.79
CA ALA B 314 -19.72 -19.34 -15.44
C ALA B 314 -19.23 -18.81 -14.09
N LEU B 315 -20.02 -17.99 -13.43
CA LEU B 315 -19.63 -17.40 -12.15
C LEU B 315 -19.60 -18.46 -11.06
N LYS B 316 -18.66 -18.30 -10.12
CA LYS B 316 -18.55 -19.21 -8.99
C LYS B 316 -19.72 -19.01 -8.03
N LYS B 317 -19.92 -19.99 -7.16
CA LYS B 317 -21.06 -19.98 -6.26
C LYS B 317 -20.93 -18.92 -5.18
N ARG B 318 -22.08 -18.38 -4.75
CA ARG B 318 -22.13 -17.41 -3.62
C ARG B 318 -21.37 -16.11 -3.89
N ALA B 319 -21.26 -15.67 -5.14
CA ALA B 319 -20.65 -14.36 -5.34
C ALA B 319 -21.62 -13.27 -4.86
N VAL B 320 -21.07 -12.09 -4.59
CA VAL B 320 -21.85 -10.94 -4.17
C VAL B 320 -21.77 -9.89 -5.26
N VAL B 321 -22.92 -9.32 -5.62
CA VAL B 321 -23.02 -8.37 -6.71
C VAL B 321 -23.07 -6.97 -6.14
N CYS B 322 -22.64 -6.00 -6.95
CA CYS B 322 -22.58 -4.60 -6.55
C CYS B 322 -22.76 -3.74 -7.78
N ASN B 323 -23.17 -2.49 -7.56
CA ASN B 323 -23.40 -1.56 -8.66
C ASN B 323 -23.19 -0.14 -8.13
N ILE B 324 -22.20 0.55 -8.68
CA ILE B 324 -21.91 1.93 -8.32
C ILE B 324 -22.07 2.86 -9.53
N GLY B 325 -22.77 2.41 -10.57
CA GLY B 325 -22.93 3.20 -11.78
C GLY B 325 -24.04 4.21 -11.67
N HIS B 326 -24.89 4.30 -12.69
CA HIS B 326 -26.00 5.24 -12.69
C HIS B 326 -27.35 4.54 -12.81
N PHE B 327 -27.49 3.62 -13.75
CA PHE B 327 -28.73 2.88 -13.97
C PHE B 327 -28.57 1.43 -13.53
N ASP B 328 -29.66 0.67 -13.70
CA ASP B 328 -29.67 -0.77 -13.45
C ASP B 328 -29.45 -1.57 -14.72
N ASN B 329 -29.18 -0.91 -15.85
CA ASN B 329 -28.99 -1.60 -17.12
C ASN B 329 -27.79 -2.54 -17.08
N GLU B 330 -26.78 -2.20 -16.28
CA GLU B 330 -25.51 -2.91 -16.27
C GLU B 330 -25.60 -4.34 -15.77
N ILE B 331 -26.72 -4.73 -15.17
CA ILE B 331 -27.00 -6.13 -14.85
C ILE B 331 -28.28 -6.51 -15.56
N ASP B 332 -28.27 -7.66 -16.23
CA ASP B 332 -29.43 -8.15 -16.97
C ASP B 332 -30.46 -8.73 -16.00
N THR B 333 -31.00 -7.86 -15.15
CA THR B 333 -31.97 -8.31 -14.16
C THR B 333 -33.18 -8.95 -14.81
N ALA B 334 -33.52 -8.54 -16.04
CA ALA B 334 -34.58 -9.22 -16.78
C ALA B 334 -34.23 -10.68 -17.01
N PHE B 335 -32.95 -10.98 -17.26
CA PHE B 335 -32.54 -12.37 -17.40
C PHE B 335 -32.71 -13.14 -16.10
N MET B 336 -32.38 -12.52 -14.96
CA MET B 336 -32.54 -13.19 -13.68
C MET B 336 -33.99 -13.30 -13.21
N ARG B 337 -34.93 -12.61 -13.87
CA ARG B 337 -36.32 -12.65 -13.41
C ARG B 337 -37.14 -13.75 -14.09
N LYS B 338 -36.88 -14.04 -15.36
CA LYS B 338 -37.72 -14.98 -16.08
C LYS B 338 -37.49 -16.42 -15.64
N ASN B 339 -36.23 -16.82 -15.46
CA ASN B 339 -35.92 -18.22 -15.17
C ASN B 339 -35.64 -18.48 -13.70
N TRP B 340 -35.18 -17.47 -12.96
CA TRP B 340 -34.80 -17.64 -11.57
C TRP B 340 -35.81 -16.94 -10.67
N ALA B 341 -36.32 -17.67 -9.68
CA ALA B 341 -37.31 -17.12 -8.78
C ALA B 341 -36.64 -16.31 -7.68
N TRP B 342 -37.40 -15.37 -7.13
CA TRP B 342 -36.93 -14.50 -6.06
C TRP B 342 -37.78 -14.70 -4.82
N GLU B 343 -37.11 -14.81 -3.67
CA GLU B 343 -37.79 -14.93 -2.38
C GLU B 343 -37.08 -14.02 -1.38
N GLU B 344 -37.85 -13.12 -0.78
CA GLU B 344 -37.30 -12.11 0.12
C GLU B 344 -37.26 -12.64 1.54
N VAL B 345 -36.08 -12.61 2.16
CA VAL B 345 -35.89 -13.12 3.51
C VAL B 345 -35.37 -12.03 4.46
N LYS B 346 -34.42 -11.21 4.01
CA LYS B 346 -33.82 -10.17 4.84
C LYS B 346 -33.69 -8.90 4.01
N PRO B 347 -33.96 -7.73 4.60
CA PRO B 347 -33.87 -6.48 3.85
C PRO B 347 -32.48 -6.27 3.24
N GLN B 348 -32.47 -5.91 1.95
CA GLN B 348 -31.28 -5.52 1.20
C GLN B 348 -30.32 -6.68 0.93
N VAL B 349 -30.60 -7.86 1.49
CA VAL B 349 -29.79 -9.05 1.27
C VAL B 349 -30.73 -10.24 1.15
N HIS B 350 -30.87 -10.78 -0.05
CA HIS B 350 -31.76 -11.90 -0.30
C HIS B 350 -31.14 -12.81 -1.36
N LYS B 351 -31.79 -13.95 -1.59
CA LYS B 351 -31.20 -15.05 -2.34
C LYS B 351 -31.69 -15.07 -3.78
N ILE B 352 -30.80 -15.47 -4.69
CA ILE B 352 -31.11 -15.69 -6.10
C ILE B 352 -30.67 -17.10 -6.44
N HIS B 353 -31.62 -17.96 -6.77
CA HIS B 353 -31.30 -19.31 -7.20
C HIS B 353 -30.84 -19.30 -8.66
N ARG B 354 -30.05 -20.31 -9.02
CA ARG B 354 -29.46 -20.40 -10.35
C ARG B 354 -30.12 -21.42 -11.27
N THR B 355 -30.63 -22.53 -10.74
CA THR B 355 -31.24 -23.56 -11.56
C THR B 355 -32.67 -23.90 -11.17
N GLY B 356 -33.10 -23.56 -9.97
CA GLY B 356 -34.44 -23.93 -9.53
C GLY B 356 -35.49 -22.93 -10.02
N LYS B 357 -36.65 -23.46 -10.39
CA LYS B 357 -37.83 -22.67 -10.68
C LYS B 357 -39.01 -23.36 -10.02
N ASP B 358 -39.98 -22.56 -9.58
CA ASP B 358 -41.25 -22.95 -8.95
C ASP B 358 -41.09 -24.16 -8.04
N GLY B 359 -39.97 -24.23 -7.33
CA GLY B 359 -39.63 -25.38 -6.51
C GLY B 359 -38.14 -25.56 -6.41
N PHE B 360 -37.73 -26.26 -5.35
CA PHE B 360 -36.32 -26.42 -5.07
C PHE B 360 -36.12 -27.63 -4.17
N ASP B 361 -34.86 -28.08 -4.10
CA ASP B 361 -34.49 -29.15 -3.19
C ASP B 361 -34.29 -28.59 -1.79
N ALA B 362 -34.19 -29.50 -0.81
CA ALA B 362 -34.07 -29.08 0.58
C ALA B 362 -32.80 -28.28 0.82
N HIS B 363 -31.71 -28.67 0.19
CA HIS B 363 -30.44 -27.97 0.34
C HIS B 363 -29.81 -27.76 -1.03
N ASN B 364 -29.24 -26.57 -1.23
CA ASN B 364 -28.49 -26.29 -2.44
C ASN B 364 -27.32 -25.37 -2.11
N ASP B 365 -26.20 -25.62 -2.79
CA ASP B 365 -24.98 -24.85 -2.61
C ASP B 365 -24.79 -23.83 -3.72
N ASP B 366 -25.78 -23.67 -4.59
CA ASP B 366 -25.64 -22.99 -5.87
C ASP B 366 -26.61 -21.82 -6.00
N TYR B 367 -26.76 -21.11 -4.88
CA TYR B 367 -27.61 -19.88 -4.88
C TYR B 367 -26.68 -18.71 -5.03
N LEU B 368 -27.25 -17.50 -5.08
CA LEU B 368 -26.46 -16.30 -5.27
C LEU B 368 -26.83 -15.26 -4.21
N ILE B 369 -25.86 -14.43 -3.86
CA ILE B 369 -26.03 -13.37 -2.87
C ILE B 369 -26.07 -12.03 -3.61
N LEU B 370 -27.07 -11.22 -3.31
CA LEU B 370 -27.28 -9.94 -3.98
C LEU B 370 -27.21 -8.79 -2.98
N LEU B 371 -26.62 -7.69 -3.42
CA LEU B 371 -26.61 -6.43 -2.69
C LEU B 371 -27.12 -5.33 -3.62
N ALA B 372 -27.97 -4.45 -3.08
CA ALA B 372 -28.42 -3.24 -3.80
C ALA B 372 -29.08 -3.61 -5.13
N GLU B 373 -30.26 -4.21 -5.01
CA GLU B 373 -30.94 -4.77 -6.18
C GLU B 373 -31.25 -3.70 -7.22
N GLY B 374 -30.47 -3.65 -8.28
CA GLY B 374 -30.67 -2.71 -9.36
C GLY B 374 -30.22 -1.30 -9.04
N ARG B 375 -30.53 -0.84 -7.83
CA ARG B 375 -30.30 0.54 -7.44
C ARG B 375 -28.87 0.73 -6.93
N LEU B 376 -28.60 1.87 -6.31
CA LEU B 376 -27.24 2.26 -5.97
C LEU B 376 -26.84 1.78 -4.58
N VAL B 377 -25.56 1.43 -4.45
CA VAL B 377 -24.93 1.04 -3.19
C VAL B 377 -24.59 2.29 -2.40
N ASN B 378 -24.10 2.09 -1.16
CA ASN B 378 -23.66 3.15 -0.26
C ASN B 378 -24.88 3.83 0.31
N LEU B 379 -25.45 4.77 -0.42
CA LEU B 379 -26.72 5.39 -0.03
C LEU B 379 -27.92 4.54 -0.41
N GLY B 380 -27.78 3.23 -0.19
CA GLY B 380 -28.85 2.27 -0.24
C GLY B 380 -28.63 1.25 0.85
N ASN B 381 -27.42 1.25 1.43
CA ASN B 381 -27.07 0.30 2.47
C ASN B 381 -26.20 0.95 3.54
N ALA B 382 -25.95 2.26 3.46
CA ALA B 382 -25.08 2.94 4.42
C ALA B 382 -25.41 4.42 4.42
N THR B 383 -24.66 5.18 5.22
CA THR B 383 -24.85 6.62 5.29
C THR B 383 -24.54 7.29 3.95
N GLY B 384 -23.44 6.89 3.31
CA GLY B 384 -23.08 7.45 2.02
C GLY B 384 -21.88 8.37 2.06
N HIS B 385 -21.87 9.35 1.15
CA HIS B 385 -20.74 10.26 1.06
C HIS B 385 -20.64 11.11 2.33
N PRO B 386 -19.44 11.35 2.83
CA PRO B 386 -19.29 12.10 4.09
C PRO B 386 -19.34 13.60 3.88
N SER B 387 -19.43 14.32 5.00
CA SER B 387 -19.68 15.76 4.97
C SER B 387 -18.44 16.53 4.52
N ARG B 388 -17.29 16.26 5.13
CA ARG B 388 -16.11 17.08 4.89
C ARG B 388 -15.66 17.02 3.43
N ILE B 389 -15.92 15.91 2.75
CA ILE B 389 -15.58 15.82 1.33
C ILE B 389 -16.48 16.72 0.49
N MET B 390 -17.78 16.74 0.78
CA MET B 390 -18.73 17.45 -0.06
C MET B 390 -18.85 18.93 0.27
N ASP B 391 -17.83 19.52 0.89
CA ASP B 391 -17.84 20.96 1.11
C ASP B 391 -17.74 21.71 -0.22
N GLY B 392 -16.77 21.33 -1.06
CA GLY B 392 -16.54 22.06 -2.29
C GLY B 392 -17.68 21.93 -3.28
N SER B 393 -18.28 20.75 -3.37
CA SER B 393 -19.36 20.53 -4.34
C SER B 393 -20.53 21.46 -4.06
N PHE B 394 -21.03 21.47 -2.82
CA PHE B 394 -22.15 22.35 -2.50
C PHE B 394 -21.76 23.81 -2.51
N ALA B 395 -20.50 24.12 -2.18
CA ALA B 395 -20.03 25.50 -2.26
C ALA B 395 -20.13 26.03 -3.69
N ASN B 396 -19.59 25.29 -4.65
CA ASN B 396 -19.73 25.68 -6.05
C ASN B 396 -21.18 25.63 -6.50
N GLN B 397 -21.98 24.73 -5.93
CA GLN B 397 -23.39 24.64 -6.28
C GLN B 397 -24.11 25.95 -5.95
N VAL B 398 -23.86 26.50 -4.77
CA VAL B 398 -24.46 27.76 -4.38
C VAL B 398 -23.86 28.92 -5.18
N LEU B 399 -22.53 28.90 -5.36
CA LEU B 399 -21.87 30.03 -6.00
C LEU B 399 -22.25 30.14 -7.47
N ALA B 400 -22.57 29.03 -8.13
CA ALA B 400 -23.03 29.08 -9.51
C ALA B 400 -24.38 29.81 -9.61
N GLN B 401 -25.29 29.52 -8.68
CA GLN B 401 -26.55 30.26 -8.65
C GLN B 401 -26.32 31.74 -8.41
N ILE B 402 -25.38 32.07 -7.52
CA ILE B 402 -25.08 33.49 -7.29
C ILE B 402 -24.55 34.13 -8.56
N HIS B 403 -23.63 33.46 -9.26
CA HIS B 403 -23.06 33.99 -10.50
C HIS B 403 -24.14 34.21 -11.55
N LEU B 404 -25.04 33.24 -11.71
CA LEU B 404 -26.11 33.40 -12.69
C LEU B 404 -27.05 34.54 -12.30
N PHE B 405 -27.30 34.70 -11.00
CA PHE B 405 -28.13 35.81 -10.53
C PHE B 405 -27.47 37.16 -10.82
N GLU B 406 -26.13 37.21 -10.80
CA GLU B 406 -25.44 38.46 -11.13
C GLU B 406 -25.55 38.85 -12.61
N GLN B 407 -26.22 38.04 -13.43
CA GLN B 407 -26.42 38.33 -14.85
C GLN B 407 -27.90 38.28 -15.20
N LYS B 408 -28.70 39.03 -14.43
CA LYS B 408 -30.15 39.09 -14.58
C LYS B 408 -30.59 39.12 -16.03
N TYR B 409 -31.65 38.36 -16.32
CA TYR B 409 -32.29 38.31 -17.62
C TYR B 409 -33.56 39.16 -17.58
N ALA B 410 -34.29 39.18 -18.69
CA ALA B 410 -35.52 39.98 -18.87
C ALA B 410 -35.23 41.47 -18.83
N ASP B 411 -33.97 41.86 -19.07
CA ASP B 411 -33.59 43.26 -19.19
C ASP B 411 -32.72 43.53 -20.41
N LEU B 412 -32.38 42.50 -21.19
CA LEU B 412 -31.45 42.53 -22.30
C LEU B 412 -32.16 42.94 -23.60
N PRO B 413 -31.42 43.55 -24.53
CA PRO B 413 -32.03 43.91 -25.82
C PRO B 413 -32.50 42.68 -26.58
N ALA B 414 -33.63 42.83 -27.29
CA ALA B 414 -34.22 41.71 -28.00
C ALA B 414 -33.30 41.20 -29.11
N ALA B 415 -32.71 42.10 -29.89
CA ALA B 415 -31.81 41.69 -30.96
C ALA B 415 -30.50 41.12 -30.41
N GLU B 416 -30.11 41.50 -29.20
CA GLU B 416 -28.86 41.02 -28.61
C GLU B 416 -29.02 39.70 -27.88
N LYS B 417 -30.25 39.30 -27.55
CA LYS B 417 -30.47 38.05 -26.82
C LYS B 417 -30.01 36.85 -27.62
N ALA B 418 -30.16 36.90 -28.95
CA ALA B 418 -29.80 35.75 -29.78
C ALA B 418 -28.31 35.46 -29.72
N LYS B 419 -27.47 36.50 -29.75
CA LYS B 419 -26.03 36.32 -29.76
C LYS B 419 -25.41 36.25 -28.36
N ARG B 420 -26.18 36.54 -27.31
CA ARG B 420 -25.65 36.42 -25.96
C ARG B 420 -25.57 34.98 -25.48
N LEU B 421 -26.48 34.12 -25.95
CA LEU B 421 -26.49 32.73 -25.49
C LEU B 421 -25.22 32.02 -25.91
N SER B 422 -24.53 31.43 -24.93
CA SER B 422 -23.28 30.74 -25.18
C SER B 422 -23.06 29.73 -24.06
N VAL B 423 -22.05 28.88 -24.24
CA VAL B 423 -21.66 27.88 -23.26
C VAL B 423 -20.40 28.38 -22.55
N GLU B 424 -20.44 28.39 -21.22
CA GLU B 424 -19.34 28.91 -20.42
C GLU B 424 -19.12 28.02 -19.21
N VAL B 425 -17.98 28.20 -18.56
CA VAL B 425 -17.62 27.45 -17.36
C VAL B 425 -17.24 28.43 -16.26
N LEU B 426 -17.29 27.94 -15.03
CA LEU B 426 -16.99 28.77 -13.87
C LEU B 426 -15.54 29.27 -13.96
N PRO B 427 -15.28 30.54 -13.64
CA PRO B 427 -13.90 31.04 -13.72
C PRO B 427 -13.01 30.50 -12.62
N LYS B 428 -11.77 31.00 -12.57
CA LYS B 428 -10.70 30.42 -11.76
C LYS B 428 -10.71 30.89 -10.31
N LYS B 429 -10.82 32.20 -10.10
CA LYS B 429 -10.58 32.75 -8.76
C LYS B 429 -11.61 32.28 -7.75
N LEU B 430 -12.85 32.06 -8.19
CA LEU B 430 -13.88 31.56 -7.27
C LEU B 430 -13.52 30.17 -6.75
N ASP B 431 -13.12 29.28 -7.65
CA ASP B 431 -12.72 27.94 -7.25
C ASP B 431 -11.47 27.99 -6.39
N GLU B 432 -10.54 28.90 -6.69
CA GLU B 432 -9.35 29.02 -5.86
C GLU B 432 -9.70 29.48 -4.45
N GLU B 433 -10.65 30.40 -4.32
CA GLU B 433 -11.07 30.81 -2.98
C GLU B 433 -11.74 29.66 -2.23
N VAL B 434 -12.57 28.88 -2.91
CA VAL B 434 -13.18 27.72 -2.25
C VAL B 434 -12.12 26.73 -1.78
N ALA B 435 -11.13 26.47 -2.63
CA ALA B 435 -10.05 25.56 -2.26
C ALA B 435 -9.24 26.11 -1.09
N LEU B 436 -8.99 27.42 -1.08
CA LEU B 436 -8.27 28.03 0.03
C LEU B 436 -9.06 27.90 1.33
N GLU B 437 -10.39 28.04 1.25
CA GLU B 437 -11.22 27.81 2.43
C GLU B 437 -11.07 26.38 2.93
N MET B 438 -11.06 25.40 2.02
CA MET B 438 -10.92 24.02 2.47
C MET B 438 -9.52 23.73 3.00
N VAL B 439 -8.49 24.40 2.49
CA VAL B 439 -7.13 24.17 2.97
C VAL B 439 -6.99 24.63 4.41
N LYS B 440 -7.51 25.82 4.73
CA LYS B 440 -7.39 26.36 6.08
C LYS B 440 -8.13 25.52 7.12
N GLY B 441 -9.14 24.74 6.69
CA GLY B 441 -9.86 23.90 7.62
C GLY B 441 -9.08 22.72 8.15
N PHE B 442 -8.06 22.28 7.42
CA PHE B 442 -7.21 21.18 7.87
C PHE B 442 -6.00 21.63 8.65
N GLY B 443 -5.72 22.94 8.70
CA GLY B 443 -4.56 23.45 9.38
C GLY B 443 -3.38 23.80 8.50
N GLY B 444 -3.53 23.74 7.19
CA GLY B 444 -2.44 24.09 6.30
C GLY B 444 -2.26 25.59 6.16
N VAL B 445 -1.05 25.98 5.75
CA VAL B 445 -0.70 27.37 5.51
C VAL B 445 -0.13 27.48 4.11
N VAL B 446 -0.70 28.37 3.30
CA VAL B 446 -0.31 28.54 1.91
C VAL B 446 0.62 29.73 1.79
N THR B 447 1.75 29.54 1.12
CA THR B 447 2.75 30.59 0.98
C THR B 447 2.24 31.70 0.06
N GLN B 448 2.54 32.95 0.42
CA GLN B 448 2.27 34.08 -0.43
C GLN B 448 3.46 34.33 -1.36
N LEU B 449 3.18 34.47 -2.65
CA LEU B 449 4.24 34.72 -3.62
C LEU B 449 4.82 36.11 -3.44
N THR B 450 6.15 36.20 -3.53
CA THR B 450 6.84 37.47 -3.38
C THR B 450 6.60 38.36 -4.60
N PRO B 451 6.73 39.68 -4.45
CA PRO B 451 6.55 40.55 -5.62
C PRO B 451 7.57 40.31 -6.71
N LYS B 452 8.78 39.87 -6.37
CA LYS B 452 9.78 39.59 -7.40
C LYS B 452 9.42 38.34 -8.21
N GLN B 453 8.78 37.36 -7.58
CA GLN B 453 8.36 36.16 -8.28
C GLN B 453 7.09 36.36 -9.10
N ALA B 454 6.36 37.46 -8.88
CA ALA B 454 5.25 37.79 -9.77
C ALA B 454 5.76 38.35 -11.09
N GLU B 455 6.78 39.20 -11.06
CA GLU B 455 7.35 39.75 -12.28
C GLU B 455 7.99 38.66 -13.12
N TYR B 456 8.71 37.73 -12.49
CA TYR B 456 9.51 36.76 -13.23
C TYR B 456 8.63 35.71 -13.90
N ILE B 457 7.84 34.98 -13.11
CA ILE B 457 7.00 33.92 -13.68
C ILE B 457 5.94 34.52 -14.59
N GLY B 458 5.30 35.61 -14.15
CA GLY B 458 4.32 36.30 -14.97
C GLY B 458 2.89 36.05 -14.56
N VAL B 459 2.64 35.96 -13.26
CA VAL B 459 1.31 35.72 -12.72
C VAL B 459 1.06 36.72 -11.59
N SER B 460 -0.17 37.22 -11.51
CA SER B 460 -0.53 38.09 -10.40
C SER B 460 -0.51 37.31 -9.09
N VAL B 461 -0.39 38.06 -7.98
CA VAL B 461 -0.15 37.46 -6.68
C VAL B 461 -1.30 36.55 -6.26
N GLU B 462 -2.54 36.92 -6.59
CA GLU B 462 -3.70 36.16 -6.18
C GLU B 462 -4.56 35.65 -7.34
N GLY B 463 -4.19 35.94 -8.58
CA GLY B 463 -5.00 35.58 -9.71
C GLY B 463 -4.82 34.14 -10.16
N PRO B 464 -5.29 33.83 -11.37
CA PRO B 464 -5.19 32.44 -11.87
C PRO B 464 -3.74 32.02 -12.02
N PHE B 465 -3.37 30.93 -11.34
CA PHE B 465 -2.03 30.39 -11.43
C PHE B 465 -1.87 29.39 -12.57
N LYS B 466 -2.94 28.69 -12.94
CA LYS B 466 -2.86 27.66 -13.95
C LYS B 466 -3.47 28.13 -15.27
N PRO B 467 -2.87 27.74 -16.40
CA PRO B 467 -3.51 27.99 -17.69
C PRO B 467 -4.80 27.20 -17.81
N ASP B 468 -5.68 27.65 -18.70
CA ASP B 468 -7.01 27.08 -18.82
C ASP B 468 -7.00 25.63 -19.31
N THR B 469 -5.88 25.16 -19.86
CA THR B 469 -5.78 23.80 -20.38
C THR B 469 -5.06 22.84 -19.44
N TYR B 470 -4.78 23.27 -18.22
CA TYR B 470 -4.06 22.41 -17.24
C TYR B 470 -4.91 21.26 -16.87
N ARG B 471 -4.24 20.13 -16.72
CA ARG B 471 -5.03 18.94 -16.42
C ARG B 471 -5.06 18.59 -14.93
N TYR B 472 -4.36 19.35 -14.09
CA TYR B 472 -4.46 19.21 -12.63
C TYR B 472 -4.00 17.83 -12.16
N VAL C 18 35.65 8.10 -36.59
CA VAL C 18 35.10 8.26 -35.24
C VAL C 18 35.42 7.00 -34.42
N ALA C 19 36.49 7.08 -33.64
CA ALA C 19 36.98 5.96 -32.83
C ALA C 19 37.12 4.70 -33.67
N ASP C 20 36.47 3.62 -33.25
CA ASP C 20 36.50 2.35 -33.96
C ASP C 20 35.14 2.04 -34.54
N ILE C 21 35.11 1.59 -35.79
CA ILE C 21 33.89 1.09 -36.39
C ILE C 21 33.64 -0.37 -36.03
N THR C 22 34.69 -1.11 -35.64
CA THR C 22 34.54 -2.50 -35.27
C THR C 22 33.80 -2.68 -33.94
N LEU C 23 33.70 -1.64 -33.12
CA LEU C 23 33.02 -1.75 -31.84
C LEU C 23 31.51 -1.58 -31.94
N ALA C 24 30.99 -1.32 -33.14
CA ALA C 24 29.55 -1.22 -33.32
C ALA C 24 28.84 -2.55 -33.06
N ALA C 25 29.58 -3.66 -33.04
CA ALA C 25 28.96 -4.96 -32.75
C ALA C 25 28.39 -5.00 -31.35
N TRP C 26 29.11 -4.43 -30.38
CA TRP C 26 28.58 -4.34 -29.01
C TRP C 26 27.30 -3.52 -28.98
N GLY C 27 27.26 -2.40 -29.70
CA GLY C 27 26.05 -1.62 -29.81
C GLY C 27 24.90 -2.37 -30.45
N ARG C 28 25.22 -3.28 -31.39
CA ARG C 28 24.18 -4.05 -32.05
C ARG C 28 23.41 -4.91 -31.06
N ARG C 29 24.12 -5.72 -30.26
CA ARG C 29 23.42 -6.56 -29.29
C ARG C 29 22.88 -5.74 -28.13
N GLU C 30 23.49 -4.58 -27.85
CA GLU C 30 22.93 -3.68 -26.85
C GLU C 30 21.56 -3.18 -27.29
N LEU C 31 21.41 -2.84 -28.57
CA LEU C 31 20.10 -2.53 -29.11
C LEU C 31 19.18 -3.75 -29.08
N ILE C 32 19.73 -4.92 -29.43
CA ILE C 32 18.91 -6.13 -29.56
C ILE C 32 18.25 -6.47 -28.23
N ILE C 33 19.02 -6.40 -27.14
CA ILE C 33 18.44 -6.68 -25.83
C ILE C 33 17.44 -5.59 -25.44
N ALA C 34 17.72 -4.34 -25.82
CA ALA C 34 16.80 -3.25 -25.50
C ALA C 34 15.48 -3.41 -26.23
N GLU C 35 15.51 -3.93 -27.46
CA GLU C 35 14.32 -4.04 -28.29
C GLU C 35 13.22 -4.85 -27.62
N SER C 36 13.57 -5.74 -26.69
CA SER C 36 12.57 -6.57 -26.03
C SER C 36 11.60 -5.77 -25.17
N GLU C 37 11.96 -4.53 -24.80
CA GLU C 37 11.17 -3.75 -23.85
C GLU C 37 10.45 -2.57 -24.50
N MET C 38 10.31 -2.56 -25.83
CA MET C 38 9.51 -1.57 -26.54
C MET C 38 8.48 -2.29 -27.39
N PRO C 39 7.37 -2.75 -26.79
CA PRO C 39 6.37 -3.46 -27.58
C PRO C 39 5.61 -2.58 -28.57
N ALA C 40 5.38 -1.31 -28.25
CA ALA C 40 4.59 -0.46 -29.13
C ALA C 40 5.33 -0.16 -30.43
N LEU C 41 6.60 0.24 -30.33
CA LEU C 41 7.38 0.52 -31.53
C LEU C 41 7.44 -0.71 -32.43
N MET C 42 7.62 -1.89 -31.84
CA MET C 42 7.74 -3.11 -32.63
C MET C 42 6.40 -3.50 -33.25
N GLY C 43 5.31 -3.29 -32.52
CA GLY C 43 4.00 -3.57 -33.09
C GLY C 43 3.68 -2.68 -34.27
N LEU C 44 3.95 -1.38 -34.15
CA LEU C 44 3.77 -0.48 -35.29
C LEU C 44 4.70 -0.84 -36.44
N ARG C 45 5.93 -1.27 -36.14
CA ARG C 45 6.83 -1.70 -37.22
C ARG C 45 6.28 -2.92 -37.95
N ARG C 46 5.78 -3.90 -37.21
CA ARG C 46 5.32 -5.14 -37.83
C ARG C 46 4.01 -4.94 -38.59
N LYS C 47 3.08 -4.18 -38.02
CA LYS C 47 1.77 -4.02 -38.64
C LYS C 47 1.84 -3.29 -39.96
N TYR C 48 2.73 -2.31 -40.08
CA TYR C 48 2.79 -1.45 -41.26
C TYR C 48 3.68 -1.98 -42.37
N ALA C 49 4.24 -3.19 -42.21
CA ALA C 49 5.09 -3.76 -43.25
C ALA C 49 4.26 -4.07 -44.50
N GLY C 50 4.81 -3.74 -45.66
CA GLY C 50 4.13 -3.95 -46.94
C GLY C 50 3.25 -2.79 -47.35
N GLN C 51 2.46 -2.25 -46.41
CA GLN C 51 1.62 -1.11 -46.72
C GLN C 51 2.48 0.10 -47.08
N GLN C 52 3.60 0.28 -46.38
CA GLN C 52 4.59 1.32 -46.64
C GLN C 52 3.99 2.71 -46.57
N PRO C 53 3.58 3.18 -45.39
CA PRO C 53 3.04 4.55 -45.30
C PRO C 53 4.03 5.62 -45.70
N LEU C 54 5.32 5.42 -45.41
CA LEU C 54 6.33 6.46 -45.56
C LEU C 54 7.15 6.30 -46.84
N LYS C 55 6.56 5.75 -47.89
CA LYS C 55 7.26 5.62 -49.16
C LYS C 55 7.42 6.98 -49.81
N GLY C 56 8.67 7.38 -50.08
CA GLY C 56 8.96 8.66 -50.69
C GLY C 56 9.19 9.79 -49.72
N ALA C 57 8.98 9.58 -48.44
CA ALA C 57 9.20 10.63 -47.45
C ALA C 57 10.69 10.87 -47.22
N LYS C 58 11.03 12.11 -46.90
CA LYS C 58 12.41 12.51 -46.63
C LYS C 58 12.41 13.30 -45.33
N ILE C 59 13.11 12.76 -44.32
CA ILE C 59 12.94 13.20 -42.94
C ILE C 59 14.27 13.72 -42.41
N LEU C 60 14.20 14.83 -41.66
CA LEU C 60 15.33 15.37 -40.91
C LEU C 60 15.04 15.26 -39.43
N GLY C 61 16.01 14.78 -38.67
CA GLY C 61 15.86 14.61 -37.24
C GLY C 61 17.03 15.20 -36.50
N CYS C 62 16.76 15.66 -35.27
CA CYS C 62 17.81 16.31 -34.50
C CYS C 62 17.72 15.96 -33.02
N ILE C 63 16.96 14.91 -32.67
CA ILE C 63 16.82 14.51 -31.27
C ILE C 63 18.13 13.92 -30.75
N HIS C 64 18.37 14.11 -29.45
CA HIS C 64 19.61 13.63 -28.84
C HIS C 64 19.78 12.12 -29.03
N MET C 65 21.02 11.73 -29.34
CA MET C 65 21.31 10.36 -29.75
C MET C 65 21.54 9.48 -28.52
N THR C 66 20.68 8.48 -28.34
CA THR C 66 20.82 7.50 -27.26
C THR C 66 20.49 6.12 -27.83
N ILE C 67 20.33 5.15 -26.92
CA ILE C 67 19.99 3.79 -27.33
C ILE C 67 18.60 3.74 -27.93
N GLN C 68 17.62 4.37 -27.27
CA GLN C 68 16.25 4.37 -27.77
C GLN C 68 16.11 5.24 -29.01
N THR C 69 16.92 6.30 -29.11
CA THR C 69 16.94 7.10 -30.32
C THR C 69 17.28 6.24 -31.54
N GLY C 70 18.29 5.39 -31.40
CA GLY C 70 18.63 4.47 -32.48
C GLY C 70 17.46 3.57 -32.85
N VAL C 71 16.67 3.17 -31.86
CA VAL C 71 15.44 2.42 -32.13
C VAL C 71 14.50 3.26 -32.98
N LEU C 72 14.40 4.56 -32.68
CA LEU C 72 13.53 5.43 -33.47
C LEU C 72 14.00 5.51 -34.93
N ILE C 73 15.31 5.72 -35.14
CA ILE C 73 15.79 5.77 -36.53
C ILE C 73 15.59 4.44 -37.24
N GLU C 74 15.87 3.32 -36.56
CA GLU C 74 15.75 2.04 -37.25
C GLU C 74 14.29 1.68 -37.53
N THR C 75 13.35 2.19 -36.73
CA THR C 75 11.94 1.92 -37.03
C THR C 75 11.38 2.87 -38.08
N LEU C 76 11.93 4.09 -38.19
CA LEU C 76 11.48 4.98 -39.25
C LEU C 76 11.90 4.46 -40.63
N VAL C 77 13.13 3.97 -40.76
CA VAL C 77 13.65 3.55 -42.05
C VAL C 77 13.05 2.22 -42.50
N ALA C 78 12.45 1.46 -41.59
CA ALA C 78 11.89 0.17 -41.96
C ALA C 78 10.62 0.31 -42.79
N LEU C 79 9.89 1.41 -42.63
CA LEU C 79 8.63 1.61 -43.32
C LEU C 79 8.79 2.23 -44.70
N GLY C 80 10.00 2.53 -45.13
CA GLY C 80 10.26 3.02 -46.46
C GLY C 80 10.70 4.47 -46.58
N ALA C 81 11.10 5.10 -45.49
CA ALA C 81 11.53 6.49 -45.50
C ALA C 81 13.05 6.58 -45.39
N GLU C 82 13.60 7.69 -45.88
CA GLU C 82 15.00 8.02 -45.76
C GLU C 82 15.17 9.16 -44.77
N VAL C 83 16.18 9.06 -43.90
CA VAL C 83 16.39 10.02 -42.84
C VAL C 83 17.83 10.50 -42.81
N ARG C 84 18.02 11.73 -42.37
CA ARG C 84 19.32 12.29 -42.02
C ARG C 84 19.22 12.86 -40.61
N TRP C 85 20.22 12.59 -39.78
CA TRP C 85 20.10 12.84 -38.35
C TRP C 85 21.30 13.60 -37.82
N SER C 86 21.08 14.33 -36.73
CA SER C 86 22.12 15.03 -35.98
C SER C 86 21.61 15.22 -34.56
N SER C 87 22.33 16.01 -33.77
CA SER C 87 22.00 16.22 -32.36
C SER C 87 21.87 17.71 -32.08
N CYS C 88 20.74 18.10 -31.47
CA CYS C 88 20.56 19.48 -31.05
C CYS C 88 21.40 19.81 -29.82
N ASN C 89 21.62 18.82 -28.96
CA ASN C 89 22.28 19.05 -27.69
C ASN C 89 23.78 19.00 -27.84
N ILE C 90 24.46 19.60 -26.86
CA ILE C 90 25.92 19.65 -26.84
C ILE C 90 26.52 18.46 -26.11
N PHE C 91 26.04 18.20 -24.90
CA PHE C 91 26.65 17.20 -24.02
C PHE C 91 26.01 15.82 -24.14
N SER C 92 24.79 15.73 -24.65
CA SER C 92 24.04 14.47 -24.67
C SER C 92 24.32 13.74 -25.98
N THR C 93 25.23 12.77 -25.94
CA THR C 93 25.51 11.91 -27.08
C THR C 93 26.12 10.61 -26.58
N GLN C 94 25.54 9.48 -26.98
CA GLN C 94 26.09 8.16 -26.69
C GLN C 94 26.71 7.63 -27.97
N ASP C 95 28.04 7.47 -27.97
CA ASP C 95 28.76 7.12 -29.19
C ASP C 95 28.49 5.69 -29.64
N GLN C 96 28.10 4.79 -28.73
CA GLN C 96 27.88 3.40 -29.10
C GLN C 96 26.69 3.25 -30.04
N ALA C 97 25.58 3.94 -29.74
CA ALA C 97 24.35 3.73 -30.50
C ALA C 97 24.46 4.26 -31.93
N ALA C 98 25.09 5.43 -32.10
CA ALA C 98 25.20 6.01 -33.43
C ALA C 98 26.05 5.16 -34.35
N ALA C 99 27.05 4.45 -33.81
CA ALA C 99 27.89 3.61 -34.64
C ALA C 99 27.09 2.49 -35.30
N ALA C 100 26.15 1.89 -34.55
CA ALA C 100 25.35 0.81 -35.10
C ALA C 100 24.50 1.29 -36.28
N ILE C 101 23.86 2.45 -36.13
CA ILE C 101 23.02 2.97 -37.21
C ILE C 101 23.88 3.37 -38.41
N ALA C 102 25.03 4.00 -38.15
CA ALA C 102 25.93 4.38 -39.23
C ALA C 102 26.41 3.16 -40.01
N ALA C 103 26.74 2.07 -39.30
CA ALA C 103 27.10 0.83 -39.98
C ALA C 103 25.90 0.23 -40.72
N ALA C 104 24.70 0.41 -40.18
CA ALA C 104 23.50 -0.05 -40.88
C ALA C 104 23.29 0.70 -42.19
N GLY C 105 23.76 1.95 -42.26
CA GLY C 105 23.76 2.64 -43.54
C GLY C 105 22.95 3.91 -43.61
N ILE C 106 22.84 4.62 -42.49
CA ILE C 106 22.12 5.89 -42.41
C ILE C 106 23.11 6.96 -41.99
N PRO C 107 23.17 8.10 -42.68
CA PRO C 107 24.16 9.13 -42.32
C PRO C 107 23.85 9.75 -40.97
N VAL C 108 24.86 9.74 -40.09
CA VAL C 108 24.74 10.28 -38.74
C VAL C 108 25.88 11.27 -38.52
N PHE C 109 25.59 12.32 -37.74
CA PHE C 109 26.58 13.36 -37.47
C PHE C 109 26.59 13.81 -36.01
N ALA C 110 26.34 12.89 -35.08
CA ALA C 110 26.33 13.21 -33.66
C ALA C 110 27.62 12.72 -33.02
N TRP C 111 28.41 13.65 -32.50
CA TRP C 111 29.63 13.32 -31.78
C TRP C 111 29.93 14.38 -30.74
N LYS C 112 30.85 14.05 -29.84
CA LYS C 112 31.16 14.90 -28.68
C LYS C 112 32.39 15.77 -28.98
N GLY C 113 32.16 16.79 -29.82
CA GLY C 113 33.23 17.71 -30.15
C GLY C 113 33.58 18.62 -28.99
N GLU C 114 32.58 19.26 -28.39
CA GLU C 114 32.75 20.13 -27.22
C GLU C 114 33.73 21.27 -27.47
N THR C 115 33.76 21.78 -28.70
CA THR C 115 34.62 22.91 -29.05
C THR C 115 33.80 23.96 -29.79
N GLU C 116 34.09 25.23 -29.50
CA GLU C 116 33.33 26.32 -30.11
C GLU C 116 33.53 26.38 -31.62
N GLU C 117 34.71 25.95 -32.09
CA GLU C 117 34.96 25.95 -33.52
C GLU C 117 34.03 25.00 -34.25
N GLU C 118 33.73 23.85 -33.64
CA GLU C 118 32.89 22.85 -34.30
C GLU C 118 31.41 23.24 -34.31
N TYR C 119 30.96 24.03 -33.34
CA TYR C 119 29.54 24.37 -33.29
C TYR C 119 29.11 25.15 -34.50
N GLU C 120 29.91 26.12 -34.94
CA GLU C 120 29.59 26.86 -36.15
C GLU C 120 29.72 25.97 -37.38
N TRP C 121 30.64 24.99 -37.36
CA TRP C 121 30.85 24.15 -38.53
C TRP C 121 29.74 23.11 -38.72
N CYS C 122 29.14 22.63 -37.63
CA CYS C 122 28.20 21.51 -37.74
C CYS C 122 26.85 21.92 -38.32
N ILE C 123 26.42 23.16 -38.09
CA ILE C 123 25.07 23.55 -38.49
C ILE C 123 24.93 23.61 -40.00
N GLU C 124 25.85 24.29 -40.69
CA GLU C 124 25.73 24.38 -42.14
C GLU C 124 26.04 23.05 -42.82
N GLN C 125 26.97 22.26 -42.27
CA GLN C 125 27.35 21.01 -42.89
C GLN C 125 26.23 19.97 -42.86
N THR C 126 25.24 20.15 -41.96
CA THR C 126 24.16 19.18 -41.85
C THR C 126 23.32 19.14 -43.12
N ILE C 127 22.99 20.30 -43.68
CA ILE C 127 22.08 20.40 -44.81
C ILE C 127 22.84 20.53 -46.13
N LEU C 128 23.95 21.27 -46.14
CA LEU C 128 24.72 21.51 -47.35
C LEU C 128 25.99 20.66 -47.30
N LYS C 129 26.19 19.83 -48.33
CA LYS C 129 27.34 18.94 -48.39
C LYS C 129 28.48 19.49 -49.23
N ASP C 130 28.19 19.94 -50.46
CA ASP C 130 29.24 20.34 -51.39
C ASP C 130 28.87 21.56 -52.22
N GLY C 131 27.77 22.24 -51.92
CA GLY C 131 27.31 23.37 -52.71
C GLY C 131 25.96 23.18 -53.36
N GLN C 132 25.36 21.98 -53.28
CA GLN C 132 24.06 21.73 -53.88
C GLN C 132 23.05 21.42 -52.79
N PRO C 133 21.94 22.16 -52.74
CA PRO C 133 20.98 21.96 -51.63
C PRO C 133 20.27 20.63 -51.70
N TRP C 134 19.90 20.11 -50.53
CA TRP C 134 19.21 18.83 -50.43
C TRP C 134 17.70 19.03 -50.47
N ASP C 135 17.00 17.99 -50.90
CA ASP C 135 15.54 18.04 -51.09
C ASP C 135 14.83 17.55 -49.82
N ALA C 136 14.93 18.37 -48.78
CA ALA C 136 14.30 18.03 -47.51
C ALA C 136 12.78 18.17 -47.60
N ASN C 137 12.08 17.30 -46.89
CA ASN C 137 10.62 17.31 -46.86
C ASN C 137 10.03 17.29 -45.46
N MET C 138 10.74 16.76 -44.46
CA MET C 138 10.28 16.75 -43.08
C MET C 138 11.42 17.17 -42.17
N VAL C 139 11.08 17.74 -41.02
CA VAL C 139 12.05 18.17 -40.02
C VAL C 139 11.58 17.72 -38.65
N LEU C 140 12.49 17.17 -37.86
CA LEU C 140 12.27 16.90 -36.44
C LEU C 140 13.23 17.77 -35.65
N ASP C 141 12.67 18.66 -34.83
CA ASP C 141 13.45 19.61 -34.05
C ASP C 141 13.37 19.26 -32.57
N ASP C 142 14.41 19.64 -31.84
CA ASP C 142 14.56 19.31 -30.42
C ASP C 142 14.87 20.57 -29.62
N GLY C 143 14.07 21.61 -29.83
CA GLY C 143 14.27 22.86 -29.14
C GLY C 143 13.95 24.08 -29.98
N GLY C 144 13.88 23.90 -31.30
CA GLY C 144 13.57 24.98 -32.20
C GLY C 144 14.73 25.58 -32.96
N ASP C 145 15.94 24.99 -32.84
CA ASP C 145 17.10 25.55 -33.54
C ASP C 145 16.95 25.41 -35.05
N LEU C 146 16.47 24.25 -35.52
CA LEU C 146 16.28 24.07 -36.96
C LEU C 146 15.20 25.00 -37.50
N THR C 147 14.13 25.21 -36.73
CA THR C 147 13.05 26.08 -37.19
C THR C 147 13.54 27.50 -37.41
N GLU C 148 14.41 28.00 -36.51
CA GLU C 148 14.94 29.34 -36.67
C GLU C 148 15.81 29.45 -37.92
N ILE C 149 16.76 28.55 -38.08
CA ILE C 149 17.70 28.65 -39.20
C ILE C 149 17.00 28.38 -40.52
N LEU C 150 15.95 27.57 -40.52
CA LEU C 150 15.24 27.29 -41.77
C LEU C 150 14.50 28.53 -42.27
N HIS C 151 13.76 29.19 -41.40
CA HIS C 151 12.98 30.35 -41.83
C HIS C 151 13.84 31.60 -42.00
N LYS C 152 14.92 31.72 -41.24
CA LYS C 152 15.72 32.94 -41.24
C LYS C 152 16.82 32.92 -42.30
N LYS C 153 17.48 31.79 -42.50
CA LYS C 153 18.74 31.78 -43.22
C LYS C 153 18.69 31.02 -44.54
N TYR C 154 17.82 29.99 -44.65
CA TYR C 154 17.46 29.34 -45.92
C TYR C 154 15.95 29.38 -46.14
N PRO C 155 15.41 30.52 -46.59
CA PRO C 155 13.98 30.57 -46.94
C PRO C 155 13.66 30.04 -48.33
N GLN C 156 14.68 29.78 -49.16
CA GLN C 156 14.42 29.44 -50.56
C GLN C 156 13.75 28.08 -50.72
N MET C 157 13.96 27.17 -49.77
CA MET C 157 13.46 25.81 -49.88
C MET C 157 12.19 25.57 -49.08
N LEU C 158 11.56 26.61 -48.55
CA LEU C 158 10.40 26.45 -47.70
C LEU C 158 9.19 25.92 -48.46
N GLU C 159 9.15 26.08 -49.78
CA GLU C 159 7.98 25.68 -50.57
C GLU C 159 7.81 24.17 -50.63
N ARG C 160 8.88 23.39 -50.42
CA ARG C 160 8.83 21.95 -50.56
C ARG C 160 8.64 21.22 -49.23
N ILE C 161 8.81 21.89 -48.10
CA ILE C 161 8.71 21.25 -46.80
C ILE C 161 7.24 21.13 -46.42
N HIS C 162 6.80 19.93 -46.07
CA HIS C 162 5.42 19.70 -45.69
C HIS C 162 5.11 20.19 -44.28
N GLY C 163 6.04 20.05 -43.33
CA GLY C 163 5.79 20.51 -41.99
C GLY C 163 6.89 20.10 -41.03
N ILE C 164 6.71 20.51 -39.78
CA ILE C 164 7.65 20.27 -38.69
C ILE C 164 6.88 19.66 -37.52
N THR C 165 7.55 18.81 -36.75
CA THR C 165 6.98 18.26 -35.52
C THR C 165 7.95 18.53 -34.37
N GLU C 166 7.44 19.12 -33.29
CA GLU C 166 8.25 19.47 -32.13
C GLU C 166 7.62 18.89 -30.88
N GLU C 167 8.48 18.42 -29.97
CA GLU C 167 8.03 17.74 -28.75
C GLU C 167 8.33 18.50 -27.48
N THR C 168 8.92 19.70 -27.55
CA THR C 168 9.27 20.48 -26.38
C THR C 168 8.44 21.76 -26.34
N THR C 169 8.04 22.16 -25.13
CA THR C 169 7.17 23.33 -24.97
C THR C 169 7.92 24.63 -25.24
N THR C 170 9.21 24.69 -24.90
CA THR C 170 9.98 25.91 -25.14
C THR C 170 10.02 26.27 -26.61
N GLY C 171 10.11 25.26 -27.48
CA GLY C 171 9.98 25.51 -28.91
C GLY C 171 8.56 25.78 -29.34
N VAL C 172 7.58 25.26 -28.61
CA VAL C 172 6.18 25.52 -28.93
C VAL C 172 5.85 27.00 -28.71
N HIS C 173 6.32 27.57 -27.60
CA HIS C 173 6.09 28.99 -27.34
C HIS C 173 6.77 29.86 -28.40
N ARG C 174 8.01 29.52 -28.75
CA ARG C 174 8.70 30.24 -29.82
C ARG C 174 7.94 30.10 -31.14
N LEU C 175 7.43 28.90 -31.41
CA LEU C 175 6.69 28.66 -32.65
C LEU C 175 5.43 29.51 -32.70
N LEU C 176 4.69 29.58 -31.58
CA LEU C 176 3.45 30.34 -31.56
C LEU C 176 3.70 31.84 -31.65
N ASP C 177 4.73 32.34 -30.95
CA ASP C 177 5.08 33.75 -31.07
C ASP C 177 5.52 34.08 -32.49
N MET C 178 6.22 33.15 -33.13
CA MET C 178 6.65 33.32 -34.51
C MET C 178 5.47 33.33 -35.47
N LEU C 179 4.39 32.59 -35.13
CA LEU C 179 3.22 32.54 -36.00
C LEU C 179 2.62 33.92 -36.22
N LYS C 180 2.53 34.73 -35.17
CA LYS C 180 1.94 36.07 -35.31
C LYS C 180 2.78 36.95 -36.24
N ASN C 181 4.10 36.88 -36.12
CA ASN C 181 4.98 37.73 -36.93
C ASN C 181 4.95 37.36 -38.40
N GLY C 182 4.37 36.22 -38.77
CA GLY C 182 4.27 35.81 -40.15
C GLY C 182 5.51 35.14 -40.72
N THR C 183 6.54 34.92 -39.91
CA THR C 183 7.74 34.26 -40.42
C THR C 183 7.48 32.78 -40.68
N LEU C 184 6.61 32.15 -39.88
CA LEU C 184 6.22 30.77 -40.12
C LEU C 184 5.52 30.66 -41.47
N LYS C 185 5.87 29.62 -42.23
CA LYS C 185 5.31 29.42 -43.55
C LYS C 185 4.68 28.05 -43.78
N VAL C 186 5.12 27.02 -43.05
CA VAL C 186 4.55 25.69 -43.20
C VAL C 186 4.07 25.20 -41.84
N PRO C 187 3.01 24.39 -41.79
CA PRO C 187 2.37 24.06 -40.51
C PRO C 187 3.24 23.16 -39.65
N ALA C 188 2.79 22.98 -38.41
CA ALA C 188 3.49 22.17 -37.43
C ALA C 188 2.50 21.56 -36.46
N ILE C 189 2.93 20.50 -35.78
CA ILE C 189 2.11 19.81 -34.78
C ILE C 189 2.94 19.62 -33.52
N ASN C 190 2.37 20.00 -32.38
CA ASN C 190 2.98 19.76 -31.08
C ASN C 190 2.31 18.59 -30.37
N VAL C 191 3.08 17.93 -29.49
CA VAL C 191 2.64 16.69 -28.86
C VAL C 191 2.78 16.70 -27.35
N ASN C 192 3.21 17.82 -26.75
CA ASN C 192 3.44 17.85 -25.32
C ASN C 192 2.15 17.64 -24.52
N ASP C 193 1.05 18.23 -24.98
CA ASP C 193 -0.21 18.16 -24.26
C ASP C 193 -0.86 16.78 -24.31
N SER C 194 -0.32 15.84 -25.09
CA SER C 194 -0.89 14.51 -25.19
C SER C 194 -0.80 13.77 -23.86
N VAL C 195 -1.78 12.90 -23.61
CA VAL C 195 -1.85 12.18 -22.35
C VAL C 195 -0.69 11.20 -22.24
N THR C 196 -0.48 10.37 -23.26
CA THR C 196 0.57 9.36 -23.25
C THR C 196 1.96 9.96 -23.31
N LYS C 197 2.09 11.25 -23.59
CA LYS C 197 3.37 11.94 -23.47
C LYS C 197 3.52 12.56 -22.09
N SER C 198 2.52 13.32 -21.64
CA SER C 198 2.64 14.08 -20.41
C SER C 198 2.73 13.15 -19.20
N LYS C 199 1.81 12.18 -19.08
CA LYS C 199 1.79 11.37 -17.87
C LYS C 199 3.00 10.44 -17.78
N ASN C 200 3.47 9.91 -18.92
CA ASN C 200 4.64 9.05 -18.87
C ASN C 200 5.92 9.85 -18.65
N ASP C 201 6.04 11.02 -19.27
CA ASP C 201 7.26 11.80 -19.12
C ASP C 201 7.39 12.40 -17.73
N ASN C 202 6.27 12.75 -17.09
CA ASN C 202 6.29 13.54 -15.86
C ASN C 202 6.11 12.71 -14.60
N LYS C 203 4.99 11.97 -14.49
CA LYS C 203 4.65 11.36 -13.22
C LYS C 203 5.37 10.02 -13.02
N TYR C 204 5.17 9.08 -13.94
CA TYR C 204 5.85 7.79 -13.83
C TYR C 204 7.36 7.91 -13.97
N GLY C 205 7.84 8.97 -14.63
CA GLY C 205 9.27 9.11 -14.83
C GLY C 205 10.05 9.31 -13.55
N CYS C 206 9.56 10.19 -12.68
CA CYS C 206 10.25 10.48 -11.43
C CYS C 206 9.85 9.55 -10.29
N ARG C 207 8.65 8.97 -10.38
CA ARG C 207 8.22 8.01 -9.36
C ARG C 207 9.15 6.80 -9.32
N HIS C 208 9.57 6.32 -10.49
CA HIS C 208 10.49 5.20 -10.55
C HIS C 208 11.92 5.59 -10.20
N SER C 209 12.31 6.83 -10.48
CA SER C 209 13.72 7.20 -10.46
C SER C 209 14.17 7.89 -9.18
N LEU C 210 13.29 8.59 -8.46
CA LEU C 210 13.73 9.42 -7.35
C LEU C 210 14.32 8.58 -6.22
N ASN C 211 13.57 7.58 -5.74
CA ASN C 211 14.06 6.78 -4.63
C ASN C 211 15.22 5.87 -5.02
N ASP C 212 15.35 5.54 -6.31
CA ASP C 212 16.53 4.82 -6.77
C ASP C 212 17.76 5.73 -6.77
N ALA C 213 17.59 6.98 -7.19
CA ALA C 213 18.71 7.91 -7.21
C ALA C 213 19.15 8.29 -5.80
N ILE C 214 18.20 8.41 -4.86
CA ILE C 214 18.57 8.72 -3.48
C ILE C 214 19.38 7.58 -2.87
N LYS C 215 18.93 6.34 -3.05
CA LYS C 215 19.55 5.21 -2.39
C LYS C 215 20.91 4.84 -2.98
N ARG C 216 21.16 5.19 -4.25
CA ARG C 216 22.49 4.99 -4.80
C ARG C 216 23.47 6.03 -4.27
N GLY C 217 22.99 7.22 -3.94
CA GLY C 217 23.86 8.29 -3.49
C GLY C 217 24.32 8.16 -2.05
N THR C 218 23.37 8.00 -1.12
CA THR C 218 23.68 8.02 0.30
C THR C 218 23.58 6.66 0.98
N ASP C 219 22.81 5.72 0.43
CA ASP C 219 22.61 4.39 1.00
C ASP C 219 21.93 4.44 2.37
N HIS C 220 21.33 5.57 2.72
CA HIS C 220 20.74 5.74 4.04
C HIS C 220 19.51 4.86 4.21
N LEU C 221 19.29 4.40 5.44
CA LEU C 221 18.02 3.75 5.78
C LEU C 221 16.91 4.77 5.59
N LEU C 222 16.17 4.69 4.49
CA LEU C 222 15.21 5.77 4.15
C LEU C 222 13.96 5.80 5.04
N SER C 223 13.60 4.67 5.67
CA SER C 223 12.37 4.60 6.44
C SER C 223 12.57 5.21 7.82
N GLY C 224 11.61 6.05 8.24
CA GLY C 224 11.58 6.62 9.56
C GLY C 224 11.98 8.08 9.64
N LYS C 225 12.62 8.62 8.62
CA LYS C 225 13.08 10.00 8.66
C LYS C 225 12.00 10.96 8.13
N GLN C 226 12.27 12.25 8.27
CA GLN C 226 11.29 13.29 8.00
C GLN C 226 11.74 14.12 6.79
N ALA C 227 10.84 14.27 5.82
CA ALA C 227 11.16 14.93 4.56
C ALA C 227 10.17 16.05 4.27
N LEU C 228 10.61 16.99 3.43
CA LEU C 228 9.80 18.11 2.99
C LEU C 228 9.84 18.20 1.48
N VAL C 229 8.69 18.46 0.86
CA VAL C 229 8.57 18.61 -0.59
C VAL C 229 7.93 19.97 -0.87
N ILE C 230 8.57 20.75 -1.74
CA ILE C 230 8.10 22.07 -2.10
C ILE C 230 7.43 21.96 -3.46
N GLY C 231 6.11 21.98 -3.47
CA GLY C 231 5.35 21.89 -4.70
C GLY C 231 4.63 20.55 -4.81
N TYR C 232 3.47 20.58 -5.46
CA TYR C 232 2.68 19.37 -5.68
C TYR C 232 2.17 19.31 -7.12
N GLY C 233 2.95 19.81 -8.07
CA GLY C 233 2.58 19.76 -9.46
C GLY C 233 2.57 18.32 -9.97
N ASP C 234 2.44 18.21 -11.30
CA ASP C 234 2.32 16.89 -11.89
C ASP C 234 3.59 16.07 -11.70
N VAL C 235 4.75 16.71 -11.73
CA VAL C 235 5.99 16.06 -11.29
C VAL C 235 5.99 15.89 -9.78
N GLY C 236 5.48 16.89 -9.05
CA GLY C 236 5.53 16.85 -7.60
C GLY C 236 4.78 15.68 -7.01
N LYS C 237 3.63 15.32 -7.58
CA LYS C 237 2.88 14.17 -7.10
C LYS C 237 3.69 12.89 -7.25
N GLY C 238 4.34 12.71 -8.40
CA GLY C 238 5.15 11.52 -8.60
C GLY C 238 6.34 11.47 -7.67
N SER C 239 6.98 12.63 -7.42
CA SER C 239 8.10 12.66 -6.49
C SER C 239 7.64 12.37 -5.07
N SER C 240 6.46 12.83 -4.69
CA SER C 240 5.96 12.64 -3.34
C SER C 240 5.46 11.21 -3.11
N GLN C 241 4.96 10.54 -4.15
CA GLN C 241 4.51 9.17 -3.97
C GLN C 241 5.68 8.21 -3.85
N SER C 242 6.83 8.55 -4.45
CA SER C 242 8.00 7.68 -4.36
C SER C 242 8.47 7.54 -2.92
N LEU C 243 8.44 8.63 -2.15
CA LEU C 243 9.00 8.62 -0.81
C LEU C 243 8.08 7.93 0.19
N ARG C 244 6.76 8.14 0.06
CA ARG C 244 5.82 7.61 1.05
C ARG C 244 5.75 6.09 1.03
N GLN C 245 6.04 5.47 -0.12
CA GLN C 245 5.99 4.02 -0.23
C GLN C 245 7.22 3.34 0.37
N GLU C 246 8.29 4.09 0.64
CA GLU C 246 9.49 3.51 1.21
C GLU C 246 9.45 3.47 2.73
N GLY C 247 8.72 4.41 3.36
CA GLY C 247 8.60 4.41 4.80
C GLY C 247 8.94 5.73 5.46
N MET C 248 8.94 6.82 4.70
CA MET C 248 9.23 8.13 5.27
C MET C 248 7.99 8.72 5.93
N ILE C 249 8.17 9.96 6.41
CA ILE C 249 7.09 10.90 6.64
C ILE C 249 7.46 12.19 5.91
N VAL C 250 6.52 12.75 5.15
CA VAL C 250 6.82 13.83 4.24
C VAL C 250 5.82 14.96 4.43
N LYS C 251 6.26 16.18 4.10
CA LYS C 251 5.46 17.39 4.21
C LYS C 251 5.46 18.12 2.88
N VAL C 252 4.40 18.90 2.65
CA VAL C 252 4.18 19.59 1.38
C VAL C 252 3.97 21.08 1.64
N ALA C 253 4.62 21.91 0.81
CA ALA C 253 4.45 23.35 0.85
C ALA C 253 4.10 23.84 -0.55
N GLU C 254 3.18 24.79 -0.64
CA GLU C 254 2.66 25.18 -1.94
C GLU C 254 2.00 26.56 -1.85
N VAL C 255 1.79 27.16 -3.04
CA VAL C 255 1.14 28.46 -3.16
C VAL C 255 -0.20 28.40 -3.88
N ASP C 256 -0.59 27.25 -4.45
CA ASP C 256 -1.84 27.15 -5.19
C ASP C 256 -2.89 26.46 -4.34
N PRO C 257 -4.02 27.11 -4.02
CA PRO C 257 -5.03 26.47 -3.16
C PRO C 257 -5.58 25.15 -3.72
N ILE C 258 -5.82 25.07 -5.03
CA ILE C 258 -6.49 23.90 -5.58
C ILE C 258 -5.59 22.67 -5.49
N CYS C 259 -4.34 22.78 -5.94
CA CYS C 259 -3.46 21.63 -5.92
C CYS C 259 -2.98 21.30 -4.51
N ALA C 260 -3.02 22.27 -3.59
CA ALA C 260 -2.71 21.97 -2.19
C ALA C 260 -3.82 21.14 -1.54
N MET C 261 -5.06 21.33 -1.98
CA MET C 261 -6.18 20.59 -1.41
C MET C 261 -6.09 19.10 -1.68
N GLN C 262 -5.42 18.71 -2.77
CA GLN C 262 -5.27 17.29 -3.08
C GLN C 262 -4.32 16.60 -2.11
N ALA C 263 -3.26 17.29 -1.69
CA ALA C 263 -2.31 16.70 -0.76
C ALA C 263 -2.96 16.41 0.58
N CYS C 264 -3.85 17.29 1.04
CA CYS C 264 -4.56 17.04 2.29
C CYS C 264 -5.42 15.79 2.18
N MET C 265 -6.03 15.57 1.03
CA MET C 265 -6.86 14.38 0.84
C MET C 265 -6.02 13.12 0.67
N ASP C 266 -4.84 13.22 0.08
CA ASP C 266 -3.97 12.06 -0.10
C ASP C 266 -3.30 11.62 1.20
N GLY C 267 -3.41 12.40 2.27
CA GLY C 267 -2.86 12.04 3.55
C GLY C 267 -1.58 12.74 3.95
N PHE C 268 -1.42 14.01 3.60
CA PHE C 268 -0.22 14.77 3.91
C PHE C 268 -0.56 15.88 4.90
N GLU C 269 0.43 16.72 5.19
CA GLU C 269 0.24 17.92 6.00
C GLU C 269 0.88 19.08 5.28
N VAL C 270 0.14 20.19 5.17
CA VAL C 270 0.58 21.36 4.41
C VAL C 270 1.15 22.39 5.39
N VAL C 271 2.37 22.86 5.11
CA VAL C 271 3.09 23.78 5.98
C VAL C 271 3.82 24.80 5.12
N SER C 272 4.45 25.77 5.80
CA SER C 272 5.22 26.80 5.13
C SER C 272 6.50 27.07 5.91
N PRO C 273 7.60 27.38 5.23
CA PRO C 273 8.83 27.75 5.94
C PRO C 273 8.79 29.14 6.55
N TYR C 274 7.73 29.91 6.31
CA TYR C 274 7.64 31.30 6.75
C TYR C 274 6.54 31.44 7.79
N LYS C 275 6.72 32.39 8.70
CA LYS C 275 5.73 32.64 9.74
C LYS C 275 4.56 33.45 9.17
N ASN C 276 3.34 32.95 9.41
CA ASN C 276 2.10 33.53 8.90
C ASN C 276 2.00 33.46 7.38
N GLY C 277 3.01 32.86 6.74
CA GLY C 277 3.03 32.72 5.30
C GLY C 277 3.66 33.87 4.55
N ILE C 278 3.83 35.02 5.19
CA ILE C 278 4.43 36.19 4.54
C ILE C 278 5.94 36.15 4.76
N ASN C 279 6.67 36.73 3.81
CA ASN C 279 8.13 36.78 3.84
C ASN C 279 8.55 38.25 3.79
N ASP C 280 8.82 38.83 4.96
CA ASP C 280 9.24 40.22 5.03
C ASP C 280 10.74 40.41 4.79
N GLY C 281 11.50 39.32 4.70
CA GLY C 281 12.92 39.40 4.45
C GLY C 281 13.80 39.53 5.67
N THR C 282 13.23 39.55 6.86
CA THR C 282 13.99 39.66 8.10
C THR C 282 14.19 38.29 8.74
N GLU C 283 15.15 38.22 9.66
CA GLU C 283 15.48 36.95 10.31
C GLU C 283 14.34 36.41 11.15
N ALA C 284 13.43 37.27 11.60
CA ALA C 284 12.35 36.85 12.47
C ALA C 284 11.22 36.14 11.74
N SER C 285 11.25 36.09 10.41
CA SER C 285 10.17 35.50 9.64
C SER C 285 10.32 34.00 9.42
N ILE C 286 11.46 33.42 9.78
CA ILE C 286 11.70 32.00 9.53
C ILE C 286 11.09 31.19 10.67
N ASP C 287 10.41 30.10 10.30
CA ASP C 287 9.84 29.17 11.28
C ASP C 287 10.88 28.11 11.59
N ALA C 288 11.57 28.27 12.73
CA ALA C 288 12.59 27.32 13.14
C ALA C 288 12.02 26.10 13.85
N ALA C 289 10.75 26.13 14.25
CA ALA C 289 10.11 24.97 14.87
C ALA C 289 9.79 23.88 13.85
N LEU C 290 9.87 24.17 12.56
CA LEU C 290 9.57 23.21 11.51
C LEU C 290 10.79 22.80 10.72
N LEU C 291 11.76 23.69 10.52
CA LEU C 291 12.97 23.38 9.80
C LEU C 291 13.99 22.62 10.65
N GLY C 292 13.78 22.55 11.96
CA GLY C 292 14.70 21.86 12.84
C GLY C 292 14.55 20.36 12.89
N LYS C 293 13.49 19.81 12.30
CA LYS C 293 13.25 18.37 12.31
C LYS C 293 13.29 17.73 10.93
N ILE C 294 13.56 18.51 9.88
CA ILE C 294 13.54 18.02 8.51
C ILE C 294 14.96 17.69 8.08
N ASP C 295 15.15 16.49 7.51
CA ASP C 295 16.45 16.08 7.03
C ASP C 295 16.50 15.86 5.52
N LEU C 296 15.36 15.99 4.83
CA LEU C 296 15.32 15.87 3.38
C LEU C 296 14.39 16.91 2.82
N ILE C 297 14.87 17.70 1.86
CA ILE C 297 14.06 18.70 1.18
C ILE C 297 14.16 18.46 -0.33
N VAL C 298 13.00 18.40 -0.98
CA VAL C 298 12.91 18.16 -2.42
C VAL C 298 12.13 19.32 -3.03
N THR C 299 12.71 19.97 -4.02
CA THR C 299 12.09 21.09 -4.72
C THR C 299 11.64 20.62 -6.09
N THR C 300 10.34 20.70 -6.36
CA THR C 300 9.77 20.24 -7.62
C THR C 300 9.09 21.38 -8.35
N THR C 301 9.75 22.53 -8.43
CA THR C 301 9.21 23.72 -9.07
C THR C 301 10.13 24.17 -10.20
N GLY C 302 9.73 25.24 -10.87
CA GLY C 302 10.56 25.86 -11.88
C GLY C 302 10.81 27.32 -11.56
N ASN C 303 10.30 27.77 -10.42
CA ASN C 303 10.43 29.15 -9.99
C ASN C 303 11.83 29.41 -9.43
N VAL C 304 12.12 30.67 -9.16
CA VAL C 304 13.44 31.11 -8.73
C VAL C 304 13.42 31.36 -7.22
N ASN C 305 14.49 30.95 -6.55
CA ASN C 305 14.72 31.25 -5.14
C ASN C 305 13.56 30.78 -4.26
N VAL C 306 13.08 29.56 -4.50
CA VAL C 306 12.06 28.98 -3.64
C VAL C 306 12.63 28.48 -2.32
N CYS C 307 13.95 28.42 -2.19
CA CYS C 307 14.62 28.11 -0.93
C CYS C 307 15.65 29.21 -0.68
N ASP C 308 15.40 30.05 0.31
CA ASP C 308 16.24 31.22 0.56
C ASP C 308 17.39 30.85 1.49
N ALA C 309 18.38 31.74 1.55
CA ALA C 309 19.57 31.50 2.36
C ALA C 309 19.25 31.36 3.84
N ASN C 310 18.14 31.94 4.30
CA ASN C 310 17.77 31.83 5.72
C ASN C 310 17.22 30.47 6.08
N MET C 311 16.65 29.74 5.13
CA MET C 311 16.29 28.34 5.39
C MET C 311 17.52 27.47 5.54
N LEU C 312 18.62 27.84 4.87
CA LEU C 312 19.82 27.03 4.89
C LEU C 312 20.62 27.23 6.18
N LYS C 313 20.28 28.25 6.97
CA LYS C 313 20.87 28.51 8.26
C LYS C 313 20.07 27.89 9.41
N ALA C 314 18.91 27.31 9.12
CA ALA C 314 18.04 26.75 10.14
C ALA C 314 17.80 25.26 10.01
N LEU C 315 18.29 24.62 8.95
CA LEU C 315 18.06 23.20 8.75
C LEU C 315 18.80 22.37 9.79
N LYS C 316 18.26 21.19 10.08
CA LYS C 316 18.90 20.29 11.01
C LYS C 316 20.23 19.79 10.43
N LYS C 317 21.14 19.42 11.34
CA LYS C 317 22.45 18.94 10.93
C LYS C 317 22.32 17.65 10.11
N ARG C 318 23.20 17.51 9.12
CA ARG C 318 23.30 16.29 8.31
C ARG C 318 22.02 16.02 7.52
N ALA C 319 21.52 17.05 6.84
CA ALA C 319 20.33 16.94 6.01
C ALA C 319 20.72 16.73 4.55
N VAL C 320 19.73 16.30 3.76
CA VAL C 320 19.93 15.95 2.36
C VAL C 320 19.05 16.86 1.51
N VAL C 321 19.63 17.44 0.46
CA VAL C 321 18.94 18.37 -0.42
C VAL C 321 19.12 17.88 -1.86
N CYS C 322 18.04 17.93 -2.63
CA CYS C 322 18.06 17.52 -4.03
C CYS C 322 17.16 18.43 -4.86
N ASN C 323 17.63 18.77 -6.06
CA ASN C 323 16.87 19.59 -7.00
C ASN C 323 16.64 18.79 -8.27
N ILE C 324 15.39 18.78 -8.73
CA ILE C 324 15.01 18.02 -9.92
C ILE C 324 14.51 18.94 -11.04
N GLY C 325 14.77 20.24 -10.93
CA GLY C 325 14.45 21.17 -12.00
C GLY C 325 15.50 21.19 -13.08
N HIS C 326 15.89 22.38 -13.54
CA HIS C 326 16.93 22.51 -14.55
C HIS C 326 17.99 23.55 -14.24
N PHE C 327 17.73 24.52 -13.38
CA PHE C 327 18.59 25.67 -13.20
C PHE C 327 19.28 25.66 -11.84
N ASP C 328 20.46 26.28 -11.79
CA ASP C 328 21.19 26.47 -10.55
C ASP C 328 20.65 27.62 -9.72
N ASN C 329 19.46 28.13 -10.04
CA ASN C 329 18.93 29.32 -9.39
C ASN C 329 17.62 29.06 -8.64
N GLU C 330 17.12 27.82 -8.62
CA GLU C 330 15.95 27.52 -7.81
C GLU C 330 16.27 27.51 -6.32
N ILE C 331 17.53 27.25 -5.96
CA ILE C 331 17.98 27.31 -4.58
C ILE C 331 19.23 28.17 -4.52
N ASP C 332 19.50 28.73 -3.33
CA ASP C 332 20.51 29.76 -3.16
C ASP C 332 21.89 29.12 -3.03
N THR C 333 22.42 28.66 -4.17
CA THR C 333 23.79 28.20 -4.23
C THR C 333 24.79 29.35 -4.24
N ALA C 334 24.36 30.55 -4.66
CA ALA C 334 25.23 31.71 -4.64
C ALA C 334 25.61 32.10 -3.20
N PHE C 335 24.71 31.90 -2.25
CA PHE C 335 25.02 32.20 -0.86
C PHE C 335 26.05 31.22 -0.30
N MET C 336 26.03 29.97 -0.76
CA MET C 336 27.02 28.96 -0.37
C MET C 336 28.29 29.00 -1.21
N ARG C 337 28.35 29.84 -2.24
CA ARG C 337 29.51 29.86 -3.10
C ARG C 337 30.66 30.68 -2.51
N LYS C 338 30.37 31.57 -1.57
CA LYS C 338 31.42 32.34 -0.91
C LYS C 338 31.47 32.16 0.60
N ASN C 339 30.36 31.79 1.25
CA ASN C 339 30.40 31.64 2.70
C ASN C 339 30.76 30.24 3.16
N TRP C 340 30.37 29.19 2.46
CA TRP C 340 30.62 27.89 3.08
C TRP C 340 31.77 27.22 2.33
N ALA C 341 32.28 26.15 2.90
CA ALA C 341 33.29 25.33 2.24
C ALA C 341 32.62 24.12 1.60
N TRP C 342 33.25 23.61 0.54
CA TRP C 342 32.71 22.50 -0.24
C TRP C 342 33.71 21.34 -0.25
N GLU C 343 33.20 20.13 -0.05
CA GLU C 343 34.00 18.92 -0.10
C GLU C 343 33.21 17.83 -0.80
N GLU C 344 33.93 16.95 -1.51
CA GLU C 344 33.33 15.93 -2.34
C GLU C 344 33.49 14.55 -1.68
N VAL C 345 32.41 13.79 -1.65
CA VAL C 345 32.38 12.48 -0.99
C VAL C 345 32.58 11.35 -1.99
N LYS C 346 31.79 11.37 -3.07
CA LYS C 346 31.76 10.33 -4.09
C LYS C 346 31.68 11.04 -5.43
N PRO C 347 31.62 10.32 -6.58
CA PRO C 347 31.46 11.03 -7.87
C PRO C 347 30.49 12.20 -7.89
N GLN C 348 29.27 12.08 -7.34
CA GLN C 348 28.28 13.16 -7.38
C GLN C 348 27.51 13.37 -6.07
N VAL C 349 28.20 13.36 -4.93
CA VAL C 349 27.61 13.79 -3.66
C VAL C 349 28.64 14.64 -2.92
N HIS C 350 28.16 15.66 -2.20
CA HIS C 350 29.02 16.68 -1.63
C HIS C 350 28.69 16.93 -0.16
N LYS C 351 29.67 17.46 0.56
CA LYS C 351 29.52 17.89 1.94
C LYS C 351 29.72 19.40 2.04
N ILE C 352 28.85 20.06 2.81
CA ILE C 352 28.97 21.50 3.08
C ILE C 352 28.94 21.69 4.59
N HIS C 353 30.04 22.16 5.15
CA HIS C 353 30.22 22.28 6.59
C HIS C 353 29.70 23.63 7.05
N ARG C 354 28.78 23.64 8.01
CA ARG C 354 28.16 24.88 8.45
C ARG C 354 28.80 25.47 9.71
N THR C 355 30.11 25.29 9.89
CA THR C 355 30.80 25.90 11.01
C THR C 355 31.57 27.16 10.65
N GLY C 356 31.92 27.35 9.39
CA GLY C 356 32.69 28.51 8.99
C GLY C 356 33.27 28.32 7.59
N LYS C 357 34.30 29.11 7.31
CA LYS C 357 34.96 29.10 6.00
C LYS C 357 36.43 28.71 6.07
N ASP C 358 37.20 29.32 6.98
CA ASP C 358 38.65 29.14 7.02
C ASP C 358 38.97 27.81 7.70
N GLY C 359 39.03 26.76 6.90
CA GLY C 359 39.41 25.44 7.39
C GLY C 359 38.28 24.72 8.09
N PHE C 360 38.44 23.41 8.20
CA PHE C 360 37.42 22.56 8.84
C PHE C 360 38.04 21.20 9.12
N ASP C 361 37.81 20.69 10.34
CA ASP C 361 38.20 19.34 10.67
C ASP C 361 37.19 18.34 10.12
N ALA C 362 37.65 17.09 9.94
CA ALA C 362 36.82 16.07 9.31
C ALA C 362 35.73 15.53 10.22
N HIS C 363 35.84 15.73 11.54
CA HIS C 363 34.88 15.19 12.49
C HIS C 363 33.78 16.19 12.82
N ASN C 364 33.43 17.08 11.90
CA ASN C 364 32.39 18.06 12.13
C ASN C 364 31.01 17.38 12.16
N ASP C 365 30.08 18.00 12.88
CA ASP C 365 28.74 17.49 13.04
C ASP C 365 27.71 18.27 12.23
N ASP C 366 27.91 19.58 12.07
CA ASP C 366 26.90 20.48 11.52
C ASP C 366 26.99 20.66 10.01
N TYR C 367 27.60 19.71 9.29
CA TYR C 367 27.73 19.84 7.85
C TYR C 367 26.38 19.56 7.17
N LEU C 368 26.38 19.70 5.84
CA LEU C 368 25.21 19.41 5.03
C LEU C 368 25.63 18.54 3.85
N ILE C 369 24.66 17.79 3.32
CA ILE C 369 24.88 16.89 2.20
C ILE C 369 23.99 17.35 1.05
N LEU C 370 24.60 17.58 -0.12
CA LEU C 370 23.87 17.87 -1.34
C LEU C 370 24.08 16.77 -2.35
N LEU C 371 23.06 16.54 -3.17
CA LEU C 371 23.21 15.75 -4.39
C LEU C 371 23.78 16.67 -5.47
N ALA C 372 23.69 16.25 -6.73
CA ALA C 372 24.20 17.06 -7.84
C ALA C 372 23.74 18.51 -7.70
N GLU C 373 24.71 19.42 -7.62
CA GLU C 373 24.44 20.80 -7.23
C GLU C 373 23.70 21.57 -8.33
N GLY C 374 22.37 21.55 -8.24
CA GLY C 374 21.52 22.29 -9.16
C GLY C 374 21.54 21.79 -10.59
N ARG C 375 22.28 20.71 -10.84
CA ARG C 375 22.42 20.15 -12.17
C ARG C 375 21.63 18.85 -12.27
N LEU C 376 21.79 18.16 -13.40
CA LEU C 376 21.11 16.89 -13.61
C LEU C 376 21.61 15.84 -12.63
N VAL C 377 20.68 15.24 -11.89
CA VAL C 377 21.02 14.12 -11.02
C VAL C 377 20.91 12.78 -11.74
N ASN C 378 20.17 12.72 -12.84
CA ASN C 378 19.84 11.47 -13.51
C ASN C 378 20.71 11.15 -14.73
N LEU C 379 21.63 12.03 -15.12
CA LEU C 379 22.65 11.68 -16.10
C LEU C 379 24.03 11.46 -15.49
N GLY C 380 24.27 11.95 -14.27
CA GLY C 380 25.62 11.86 -13.70
C GLY C 380 26.05 10.43 -13.44
N ASN C 381 25.21 9.65 -12.75
CA ASN C 381 25.55 8.27 -12.40
C ASN C 381 24.41 7.30 -12.70
N ALA C 382 23.40 7.72 -13.44
CA ALA C 382 22.27 6.86 -13.81
C ALA C 382 22.05 6.95 -15.31
N THR C 383 21.18 6.08 -15.81
CA THR C 383 20.76 6.11 -17.21
C THR C 383 19.45 6.85 -17.40
N GLY C 384 18.93 7.48 -16.35
CA GLY C 384 17.70 8.24 -16.46
C GLY C 384 16.45 7.39 -16.40
N HIS C 385 15.49 7.71 -17.26
CA HIS C 385 14.22 7.00 -17.25
C HIS C 385 14.42 5.60 -17.83
N PRO C 386 13.76 4.59 -17.28
CA PRO C 386 13.88 3.24 -17.85
C PRO C 386 13.26 3.16 -19.24
N SER C 387 13.74 2.18 -20.01
CA SER C 387 13.49 2.13 -21.44
C SER C 387 12.02 1.96 -21.79
N ARG C 388 11.17 1.55 -20.84
CA ARG C 388 9.77 1.32 -21.15
C ARG C 388 8.99 2.64 -21.27
N ILE C 389 9.31 3.63 -20.44
CA ILE C 389 8.64 4.93 -20.54
C ILE C 389 9.08 5.67 -21.79
N MET C 390 10.36 5.58 -22.16
CA MET C 390 10.81 6.24 -23.37
C MET C 390 10.18 5.65 -24.63
N ASP C 391 9.52 4.50 -24.51
CA ASP C 391 8.72 3.97 -25.62
C ASP C 391 7.58 4.91 -25.98
N GLY C 392 6.88 5.44 -24.97
CA GLY C 392 5.73 6.28 -25.22
C GLY C 392 6.05 7.66 -25.76
N SER C 393 7.26 8.16 -25.48
CA SER C 393 7.64 9.48 -25.99
C SER C 393 7.97 9.44 -27.47
N PHE C 394 8.61 8.36 -27.94
CA PHE C 394 9.05 8.26 -29.32
C PHE C 394 7.99 7.68 -30.25
N ALA C 395 7.05 6.90 -29.71
CA ALA C 395 6.00 6.31 -30.54
C ALA C 395 4.89 7.31 -30.86
N ASN C 396 4.82 8.43 -30.14
CA ASN C 396 3.86 9.47 -30.50
C ASN C 396 4.32 10.24 -31.72
N GLN C 397 5.63 10.44 -31.87
CA GLN C 397 6.16 11.21 -32.97
C GLN C 397 6.17 10.46 -34.30
N VAL C 398 6.14 9.12 -34.26
CA VAL C 398 6.12 8.37 -35.51
C VAL C 398 4.77 8.49 -36.21
N LEU C 399 3.67 8.58 -35.43
CA LEU C 399 2.36 8.67 -36.04
C LEU C 399 2.10 10.04 -36.63
N ALA C 400 2.69 11.10 -36.06
CA ALA C 400 2.49 12.44 -36.58
C ALA C 400 3.05 12.60 -37.99
N GLN C 401 4.22 12.00 -38.24
CA GLN C 401 4.84 12.15 -39.56
C GLN C 401 3.99 11.51 -40.65
N ILE C 402 3.38 10.35 -40.37
CA ILE C 402 2.47 9.74 -41.32
C ILE C 402 1.24 10.63 -41.52
N HIS C 403 0.76 11.24 -40.44
CA HIS C 403 -0.41 12.12 -40.53
C HIS C 403 -0.12 13.33 -41.42
N LEU C 404 1.04 13.95 -41.25
CA LEU C 404 1.39 15.09 -42.08
C LEU C 404 1.64 14.69 -43.53
N PHE C 405 2.16 13.48 -43.76
CA PHE C 405 2.44 13.03 -45.12
C PHE C 405 1.15 12.92 -45.93
N GLU C 406 0.07 12.45 -45.30
CA GLU C 406 -1.19 12.28 -46.02
C GLU C 406 -1.81 13.61 -46.42
N GLN C 407 -1.56 14.68 -45.64
CA GLN C 407 -2.19 15.96 -45.93
C GLN C 407 -1.67 16.57 -47.23
N LYS C 408 -0.38 16.38 -47.54
CA LYS C 408 0.21 16.81 -48.79
C LYS C 408 0.09 18.32 -48.97
N TYR C 409 0.74 19.06 -48.07
CA TYR C 409 0.70 20.52 -48.09
C TYR C 409 1.56 21.11 -49.21
N ALA C 410 2.77 20.58 -49.41
CA ALA C 410 3.76 21.25 -50.26
C ALA C 410 3.31 21.31 -51.71
N ASP C 411 2.74 20.22 -52.23
CA ASP C 411 2.39 20.15 -53.63
C ASP C 411 1.11 20.90 -53.97
N LEU C 412 0.42 21.46 -52.98
CA LEU C 412 -0.82 22.16 -53.22
C LEU C 412 -0.57 23.44 -54.02
N PRO C 413 -1.59 23.93 -54.74
CA PRO C 413 -1.46 25.20 -55.43
C PRO C 413 -1.26 26.35 -54.44
N ALA C 414 -0.66 27.43 -54.94
CA ALA C 414 -0.38 28.58 -54.08
C ALA C 414 -1.64 29.20 -53.50
N ALA C 415 -2.79 29.00 -54.14
CA ALA C 415 -4.04 29.55 -53.60
C ALA C 415 -4.49 28.79 -52.36
N GLU C 416 -4.52 27.45 -52.44
CA GLU C 416 -4.98 26.63 -51.32
C GLU C 416 -3.98 26.58 -50.18
N LYS C 417 -2.74 27.06 -50.39
CA LYS C 417 -1.75 27.06 -49.33
C LYS C 417 -2.11 28.02 -48.19
N ALA C 418 -3.01 28.99 -48.46
CA ALA C 418 -3.41 29.96 -47.44
C ALA C 418 -4.60 29.48 -46.61
N LYS C 419 -5.20 28.35 -46.94
CA LYS C 419 -6.31 27.81 -46.17
C LYS C 419 -5.91 26.64 -45.29
N ARG C 420 -4.95 25.82 -45.75
CA ARG C 420 -4.53 24.66 -44.95
C ARG C 420 -3.68 25.09 -43.75
N LEU C 421 -2.91 26.16 -43.89
CA LEU C 421 -1.95 26.55 -42.86
C LEU C 421 -2.65 26.83 -41.54
N SER C 422 -2.35 26.00 -40.54
CA SER C 422 -2.90 26.17 -39.21
C SER C 422 -2.06 25.33 -38.25
N VAL C 423 -2.18 25.63 -36.97
CA VAL C 423 -1.53 24.87 -35.91
C VAL C 423 -2.59 24.03 -35.21
N GLU C 424 -2.36 22.73 -35.14
CA GLU C 424 -3.30 21.79 -34.55
C GLU C 424 -2.55 20.84 -33.62
N VAL C 425 -3.27 20.36 -32.60
CA VAL C 425 -2.71 19.43 -31.63
C VAL C 425 -2.83 18.02 -32.17
N LEU C 426 -2.13 17.08 -31.53
CA LEU C 426 -2.21 15.68 -31.93
C LEU C 426 -3.65 15.18 -31.81
N PRO C 427 -4.20 14.54 -32.84
CA PRO C 427 -5.57 14.03 -32.74
C PRO C 427 -5.68 12.96 -31.67
N LYS C 428 -6.89 12.88 -31.08
CA LYS C 428 -7.11 11.93 -30.00
C LYS C 428 -7.00 10.48 -30.49
N LYS C 429 -7.46 10.21 -31.72
CA LYS C 429 -7.44 8.85 -32.22
C LYS C 429 -6.02 8.32 -32.35
N LEU C 430 -5.11 9.13 -32.89
CA LEU C 430 -3.72 8.72 -32.98
C LEU C 430 -3.09 8.59 -31.60
N ASP C 431 -3.58 9.35 -30.62
CA ASP C 431 -3.14 9.17 -29.24
C ASP C 431 -3.54 7.81 -28.71
N GLU C 432 -4.76 7.37 -29.03
CA GLU C 432 -5.24 6.07 -28.56
C GLU C 432 -4.52 4.91 -29.23
N GLU C 433 -3.97 5.11 -30.43
CA GLU C 433 -3.29 4.03 -31.12
C GLU C 433 -2.04 3.59 -30.38
N VAL C 434 -1.28 4.56 -29.85
CA VAL C 434 -0.04 4.21 -29.12
C VAL C 434 -0.37 3.44 -27.85
N ALA C 435 -1.40 3.86 -27.11
CA ALA C 435 -1.73 3.20 -25.86
C ALA C 435 -2.19 1.76 -26.07
N LEU C 436 -2.80 1.46 -27.22
CA LEU C 436 -3.28 0.11 -27.48
C LEU C 436 -2.12 -0.89 -27.53
N GLU C 437 -1.03 -0.52 -28.19
CA GLU C 437 0.09 -1.44 -28.36
C GLU C 437 1.05 -1.43 -27.17
N MET C 438 0.78 -0.61 -26.15
CA MET C 438 1.55 -0.66 -24.91
C MET C 438 0.90 -1.56 -23.88
N VAL C 439 -0.43 -1.65 -23.85
CA VAL C 439 -1.11 -2.55 -22.94
C VAL C 439 -0.81 -4.00 -23.31
N LYS C 440 -0.78 -4.31 -24.61
CA LYS C 440 -0.45 -5.66 -25.06
C LYS C 440 1.00 -6.03 -24.76
N GLY C 441 1.85 -5.06 -24.41
CA GLY C 441 3.19 -5.39 -23.96
C GLY C 441 3.25 -5.94 -22.56
N PHE C 442 2.26 -5.64 -21.73
CA PHE C 442 2.13 -6.22 -20.39
C PHE C 442 1.31 -7.51 -20.40
N GLY C 443 0.98 -8.04 -21.56
CA GLY C 443 0.04 -9.13 -21.65
C GLY C 443 -1.40 -8.73 -21.49
N GLY C 444 -1.69 -7.43 -21.47
CA GLY C 444 -3.05 -6.97 -21.28
C GLY C 444 -3.89 -7.15 -22.52
N VAL C 445 -5.16 -7.51 -22.32
CA VAL C 445 -6.12 -7.72 -23.39
C VAL C 445 -7.26 -6.74 -23.16
N VAL C 446 -7.33 -5.70 -23.99
CA VAL C 446 -8.42 -4.74 -23.88
C VAL C 446 -9.65 -5.28 -24.60
N THR C 447 -10.81 -4.75 -24.25
CA THR C 447 -12.07 -5.20 -24.82
C THR C 447 -12.44 -4.37 -26.03
N GLN C 448 -13.16 -4.98 -26.96
CA GLN C 448 -13.61 -4.34 -28.19
C GLN C 448 -15.09 -4.01 -28.08
N LEU C 449 -15.46 -2.78 -28.44
CA LEU C 449 -16.84 -2.33 -28.32
C LEU C 449 -17.77 -3.13 -29.24
N THR C 450 -18.99 -3.31 -28.76
CA THR C 450 -20.10 -3.88 -29.51
C THR C 450 -20.87 -2.78 -30.23
N PRO C 451 -21.26 -3.00 -31.49
CA PRO C 451 -22.01 -1.96 -32.21
C PRO C 451 -23.27 -1.50 -31.50
N LYS C 452 -23.95 -2.40 -30.79
CA LYS C 452 -25.13 -2.01 -30.03
C LYS C 452 -24.77 -1.07 -28.88
N GLN C 453 -23.62 -1.27 -28.25
CA GLN C 453 -23.24 -0.48 -27.09
C GLN C 453 -22.75 0.92 -27.47
N ALA C 454 -22.02 1.03 -28.57
CA ALA C 454 -21.38 2.30 -28.92
C ALA C 454 -22.41 3.38 -29.22
N GLU C 455 -23.50 3.02 -29.91
CA GLU C 455 -24.51 4.01 -30.26
C GLU C 455 -25.22 4.55 -29.03
N TYR C 456 -25.30 3.76 -27.96
CA TYR C 456 -25.88 4.26 -26.72
C TYR C 456 -25.03 5.37 -26.11
N ILE C 457 -23.70 5.23 -26.20
CA ILE C 457 -22.81 6.24 -25.66
C ILE C 457 -22.65 7.42 -26.61
N GLY C 458 -22.70 7.17 -27.91
CA GLY C 458 -22.52 8.23 -28.90
C GLY C 458 -21.13 8.35 -29.45
N VAL C 459 -20.31 7.31 -29.35
CA VAL C 459 -18.95 7.32 -29.88
C VAL C 459 -18.81 6.19 -30.88
N SER C 460 -17.84 6.34 -31.78
CA SER C 460 -17.58 5.32 -32.79
C SER C 460 -16.97 4.08 -32.17
N VAL C 461 -17.17 2.94 -32.83
CA VAL C 461 -16.53 1.70 -32.39
C VAL C 461 -15.01 1.84 -32.51
N GLU C 462 -14.54 2.46 -33.58
CA GLU C 462 -13.10 2.69 -33.74
C GLU C 462 -12.57 3.68 -32.71
N GLY C 463 -13.41 4.61 -32.26
CA GLY C 463 -12.98 5.62 -31.32
C GLY C 463 -12.91 6.99 -31.95
N PRO C 464 -12.55 8.01 -31.15
CA PRO C 464 -12.19 7.98 -29.73
C PRO C 464 -13.38 7.84 -28.79
N PHE C 465 -13.16 7.93 -27.48
CA PHE C 465 -14.19 7.64 -26.50
C PHE C 465 -14.53 8.82 -25.59
N LYS C 466 -13.71 9.86 -25.56
CA LYS C 466 -13.85 10.94 -24.60
C LYS C 466 -13.75 12.28 -25.29
N PRO C 467 -14.30 13.34 -24.68
CA PRO C 467 -14.16 14.69 -25.25
C PRO C 467 -12.70 15.12 -25.30
N ASP C 468 -12.49 16.28 -25.94
CA ASP C 468 -11.14 16.82 -26.09
C ASP C 468 -10.67 17.58 -24.86
N THR C 469 -11.56 17.93 -23.94
CA THR C 469 -11.19 18.64 -22.72
C THR C 469 -11.34 17.77 -21.47
N TYR C 470 -11.34 16.45 -21.64
CA TYR C 470 -11.43 15.55 -20.50
C TYR C 470 -10.15 15.62 -19.69
N ARG C 471 -10.29 15.87 -18.38
CA ARG C 471 -9.16 16.00 -17.49
C ARG C 471 -8.74 14.61 -17.02
N TYR C 472 -7.60 14.15 -17.52
CA TYR C 472 -7.14 12.79 -17.23
C TYR C 472 -6.25 12.76 -15.99
N ASP D 20 44.41 -3.18 -5.49
CA ASP D 20 44.20 -1.74 -5.55
C ASP D 20 44.08 -1.17 -4.14
N ILE D 21 44.62 0.03 -3.94
CA ILE D 21 44.69 0.66 -2.63
C ILE D 21 44.02 2.02 -2.60
N THR D 22 43.39 2.46 -3.70
CA THR D 22 42.84 3.81 -3.76
C THR D 22 41.65 3.99 -2.82
N LEU D 23 40.86 2.93 -2.62
CA LEU D 23 39.60 3.01 -1.88
C LEU D 23 39.77 3.24 -0.38
N ALA D 24 40.98 3.48 0.14
CA ALA D 24 41.15 3.67 1.58
C ALA D 24 40.49 4.97 2.04
N ALA D 25 40.72 6.07 1.33
CA ALA D 25 40.16 7.35 1.73
C ALA D 25 38.66 7.38 1.58
N TRP D 26 38.13 6.76 0.53
CA TRP D 26 36.69 6.77 0.29
C TRP D 26 35.94 6.09 1.44
N GLY D 27 36.45 4.95 1.91
CA GLY D 27 35.80 4.27 3.01
C GLY D 27 35.81 5.06 4.30
N ARG D 28 36.83 5.90 4.50
CA ARG D 28 36.93 6.67 5.74
C ARG D 28 35.77 7.66 5.87
N ARG D 29 35.43 8.36 4.78
CA ARG D 29 34.31 9.28 4.83
C ARG D 29 32.99 8.54 5.06
N GLU D 30 32.82 7.38 4.41
CA GLU D 30 31.59 6.61 4.60
C GLU D 30 31.45 6.14 6.04
N LEU D 31 32.56 5.78 6.67
CA LEU D 31 32.51 5.31 8.06
C LEU D 31 32.11 6.44 8.99
N ILE D 32 32.57 7.67 8.73
CA ILE D 32 32.21 8.81 9.58
C ILE D 32 30.71 9.05 9.54
N ILE D 33 30.12 9.01 8.34
CA ILE D 33 28.67 9.11 8.23
C ILE D 33 28.01 7.87 8.83
N ALA D 34 28.67 6.71 8.72
CA ALA D 34 28.11 5.49 9.29
C ALA D 34 28.04 5.56 10.81
N GLU D 35 29.04 6.16 11.44
CA GLU D 35 29.05 6.26 12.90
C GLU D 35 27.85 7.05 13.41
N SER D 36 27.51 8.15 12.73
CA SER D 36 26.32 8.90 13.11
C SER D 36 25.04 8.13 12.89
N GLU D 37 25.08 7.05 12.10
CA GLU D 37 23.90 6.25 11.80
C GLU D 37 23.75 5.03 12.71
N MET D 38 24.66 4.82 13.66
CA MET D 38 24.63 3.66 14.55
C MET D 38 24.72 4.12 15.99
N PRO D 39 23.66 4.75 16.51
CA PRO D 39 23.74 5.26 17.89
C PRO D 39 23.85 4.17 18.95
N ALA D 40 23.28 2.99 18.72
CA ALA D 40 23.29 1.94 19.74
C ALA D 40 24.69 1.33 19.89
N LEU D 41 25.33 1.00 18.77
CA LEU D 41 26.65 0.37 18.84
C LEU D 41 27.71 1.36 19.32
N MET D 42 27.61 2.62 18.89
CA MET D 42 28.57 3.64 19.32
C MET D 42 28.50 3.92 20.82
N GLY D 43 27.38 3.59 21.47
CA GLY D 43 27.26 3.83 22.89
C GLY D 43 28.26 3.03 23.71
N LEU D 44 28.69 1.88 23.20
CA LEU D 44 29.66 1.06 23.92
C LEU D 44 31.02 1.76 23.99
N ARG D 45 31.35 2.56 22.98
CA ARG D 45 32.61 3.30 22.97
C ARG D 45 32.68 4.35 24.07
N ARG D 46 31.55 4.74 24.64
CA ARG D 46 31.51 5.72 25.72
C ARG D 46 31.24 5.11 27.09
N LYS D 47 30.38 4.10 27.16
CA LYS D 47 30.03 3.51 28.44
C LYS D 47 31.04 2.46 28.88
N TYR D 48 31.28 1.46 28.04
CA TYR D 48 32.12 0.32 28.37
C TYR D 48 33.60 0.53 28.04
N ALA D 49 33.97 1.68 27.49
CA ALA D 49 35.38 1.95 27.24
C ALA D 49 36.18 2.19 28.51
N GLY D 50 35.50 2.36 29.65
CA GLY D 50 36.18 2.61 30.90
C GLY D 50 36.83 1.39 31.51
N GLN D 51 36.03 0.36 31.80
CA GLN D 51 36.53 -0.83 32.49
C GLN D 51 37.21 -1.82 31.55
N GLN D 52 37.05 -1.68 30.23
CA GLN D 52 37.66 -2.56 29.24
C GLN D 52 37.32 -4.02 29.53
N PRO D 53 36.09 -4.46 29.28
CA PRO D 53 35.71 -5.85 29.63
C PRO D 53 36.55 -6.91 28.94
N LEU D 54 36.94 -6.68 27.68
CA LEU D 54 37.65 -7.68 26.89
C LEU D 54 39.15 -7.42 26.96
N LYS D 55 39.87 -8.30 27.65
CA LYS D 55 41.32 -8.23 27.75
C LYS D 55 41.90 -9.59 27.44
N GLY D 56 42.71 -9.67 26.39
CA GLY D 56 43.32 -10.93 26.00
C GLY D 56 42.36 -11.93 25.39
N ALA D 57 41.23 -11.47 24.87
CA ALA D 57 40.24 -12.35 24.26
C ALA D 57 40.58 -12.50 22.78
N LYS D 58 41.45 -13.45 22.46
CA LYS D 58 41.86 -13.67 21.08
C LYS D 58 40.79 -14.45 20.35
N ILE D 59 40.20 -13.83 19.31
CA ILE D 59 39.04 -14.37 18.64
C ILE D 59 39.20 -14.22 17.13
N LEU D 60 38.40 -14.98 16.39
CA LEU D 60 38.36 -14.92 14.93
C LEU D 60 36.91 -14.79 14.48
N GLY D 61 36.71 -14.16 13.32
CA GLY D 61 35.38 -13.87 12.84
C GLY D 61 35.20 -14.23 11.38
N CYS D 62 33.93 -14.41 11.01
CA CYS D 62 33.57 -14.73 9.62
C CYS D 62 32.10 -14.34 9.40
N ILE D 63 31.89 -13.18 8.77
CA ILE D 63 30.59 -12.85 8.15
C ILE D 63 30.91 -11.89 7.00
N HIS D 64 29.90 -11.57 6.20
CA HIS D 64 30.04 -10.65 5.08
C HIS D 64 30.72 -9.35 5.51
N MET D 65 31.52 -8.80 4.60
CA MET D 65 32.29 -7.58 4.86
C MET D 65 31.65 -6.42 4.08
N THR D 66 30.95 -5.57 4.80
CA THR D 66 30.42 -4.31 4.27
C THR D 66 30.89 -3.16 5.16
N ILE D 67 30.43 -1.95 4.86
CA ILE D 67 30.80 -0.81 5.68
C ILE D 67 30.20 -0.93 7.08
N GLN D 68 29.08 -1.67 7.17
CA GLN D 68 28.42 -1.96 8.48
C GLN D 68 29.32 -2.94 9.29
N THR D 69 30.15 -3.79 8.67
CA THR D 69 31.09 -4.67 9.35
C THR D 69 32.33 -3.92 9.81
N GLY D 70 32.73 -2.88 9.09
CA GLY D 70 33.96 -2.18 9.42
C GLY D 70 33.95 -1.57 10.81
N VAL D 71 32.82 -0.98 11.20
CA VAL D 71 32.75 -0.36 12.53
C VAL D 71 32.84 -1.41 13.62
N LEU D 72 32.38 -2.64 13.36
CA LEU D 72 32.51 -3.70 14.36
C LEU D 72 33.97 -3.97 14.68
N ILE D 73 34.79 -4.17 13.64
CA ILE D 73 36.22 -4.36 13.84
C ILE D 73 36.84 -3.12 14.46
N GLU D 74 36.36 -1.93 14.07
CA GLU D 74 36.89 -0.69 14.61
C GLU D 74 36.71 -0.62 16.12
N THR D 75 35.48 -0.85 16.60
CA THR D 75 35.21 -0.80 18.04
C THR D 75 35.91 -1.93 18.78
N LEU D 76 35.98 -3.13 18.17
CA LEU D 76 36.66 -4.23 18.83
C LEU D 76 38.14 -3.93 19.01
N VAL D 77 38.77 -3.33 18.00
CA VAL D 77 40.18 -2.94 18.13
C VAL D 77 40.32 -1.81 19.16
N ALA D 78 39.36 -0.88 19.18
CA ALA D 78 39.42 0.23 20.13
C ALA D 78 39.34 -0.27 21.57
N LEU D 79 38.48 -1.25 21.84
CA LEU D 79 38.33 -1.76 23.20
C LEU D 79 39.53 -2.60 23.65
N GLY D 80 40.45 -2.93 22.75
CA GLY D 80 41.65 -3.68 23.09
C GLY D 80 41.71 -5.08 22.53
N ALA D 81 40.61 -5.59 21.97
CA ALA D 81 40.63 -6.92 21.38
C ALA D 81 41.22 -6.89 19.97
N GLU D 82 41.66 -8.05 19.51
CA GLU D 82 42.18 -8.22 18.16
C GLU D 82 41.43 -9.36 17.49
N VAL D 83 41.27 -9.25 16.17
CA VAL D 83 40.45 -10.18 15.41
C VAL D 83 41.18 -10.61 14.15
N ARG D 84 40.74 -11.74 13.60
CA ARG D 84 41.04 -12.13 12.23
C ARG D 84 39.72 -12.45 11.54
N TRP D 85 39.62 -12.05 10.27
CA TRP D 85 38.31 -11.87 9.69
C TRP D 85 38.28 -12.44 8.27
N SER D 86 37.09 -12.79 7.81
CA SER D 86 36.93 -13.31 6.45
C SER D 86 35.47 -13.22 6.04
N SER D 87 35.24 -13.23 4.73
CA SER D 87 33.90 -13.20 4.16
C SER D 87 33.42 -14.62 3.88
N CYS D 88 32.13 -14.85 4.07
CA CYS D 88 31.55 -16.17 3.89
C CYS D 88 30.93 -16.38 2.52
N ASN D 89 30.74 -15.32 1.73
CA ASN D 89 30.15 -15.43 0.41
C ASN D 89 31.01 -14.70 -0.61
N ILE D 90 31.02 -15.23 -1.84
CA ILE D 90 31.88 -14.69 -2.88
C ILE D 90 31.44 -13.30 -3.30
N PHE D 91 30.15 -13.11 -3.57
CA PHE D 91 29.63 -11.81 -3.99
C PHE D 91 29.02 -11.08 -2.80
N SER D 92 29.87 -10.77 -1.83
CA SER D 92 29.42 -10.06 -0.64
C SER D 92 30.36 -8.92 -0.29
N THR D 93 31.64 -9.05 -0.67
CA THR D 93 32.65 -8.09 -0.27
C THR D 93 32.43 -6.74 -0.94
N GLN D 94 32.63 -5.68 -0.18
CA GLN D 94 32.59 -4.31 -0.68
C GLN D 94 34.02 -3.78 -0.64
N ASP D 95 34.58 -3.49 -1.83
CA ASP D 95 36.00 -3.20 -1.93
C ASP D 95 36.40 -1.90 -1.23
N GLN D 96 35.46 -0.98 -1.02
CA GLN D 96 35.79 0.22 -0.25
C GLN D 96 35.74 -0.04 1.25
N ALA D 97 34.92 -0.99 1.69
CA ALA D 97 34.86 -1.32 3.12
C ALA D 97 36.06 -2.15 3.55
N ALA D 98 36.50 -3.09 2.72
CA ALA D 98 37.65 -3.92 3.05
C ALA D 98 38.93 -3.09 3.07
N ALA D 99 39.05 -2.14 2.15
CA ALA D 99 40.26 -1.31 2.09
C ALA D 99 40.38 -0.40 3.30
N ALA D 100 39.26 0.06 3.86
CA ALA D 100 39.31 0.92 5.03
C ALA D 100 39.90 0.21 6.23
N ILE D 101 39.54 -1.06 6.43
CA ILE D 101 40.08 -1.83 7.56
C ILE D 101 41.57 -2.07 7.36
N ALA D 102 41.99 -2.30 6.11
CA ALA D 102 43.41 -2.48 5.83
C ALA D 102 44.21 -1.21 6.00
N ALA D 103 43.55 -0.04 6.04
CA ALA D 103 44.24 1.22 6.22
C ALA D 103 44.89 1.35 7.59
N ALA D 104 44.56 0.49 8.54
CA ALA D 104 45.18 0.48 9.85
C ALA D 104 46.57 -0.17 9.84
N GLY D 105 47.06 -0.58 8.68
CA GLY D 105 48.35 -1.22 8.56
C GLY D 105 48.33 -2.73 8.58
N ILE D 106 47.17 -3.34 8.76
CA ILE D 106 47.08 -4.81 8.82
C ILE D 106 47.23 -5.37 7.41
N PRO D 107 48.10 -6.36 7.19
CA PRO D 107 48.10 -7.06 5.89
C PRO D 107 46.94 -8.04 5.82
N VAL D 108 45.91 -7.68 5.07
CA VAL D 108 44.69 -8.47 4.97
C VAL D 108 44.25 -8.51 3.52
N PHE D 109 43.76 -9.67 3.08
CA PHE D 109 43.33 -9.88 1.71
C PHE D 109 41.88 -10.31 1.69
N ALA D 110 41.07 -9.59 0.92
CA ALA D 110 39.65 -9.89 0.74
C ALA D 110 39.16 -9.12 -0.48
N TRP D 111 38.25 -9.74 -1.23
CA TRP D 111 37.79 -9.17 -2.48
C TRP D 111 36.48 -9.85 -2.89
N LYS D 112 35.99 -9.51 -4.07
CA LYS D 112 34.75 -10.06 -4.61
C LYS D 112 35.02 -10.66 -5.99
N GLY D 113 34.30 -11.73 -6.31
CA GLY D 113 34.40 -12.33 -7.62
C GLY D 113 35.60 -13.25 -7.80
N GLU D 114 35.65 -14.33 -7.03
CA GLU D 114 36.74 -15.30 -7.12
C GLU D 114 36.16 -16.70 -7.32
N THR D 115 37.01 -17.59 -7.84
CA THR D 115 36.62 -18.97 -8.04
C THR D 115 36.44 -19.68 -6.71
N GLU D 116 35.90 -20.90 -6.77
CA GLU D 116 35.65 -21.66 -5.54
C GLU D 116 36.96 -22.03 -4.85
N GLU D 117 38.00 -22.36 -5.61
CA GLU D 117 39.28 -22.73 -5.00
C GLU D 117 39.92 -21.54 -4.29
N GLU D 118 39.82 -20.35 -4.86
CA GLU D 118 40.37 -19.17 -4.20
C GLU D 118 39.61 -18.81 -2.93
N TYR D 119 38.32 -19.16 -2.88
CA TYR D 119 37.52 -18.88 -1.68
C TYR D 119 38.07 -19.62 -0.47
N GLU D 120 38.47 -20.88 -0.66
CA GLU D 120 39.06 -21.65 0.44
C GLU D 120 40.43 -21.12 0.82
N TRP D 121 41.19 -20.61 -0.14
CA TRP D 121 42.56 -20.21 0.12
C TRP D 121 42.62 -19.03 1.10
N CYS D 122 41.58 -18.19 1.12
CA CYS D 122 41.56 -17.07 2.05
C CYS D 122 41.27 -17.53 3.49
N ILE D 123 40.31 -18.46 3.66
CA ILE D 123 40.00 -18.96 5.00
C ILE D 123 41.20 -19.66 5.59
N GLU D 124 41.89 -20.46 4.77
CA GLU D 124 43.07 -21.20 5.22
C GLU D 124 44.19 -20.26 5.64
N GLN D 125 44.28 -19.07 5.01
CA GLN D 125 45.24 -18.06 5.44
C GLN D 125 44.85 -17.42 6.77
N THR D 126 43.55 -17.43 7.10
CA THR D 126 43.09 -16.72 8.30
C THR D 126 43.62 -17.37 9.58
N ILE D 127 43.58 -18.70 9.65
CA ILE D 127 43.82 -19.39 10.90
C ILE D 127 45.27 -19.84 11.02
N LEU D 128 46.17 -19.27 10.21
CA LEU D 128 47.58 -19.58 10.28
C LEU D 128 48.41 -18.30 10.27
N LYS D 129 49.53 -18.33 11.00
CA LYS D 129 50.50 -17.22 11.03
C LYS D 129 51.89 -17.79 10.68
N ASP D 130 52.16 -17.91 9.39
CA ASP D 130 53.48 -18.33 8.89
C ASP D 130 53.92 -19.66 9.49
N GLY D 131 52.97 -20.50 9.89
CA GLY D 131 53.32 -21.82 10.38
C GLY D 131 52.62 -22.29 11.65
N GLN D 132 52.05 -21.37 12.42
CA GLN D 132 51.39 -21.75 13.66
C GLN D 132 49.93 -21.35 13.66
N PRO D 133 49.04 -22.22 14.12
CA PRO D 133 47.62 -21.84 14.23
C PRO D 133 47.41 -20.73 15.25
N TRP D 134 46.37 -19.94 15.03
CA TRP D 134 46.03 -18.84 15.92
C TRP D 134 45.67 -19.40 17.31
N ASP D 135 46.02 -18.65 18.34
CA ASP D 135 45.66 -19.02 19.71
C ASP D 135 44.27 -18.47 20.05
N ALA D 136 43.29 -18.88 19.24
CA ALA D 136 41.94 -18.38 19.33
C ALA D 136 41.24 -18.87 20.61
N ASN D 137 40.32 -18.06 21.10
CA ASN D 137 39.50 -18.40 22.25
C ASN D 137 38.00 -18.39 21.96
N MET D 138 37.54 -17.57 21.01
CA MET D 138 36.15 -17.53 20.61
C MET D 138 36.08 -17.32 19.10
N VAL D 139 34.88 -17.48 18.54
CA VAL D 139 34.67 -17.39 17.10
C VAL D 139 33.45 -16.52 16.79
N LEU D 140 33.41 -16.01 15.57
CA LEU D 140 32.23 -15.38 14.99
C LEU D 140 31.99 -16.01 13.63
N ASP D 141 30.92 -16.79 13.52
CA ASP D 141 30.68 -17.62 12.34
C ASP D 141 29.23 -17.52 11.90
N ASP D 142 29.00 -17.17 10.64
CA ASP D 142 27.67 -17.24 10.05
C ASP D 142 27.65 -18.31 8.97
N GLY D 143 26.55 -19.04 8.90
CA GLY D 143 26.40 -20.15 7.97
C GLY D 143 26.94 -21.45 8.51
N GLY D 144 28.02 -21.40 9.29
CA GLY D 144 28.61 -22.58 9.87
C GLY D 144 29.69 -23.23 9.04
N ASP D 145 30.15 -22.59 7.96
CA ASP D 145 31.21 -23.17 7.15
C ASP D 145 32.49 -23.33 7.96
N LEU D 146 33.06 -22.21 8.42
CA LEU D 146 34.32 -22.27 9.17
C LEU D 146 34.18 -23.15 10.40
N THR D 147 32.96 -23.29 10.93
CA THR D 147 32.75 -24.24 12.02
C THR D 147 33.13 -25.65 11.60
N GLU D 148 32.70 -26.08 10.41
CA GLU D 148 32.93 -27.46 9.99
C GLU D 148 34.41 -27.76 9.79
N ILE D 149 35.16 -26.82 9.19
CA ILE D 149 36.58 -27.09 8.93
C ILE D 149 37.34 -27.30 10.23
N LEU D 150 37.09 -26.46 11.24
CA LEU D 150 37.86 -26.57 12.48
C LEU D 150 37.56 -27.87 13.23
N HIS D 151 36.33 -28.39 13.12
CA HIS D 151 36.05 -29.67 13.78
C HIS D 151 36.64 -30.85 13.03
N LYS D 152 36.57 -30.84 11.69
CA LYS D 152 37.00 -31.99 10.90
C LYS D 152 38.49 -31.98 10.59
N LYS D 153 39.06 -30.81 10.27
CA LYS D 153 40.42 -30.75 9.75
C LYS D 153 41.47 -30.50 10.82
N TYR D 154 41.14 -29.75 11.88
CA TYR D 154 42.11 -29.36 12.89
C TYR D 154 41.53 -29.65 14.27
N PRO D 155 41.60 -30.90 14.74
CA PRO D 155 41.00 -31.23 16.05
C PRO D 155 41.64 -30.50 17.22
N GLN D 156 42.89 -30.06 17.09
CA GLN D 156 43.57 -29.40 18.20
C GLN D 156 43.24 -27.92 18.33
N MET D 157 42.56 -27.33 17.35
CA MET D 157 42.15 -25.93 17.48
C MET D 157 41.22 -25.74 18.66
N LEU D 158 40.22 -26.61 18.79
CA LEU D 158 39.24 -26.48 19.88
C LEU D 158 39.83 -27.19 21.09
N GLU D 159 40.62 -26.44 21.85
CA GLU D 159 41.13 -26.90 23.14
C GLU D 159 41.01 -25.84 24.22
N ARG D 160 40.92 -24.56 23.86
CA ARG D 160 40.79 -23.44 24.79
C ARG D 160 39.65 -22.53 24.35
N ILE D 161 38.53 -23.11 23.93
CA ILE D 161 37.42 -22.38 23.35
C ILE D 161 36.34 -22.20 24.40
N HIS D 162 35.80 -20.99 24.51
CA HIS D 162 34.78 -20.67 25.50
C HIS D 162 33.36 -20.73 24.95
N GLY D 163 33.16 -20.41 23.67
CA GLY D 163 31.83 -20.41 23.11
C GLY D 163 31.85 -20.18 21.62
N ILE D 164 30.65 -20.16 21.03
CA ILE D 164 30.46 -19.94 19.60
C ILE D 164 29.36 -18.91 19.42
N THR D 165 29.62 -17.89 18.60
CA THR D 165 28.64 -16.86 18.28
C THR D 165 28.20 -17.04 16.82
N GLU D 166 26.91 -17.29 16.63
CA GLU D 166 26.35 -17.62 15.33
C GLU D 166 25.32 -16.56 14.95
N GLU D 167 25.37 -16.10 13.70
CA GLU D 167 24.49 -15.03 13.25
C GLU D 167 23.21 -15.53 12.58
N THR D 168 23.32 -16.44 11.62
CA THR D 168 22.19 -16.78 10.75
C THR D 168 21.62 -18.15 11.07
N THR D 169 20.49 -18.45 10.42
CA THR D 169 19.75 -19.67 10.71
C THR D 169 20.50 -20.92 10.26
N THR D 170 21.15 -20.86 9.09
CA THR D 170 21.80 -22.05 8.55
C THR D 170 22.87 -22.58 9.49
N GLY D 171 23.61 -21.67 10.13
CA GLY D 171 24.59 -22.12 11.11
C GLY D 171 23.94 -22.82 12.29
N VAL D 172 22.84 -22.27 12.79
CA VAL D 172 22.21 -22.81 14.00
C VAL D 172 21.85 -24.28 13.81
N HIS D 173 21.33 -24.63 12.64
CA HIS D 173 21.03 -26.03 12.36
C HIS D 173 22.30 -26.87 12.29
N ARG D 174 23.42 -26.27 11.88
CA ARG D 174 24.71 -26.96 11.94
C ARG D 174 25.10 -27.24 13.38
N LEU D 175 24.82 -26.30 14.28
CA LEU D 175 25.16 -26.48 15.69
C LEU D 175 24.27 -27.51 16.38
N LEU D 176 22.98 -27.57 15.99
CA LEU D 176 22.04 -28.39 16.75
C LEU D 176 22.35 -29.88 16.61
N ASP D 177 22.55 -30.38 15.39
CA ASP D 177 22.76 -31.81 15.21
C ASP D 177 24.09 -32.25 15.80
N MET D 178 25.07 -31.35 15.87
CA MET D 178 26.38 -31.69 16.39
C MET D 178 26.37 -31.85 17.92
N LEU D 179 25.32 -31.38 18.59
CA LEU D 179 25.12 -31.70 20.00
C LEU D 179 24.64 -33.13 20.17
N LYS D 180 23.76 -33.60 19.29
CA LYS D 180 23.16 -34.92 19.45
C LYS D 180 24.19 -36.03 19.22
N ASN D 181 25.14 -35.83 18.31
CA ASN D 181 26.17 -36.83 18.05
C ASN D 181 27.33 -36.76 19.04
N GLY D 182 27.41 -35.72 19.86
CA GLY D 182 28.49 -35.56 20.80
C GLY D 182 29.77 -34.98 20.22
N THR D 183 29.77 -34.62 18.94
CA THR D 183 30.95 -33.96 18.35
C THR D 183 31.13 -32.57 18.92
N LEU D 184 30.03 -31.87 19.22
CA LEU D 184 30.12 -30.58 19.89
C LEU D 184 30.80 -30.73 21.24
N LYS D 185 31.75 -29.84 21.52
CA LYS D 185 32.54 -29.90 22.74
C LYS D 185 32.48 -28.65 23.59
N VAL D 186 31.97 -27.54 23.06
CA VAL D 186 31.91 -26.27 23.80
C VAL D 186 30.51 -25.70 23.71
N PRO D 187 30.08 -24.91 24.69
CA PRO D 187 28.75 -24.29 24.60
C PRO D 187 28.69 -23.27 23.48
N ALA D 188 27.47 -22.98 23.05
CA ALA D 188 27.24 -22.08 21.94
C ALA D 188 26.12 -21.10 22.27
N ILE D 189 26.22 -19.89 21.73
CA ILE D 189 25.20 -18.86 21.89
C ILE D 189 24.61 -18.57 20.52
N ASN D 190 23.29 -18.39 20.47
CA ASN D 190 22.56 -18.19 19.23
C ASN D 190 22.03 -16.76 19.28
N VAL D 191 22.78 -15.84 18.66
CA VAL D 191 22.38 -14.44 18.67
C VAL D 191 21.15 -14.22 17.79
N ASN D 192 20.92 -15.11 16.82
CA ASN D 192 19.81 -14.94 15.89
C ASN D 192 18.45 -14.93 16.57
N ASP D 193 18.35 -15.49 17.77
CA ASP D 193 17.07 -15.56 18.47
C ASP D 193 16.68 -14.25 19.14
N SER D 194 17.59 -13.30 19.27
CA SER D 194 17.26 -12.02 19.89
C SER D 194 16.26 -11.26 19.01
N VAL D 195 15.32 -10.58 19.66
CA VAL D 195 14.23 -9.92 18.94
C VAL D 195 14.75 -8.83 18.02
N THR D 196 15.78 -8.12 18.45
CA THR D 196 16.34 -7.04 17.63
C THR D 196 17.24 -7.55 16.51
N LYS D 197 17.39 -8.85 16.34
CA LYS D 197 18.10 -9.41 15.18
C LYS D 197 17.14 -9.95 14.13
N SER D 198 16.29 -10.91 14.50
CA SER D 198 15.44 -11.56 13.51
C SER D 198 14.27 -10.69 13.08
N LYS D 199 13.73 -9.86 13.98
CA LYS D 199 12.64 -8.95 13.64
C LYS D 199 13.14 -7.60 13.15
N ASN D 200 14.45 -7.41 13.02
CA ASN D 200 15.02 -6.18 12.50
C ASN D 200 15.86 -6.40 11.25
N ASP D 201 16.68 -7.46 11.23
CA ASP D 201 17.57 -7.73 10.10
C ASP D 201 16.90 -8.61 9.04
N ASN D 202 16.29 -9.72 9.47
CA ASN D 202 15.68 -10.64 8.50
C ASN D 202 14.51 -10.00 7.78
N LYS D 203 13.69 -9.22 8.49
CA LYS D 203 12.48 -8.66 7.91
C LYS D 203 12.75 -7.36 7.16
N TYR D 204 13.29 -6.35 7.85
CA TYR D 204 13.48 -5.03 7.25
C TYR D 204 14.78 -4.89 6.48
N GLY D 205 15.75 -5.78 6.70
CA GLY D 205 16.99 -5.70 5.93
C GLY D 205 16.78 -6.01 4.46
N CYS D 206 16.02 -7.07 4.17
CA CYS D 206 15.83 -7.49 2.78
C CYS D 206 14.91 -6.55 2.02
N ARG D 207 13.96 -5.92 2.72
CA ARG D 207 13.02 -5.03 2.05
C ARG D 207 13.73 -3.85 1.43
N HIS D 208 14.74 -3.30 2.12
CA HIS D 208 15.51 -2.19 1.58
C HIS D 208 16.35 -2.61 0.37
N SER D 209 16.90 -3.82 0.40
CA SER D 209 17.97 -4.18 -0.52
C SER D 209 17.50 -4.91 -1.77
N LEU D 210 16.41 -5.67 -1.69
CA LEU D 210 16.04 -6.57 -2.79
C LEU D 210 15.72 -5.80 -4.07
N ASN D 211 14.66 -4.97 -4.04
CA ASN D 211 14.24 -4.27 -5.23
C ASN D 211 15.30 -3.27 -5.71
N ASP D 212 16.10 -2.75 -4.80
CA ASP D 212 17.24 -1.93 -5.21
C ASP D 212 18.23 -2.75 -6.02
N ALA D 213 18.54 -3.97 -5.57
CA ALA D 213 19.46 -4.82 -6.30
C ALA D 213 18.91 -5.23 -7.66
N ILE D 214 17.61 -5.52 -7.73
CA ILE D 214 17.01 -5.96 -8.99
C ILE D 214 17.10 -4.85 -10.04
N LYS D 215 16.75 -3.62 -9.64
CA LYS D 215 16.73 -2.52 -10.61
C LYS D 215 18.13 -2.08 -11.01
N ARG D 216 19.16 -2.44 -10.24
CA ARG D 216 20.52 -2.12 -10.64
C ARG D 216 21.01 -3.05 -11.75
N GLY D 217 20.58 -4.30 -11.74
CA GLY D 217 20.96 -5.25 -12.78
C GLY D 217 20.21 -5.06 -14.09
N THR D 218 18.90 -5.34 -14.08
CA THR D 218 18.13 -5.34 -15.32
C THR D 218 17.74 -3.93 -15.76
N ASP D 219 17.56 -3.01 -14.80
CA ASP D 219 17.13 -1.64 -15.09
C ASP D 219 15.81 -1.65 -15.86
N HIS D 220 14.88 -2.49 -15.41
CA HIS D 220 13.55 -2.56 -15.99
C HIS D 220 12.55 -1.78 -15.15
N LEU D 221 11.35 -1.59 -15.71
CA LEU D 221 10.25 -0.99 -14.98
C LEU D 221 9.45 -2.11 -14.30
N LEU D 222 9.38 -2.06 -12.97
CA LEU D 222 8.76 -3.13 -12.21
C LEU D 222 7.24 -3.04 -12.18
N SER D 223 6.66 -1.91 -12.59
CA SER D 223 5.22 -1.70 -12.47
C SER D 223 4.49 -2.51 -13.53
N GLY D 224 3.54 -3.34 -13.08
CA GLY D 224 2.70 -4.11 -13.97
C GLY D 224 3.16 -5.52 -14.26
N LYS D 225 4.32 -5.93 -13.74
CA LYS D 225 4.85 -7.25 -14.03
C LYS D 225 4.36 -8.28 -13.01
N GLN D 226 4.79 -9.53 -13.18
CA GLN D 226 4.40 -10.63 -12.31
C GLN D 226 5.65 -11.32 -11.79
N ALA D 227 5.64 -11.64 -10.49
CA ALA D 227 6.80 -12.26 -9.84
C ALA D 227 6.32 -13.39 -8.95
N LEU D 228 7.23 -14.34 -8.71
CA LEU D 228 6.96 -15.49 -7.85
C LEU D 228 8.04 -15.58 -6.79
N VAL D 229 7.63 -15.67 -5.53
CA VAL D 229 8.53 -15.80 -4.39
C VAL D 229 8.23 -17.11 -3.69
N ILE D 230 9.26 -17.91 -3.46
CA ILE D 230 9.13 -19.23 -2.85
C ILE D 230 9.55 -19.13 -1.39
N GLY D 231 8.66 -19.51 -0.49
CA GLY D 231 8.93 -19.45 0.93
C GLY D 231 8.39 -18.19 1.58
N TYR D 232 7.92 -18.30 2.81
CA TYR D 232 7.35 -17.16 3.54
C TYR D 232 7.90 -17.11 4.95
N GLY D 233 9.22 -17.23 5.08
CA GLY D 233 9.89 -17.07 6.35
C GLY D 233 10.10 -15.60 6.67
N ASP D 234 11.02 -15.34 7.59
CA ASP D 234 11.30 -13.96 7.97
C ASP D 234 11.93 -13.18 6.83
N VAL D 235 12.77 -13.81 6.01
CA VAL D 235 13.32 -13.14 4.85
C VAL D 235 12.25 -12.94 3.78
N GLY D 236 11.42 -13.95 3.56
CA GLY D 236 10.43 -13.88 2.49
C GLY D 236 9.41 -12.78 2.69
N LYS D 237 9.04 -12.49 3.93
CA LYS D 237 8.10 -11.41 4.21
C LYS D 237 8.63 -10.09 3.70
N GLY D 238 9.87 -9.75 4.07
CA GLY D 238 10.47 -8.51 3.62
C GLY D 238 10.71 -8.47 2.12
N SER D 239 11.11 -9.61 1.54
CA SER D 239 11.31 -9.66 0.09
C SER D 239 10.00 -9.39 -0.65
N SER D 240 8.92 -10.04 -0.22
CA SER D 240 7.63 -9.86 -0.87
C SER D 240 7.13 -8.42 -0.71
N GLN D 241 7.35 -7.82 0.46
CA GLN D 241 6.99 -6.41 0.62
C GLN D 241 7.84 -5.51 -0.28
N SER D 242 9.14 -5.80 -0.39
CA SER D 242 10.01 -5.01 -1.24
C SER D 242 9.59 -5.05 -2.69
N LEU D 243 8.98 -6.15 -3.13
CA LEU D 243 8.42 -6.17 -4.48
C LEU D 243 7.01 -5.59 -4.58
N ARG D 244 6.17 -5.76 -3.56
CA ARG D 244 4.81 -5.21 -3.63
C ARG D 244 4.82 -3.68 -3.58
N GLN D 245 5.77 -3.09 -2.87
CA GLN D 245 5.81 -1.64 -2.75
C GLN D 245 6.27 -0.94 -4.04
N GLU D 246 6.75 -1.70 -5.02
CA GLU D 246 7.14 -1.11 -6.31
C GLU D 246 6.03 -1.17 -7.33
N GLY D 247 5.13 -2.15 -7.25
CA GLY D 247 3.98 -2.20 -8.14
C GLY D 247 3.77 -3.51 -8.87
N MET D 248 4.48 -4.56 -8.46
CA MET D 248 4.33 -5.86 -9.13
C MET D 248 3.06 -6.56 -8.68
N ILE D 249 2.83 -7.73 -9.27
CA ILE D 249 1.85 -8.70 -8.78
C ILE D 249 2.63 -9.90 -8.29
N VAL D 250 2.46 -10.25 -7.01
CA VAL D 250 3.32 -11.21 -6.33
C VAL D 250 2.49 -12.41 -5.88
N LYS D 251 3.08 -13.60 -6.04
CA LYS D 251 2.47 -14.85 -5.60
C LYS D 251 3.51 -15.65 -4.82
N VAL D 252 3.04 -16.47 -3.89
CA VAL D 252 3.90 -17.15 -2.94
C VAL D 252 3.59 -18.65 -2.93
N ALA D 253 4.59 -19.46 -2.59
CA ALA D 253 4.44 -20.89 -2.40
C ALA D 253 5.07 -21.29 -1.08
N GLU D 254 4.54 -22.34 -0.46
CA GLU D 254 4.94 -22.70 0.89
C GLU D 254 4.55 -24.15 1.19
N VAL D 255 5.30 -24.76 2.12
CA VAL D 255 4.99 -26.11 2.60
C VAL D 255 4.39 -26.03 3.99
N ASP D 256 4.71 -24.97 4.73
CA ASP D 256 4.25 -24.85 6.11
C ASP D 256 2.93 -24.09 6.12
N PRO D 257 1.82 -24.71 6.55
CA PRO D 257 0.52 -24.03 6.46
C PRO D 257 0.43 -22.74 7.25
N ILE D 258 1.23 -22.56 8.31
CA ILE D 258 1.18 -21.33 9.08
C ILE D 258 1.65 -20.15 8.24
N CYS D 259 2.79 -20.32 7.57
CA CYS D 259 3.31 -19.26 6.70
C CYS D 259 2.36 -19.01 5.53
N ALA D 260 1.74 -20.06 5.00
CA ALA D 260 0.77 -19.89 3.93
C ALA D 260 -0.45 -19.09 4.41
N MET D 261 -0.88 -19.32 5.65
CA MET D 261 -1.96 -18.52 6.22
C MET D 261 -1.56 -17.06 6.33
N GLN D 262 -0.33 -16.81 6.79
CA GLN D 262 0.15 -15.43 6.84
C GLN D 262 0.15 -14.80 5.45
N ALA D 263 0.57 -15.56 4.43
CA ALA D 263 0.56 -15.05 3.06
C ALA D 263 -0.86 -14.75 2.60
N CYS D 264 -1.81 -15.62 2.95
CA CYS D 264 -3.20 -15.39 2.57
C CYS D 264 -3.76 -14.13 3.21
N MET D 265 -3.41 -13.86 4.46
CA MET D 265 -3.95 -12.71 5.16
C MET D 265 -3.16 -11.43 4.95
N ASP D 266 -2.06 -11.46 4.20
CA ASP D 266 -1.31 -10.26 3.89
C ASP D 266 -1.60 -9.69 2.50
N GLY D 267 -2.48 -10.33 1.74
CA GLY D 267 -2.87 -9.83 0.44
C GLY D 267 -2.15 -10.43 -0.75
N PHE D 268 -1.78 -11.71 -0.68
CA PHE D 268 -1.13 -12.38 -1.80
C PHE D 268 -1.92 -13.64 -2.14
N GLU D 269 -1.52 -14.28 -3.24
CA GLU D 269 -2.11 -15.54 -3.66
C GLU D 269 -1.08 -16.66 -3.47
N VAL D 270 -1.55 -17.82 -3.02
CA VAL D 270 -0.69 -18.97 -2.75
C VAL D 270 -0.99 -20.05 -3.76
N VAL D 271 0.07 -20.64 -4.32
CA VAL D 271 -0.04 -21.62 -5.40
C VAL D 271 1.16 -22.55 -5.37
N SER D 272 0.98 -23.75 -5.91
CA SER D 272 2.03 -24.75 -6.02
C SER D 272 2.56 -24.81 -7.43
N PRO D 273 3.88 -24.81 -7.63
CA PRO D 273 4.44 -24.92 -8.98
C PRO D 273 4.37 -26.32 -9.57
N TYR D 274 3.92 -27.32 -8.81
CA TYR D 274 3.66 -28.66 -9.32
C TYR D 274 2.17 -28.95 -9.22
N LYS D 275 1.69 -29.79 -10.15
CA LYS D 275 0.29 -30.21 -10.12
C LYS D 275 -0.01 -30.96 -8.83
N ASN D 276 -1.13 -30.63 -8.20
CA ASN D 276 -1.59 -31.22 -6.94
C ASN D 276 -0.59 -31.04 -5.80
N GLY D 277 0.40 -30.17 -5.97
CA GLY D 277 1.40 -29.97 -4.93
C GLY D 277 2.28 -31.18 -4.67
N ILE D 278 2.29 -32.14 -5.59
CA ILE D 278 3.04 -33.38 -5.41
C ILE D 278 4.09 -33.44 -6.52
N ASN D 279 5.36 -33.42 -6.13
CA ASN D 279 6.48 -33.46 -7.08
C ASN D 279 6.77 -34.91 -7.41
N ASP D 280 6.07 -35.43 -8.42
CA ASP D 280 6.26 -36.82 -8.81
C ASP D 280 7.65 -37.05 -9.40
N GLY D 281 8.10 -36.15 -10.28
CA GLY D 281 9.41 -36.29 -10.89
C GLY D 281 9.37 -36.18 -12.40
N THR D 282 8.23 -36.54 -13.00
CA THR D 282 8.08 -36.47 -14.44
C THR D 282 7.58 -35.09 -14.86
N GLU D 283 7.79 -34.79 -16.15
CA GLU D 283 7.42 -33.48 -16.68
C GLU D 283 5.91 -33.25 -16.66
N ALA D 284 5.13 -34.33 -16.69
CA ALA D 284 3.68 -34.21 -16.76
C ALA D 284 3.04 -33.65 -15.50
N SER D 285 3.78 -33.58 -14.39
CA SER D 285 3.24 -33.13 -13.12
C SER D 285 3.45 -31.64 -12.87
N ILE D 286 3.92 -30.90 -13.88
CA ILE D 286 4.19 -29.48 -13.75
C ILE D 286 3.01 -28.70 -14.30
N ASP D 287 2.54 -27.70 -13.54
CA ASP D 287 1.42 -26.85 -13.95
C ASP D 287 1.94 -25.78 -14.91
N ALA D 288 2.24 -26.22 -16.14
CA ALA D 288 2.89 -25.35 -17.12
C ALA D 288 2.02 -24.16 -17.51
N ALA D 289 0.71 -24.23 -17.26
CA ALA D 289 -0.17 -23.12 -17.64
C ALA D 289 0.14 -21.87 -16.84
N LEU D 290 0.31 -22.01 -15.52
CA LEU D 290 0.51 -20.84 -14.67
C LEU D 290 1.93 -20.29 -14.81
N LEU D 291 2.93 -21.18 -14.94
CA LEU D 291 4.30 -20.73 -15.11
C LEU D 291 4.54 -20.04 -16.44
N GLY D 292 3.57 -20.10 -17.36
CA GLY D 292 3.69 -19.39 -18.63
C GLY D 292 3.25 -17.95 -18.52
N LYS D 293 3.15 -17.42 -17.30
CA LYS D 293 2.75 -16.03 -17.09
C LYS D 293 3.58 -15.36 -16.00
N ILE D 294 4.82 -15.81 -15.80
CA ILE D 294 5.67 -15.32 -14.72
C ILE D 294 6.95 -14.76 -15.33
N ASP D 295 7.36 -13.58 -14.87
CA ASP D 295 8.52 -12.88 -15.41
C ASP D 295 9.74 -12.86 -14.47
N LEU D 296 9.58 -13.25 -13.20
CA LEU D 296 10.69 -13.15 -12.25
C LEU D 296 10.53 -14.19 -11.16
N ILE D 297 11.65 -14.78 -10.74
CA ILE D 297 11.68 -15.82 -9.73
C ILE D 297 12.67 -15.43 -8.64
N VAL D 298 12.24 -15.53 -7.38
CA VAL D 298 13.08 -15.31 -6.21
C VAL D 298 12.94 -16.50 -5.28
N THR D 299 14.06 -17.04 -4.80
CA THR D 299 14.07 -18.22 -3.96
C THR D 299 14.61 -17.85 -2.58
N THR D 300 13.84 -18.19 -1.54
CA THR D 300 14.12 -17.78 -0.16
C THR D 300 14.32 -18.97 0.77
N THR D 301 14.01 -20.19 0.30
CA THR D 301 13.88 -21.34 1.19
C THR D 301 15.18 -21.70 1.89
N GLY D 302 16.29 -21.69 1.17
CA GLY D 302 17.54 -22.25 1.70
C GLY D 302 17.50 -23.75 1.86
N ASN D 303 16.91 -24.46 0.91
CA ASN D 303 16.77 -25.91 0.93
C ASN D 303 17.38 -26.50 -0.33
N VAL D 304 17.32 -27.82 -0.44
CA VAL D 304 17.89 -28.53 -1.59
C VAL D 304 16.87 -28.56 -2.72
N ASN D 305 17.22 -27.94 -3.85
CA ASN D 305 16.52 -28.14 -5.12
C ASN D 305 15.02 -27.78 -5.00
N VAL D 306 14.78 -26.50 -4.73
CA VAL D 306 13.41 -25.98 -4.77
C VAL D 306 13.07 -25.38 -6.14
N CYS D 307 14.03 -25.31 -7.05
CA CYS D 307 13.82 -24.87 -8.44
C CYS D 307 14.53 -25.89 -9.32
N ASP D 308 13.81 -26.96 -9.68
CA ASP D 308 14.40 -28.06 -10.41
C ASP D 308 14.52 -27.75 -11.90
N ALA D 309 15.35 -28.55 -12.58
CA ALA D 309 15.62 -28.32 -13.99
C ALA D 309 14.37 -28.51 -14.85
N ASN D 310 13.50 -29.45 -14.48
CA ASN D 310 12.27 -29.64 -15.23
C ASN D 310 11.35 -28.43 -15.10
N MET D 311 11.31 -27.82 -13.91
CA MET D 311 10.56 -26.58 -13.73
C MET D 311 11.15 -25.45 -14.56
N LEU D 312 12.48 -25.32 -14.54
CA LEU D 312 13.17 -24.16 -15.11
C LEU D 312 13.11 -24.14 -16.64
N LYS D 313 12.75 -25.25 -17.27
CA LYS D 313 12.61 -25.30 -18.72
C LYS D 313 11.20 -24.99 -19.20
N ALA D 314 10.28 -24.68 -18.29
CA ALA D 314 8.90 -24.38 -18.65
C ALA D 314 8.53 -22.92 -18.39
N LEU D 315 9.49 -22.09 -17.99
CA LEU D 315 9.21 -20.69 -17.70
C LEU D 315 9.07 -19.89 -19.01
N LYS D 316 8.62 -18.66 -18.87
CA LYS D 316 8.48 -17.78 -20.02
C LYS D 316 9.84 -17.39 -20.58
N LYS D 317 9.85 -17.00 -21.85
CA LYS D 317 11.05 -16.47 -22.46
C LYS D 317 11.41 -15.13 -21.84
N ARG D 318 12.71 -14.87 -21.73
CA ARG D 318 13.23 -13.64 -21.15
C ARG D 318 12.77 -13.46 -19.70
N ALA D 319 12.94 -14.51 -18.91
CA ALA D 319 12.55 -14.50 -17.50
C ALA D 319 13.78 -14.37 -16.61
N VAL D 320 13.61 -13.69 -15.49
CA VAL D 320 14.69 -13.37 -14.57
C VAL D 320 14.65 -14.34 -13.40
N VAL D 321 15.81 -14.90 -13.06
CA VAL D 321 15.96 -15.83 -11.95
C VAL D 321 17.01 -15.30 -10.99
N CYS D 322 16.68 -15.27 -9.70
CA CYS D 322 17.62 -14.82 -8.67
C CYS D 322 17.36 -15.60 -7.39
N ASN D 323 18.38 -15.63 -6.53
CA ASN D 323 18.32 -16.35 -5.26
C ASN D 323 18.69 -15.41 -4.13
N ILE D 324 18.02 -15.57 -2.99
CA ILE D 324 18.28 -14.74 -1.81
C ILE D 324 18.75 -15.55 -0.62
N GLY D 325 18.65 -16.87 -0.67
CA GLY D 325 19.13 -17.70 0.43
C GLY D 325 20.65 -17.76 0.48
N HIS D 326 21.14 -18.33 1.59
CA HIS D 326 22.59 -18.35 1.83
C HIS D 326 23.32 -19.27 0.85
N PHE D 327 22.68 -20.36 0.42
CA PHE D 327 23.34 -21.38 -0.37
C PHE D 327 22.67 -21.50 -1.73
N ASP D 328 23.43 -22.02 -2.71
CA ASP D 328 22.96 -22.13 -4.09
C ASP D 328 22.41 -23.51 -4.41
N ASN D 329 21.92 -24.24 -3.41
CA ASN D 329 21.22 -25.49 -3.65
C ASN D 329 19.75 -25.29 -3.97
N GLU D 330 19.28 -24.05 -3.97
CA GLU D 330 17.87 -23.76 -4.22
C GLU D 330 17.51 -23.92 -5.70
N ILE D 331 18.38 -23.49 -6.60
CA ILE D 331 18.15 -23.61 -8.03
C ILE D 331 19.17 -24.58 -8.61
N ASP D 332 18.75 -25.29 -9.66
CA ASP D 332 19.57 -26.36 -10.24
C ASP D 332 20.45 -25.80 -11.35
N THR D 333 21.48 -25.06 -10.92
CA THR D 333 22.44 -24.51 -11.87
C THR D 333 23.34 -25.59 -12.49
N ALA D 334 23.38 -26.78 -11.89
CA ALA D 334 24.23 -27.85 -12.42
C ALA D 334 23.73 -28.33 -13.77
N PHE D 335 22.41 -28.49 -13.93
CA PHE D 335 21.87 -28.98 -15.19
C PHE D 335 22.12 -28.01 -16.33
N MET D 336 21.94 -26.71 -16.07
CA MET D 336 22.07 -25.72 -17.14
C MET D 336 23.49 -25.65 -17.69
N ARG D 337 24.49 -25.96 -16.87
CA ARG D 337 25.87 -25.92 -17.33
C ARG D 337 26.21 -27.08 -18.24
N LYS D 338 25.50 -28.21 -18.11
CA LYS D 338 25.79 -29.39 -18.91
C LYS D 338 24.97 -29.44 -20.20
N ASN D 339 23.86 -28.70 -20.28
CA ASN D 339 22.97 -28.76 -21.43
C ASN D 339 22.87 -27.43 -22.17
N TRP D 340 22.65 -26.33 -21.46
CA TRP D 340 22.38 -25.05 -22.08
C TRP D 340 23.65 -24.18 -22.13
N ALA D 341 23.64 -23.21 -23.04
CA ALA D 341 24.78 -22.34 -23.28
C ALA D 341 24.66 -21.05 -22.49
N TRP D 342 25.81 -20.47 -22.15
CA TRP D 342 25.88 -19.27 -21.33
C TRP D 342 26.65 -18.17 -22.06
N GLU D 343 26.18 -16.94 -21.89
CA GLU D 343 26.92 -15.74 -22.30
C GLU D 343 26.73 -14.67 -21.24
N GLU D 344 27.73 -13.81 -21.10
CA GLU D 344 27.75 -12.79 -20.05
C GLU D 344 27.42 -11.42 -20.63
N VAL D 345 26.55 -10.69 -19.94
CA VAL D 345 26.28 -9.29 -20.27
C VAL D 345 27.14 -8.35 -19.46
N LYS D 346 27.17 -8.56 -18.15
CA LYS D 346 27.91 -7.73 -17.21
C LYS D 346 28.03 -8.53 -15.91
N PRO D 347 28.81 -8.08 -14.93
CA PRO D 347 28.95 -8.86 -13.69
C PRO D 347 27.61 -9.18 -13.04
N GLN D 348 27.48 -10.43 -12.60
CA GLN D 348 26.28 -10.96 -11.95
C GLN D 348 25.05 -10.94 -12.86
N VAL D 349 25.26 -10.83 -14.17
CA VAL D 349 24.18 -10.89 -15.15
C VAL D 349 24.60 -11.85 -16.27
N HIS D 350 23.73 -12.79 -16.61
CA HIS D 350 24.04 -13.80 -17.61
C HIS D 350 22.84 -14.00 -18.53
N LYS D 351 23.11 -14.46 -19.75
CA LYS D 351 22.07 -14.88 -20.68
C LYS D 351 22.28 -16.35 -21.01
N ILE D 352 21.20 -17.13 -20.94
CA ILE D 352 21.26 -18.58 -21.07
C ILE D 352 20.25 -18.99 -22.13
N HIS D 353 20.73 -19.36 -23.31
CA HIS D 353 19.87 -19.83 -24.37
C HIS D 353 19.45 -21.28 -24.14
N ARG D 354 18.29 -21.64 -24.69
CA ARG D 354 17.75 -22.99 -24.57
C ARG D 354 18.05 -23.81 -25.83
N THR D 355 17.81 -25.12 -25.72
CA THR D 355 17.89 -26.05 -26.84
C THR D 355 19.22 -25.96 -27.56
N GLY D 356 20.30 -25.81 -26.79
CA GLY D 356 21.61 -25.68 -27.39
C GLY D 356 22.77 -25.75 -26.40
N LYS D 357 23.86 -26.39 -26.83
CA LYS D 357 25.09 -26.49 -26.06
C LYS D 357 26.29 -25.92 -26.78
N ASP D 358 26.39 -26.14 -28.09
CA ASP D 358 27.56 -25.70 -28.85
C ASP D 358 27.54 -24.19 -29.11
N GLY D 359 26.37 -23.61 -29.33
CA GLY D 359 26.31 -22.19 -29.63
C GLY D 359 24.87 -21.73 -29.77
N PHE D 360 24.73 -20.43 -30.05
CA PHE D 360 23.44 -19.79 -30.17
C PHE D 360 23.48 -18.80 -31.32
N ASP D 361 22.31 -18.53 -31.90
CA ASP D 361 22.21 -17.51 -32.93
C ASP D 361 22.33 -16.12 -32.32
N ALA D 362 22.99 -15.21 -33.04
CA ALA D 362 23.22 -13.87 -32.52
C ALA D 362 21.91 -13.09 -32.36
N HIS D 363 20.90 -13.41 -33.16
CA HIS D 363 19.62 -12.71 -33.14
C HIS D 363 18.51 -13.53 -32.46
N ASN D 364 18.88 -14.56 -31.71
CA ASN D 364 17.89 -15.41 -31.08
C ASN D 364 17.15 -14.68 -29.96
N ASP D 365 15.92 -15.13 -29.69
CA ASP D 365 15.09 -14.53 -28.65
C ASP D 365 14.65 -15.54 -27.60
N ASP D 366 15.14 -16.77 -27.64
CA ASP D 366 14.78 -17.81 -26.69
C ASP D 366 15.93 -17.97 -25.70
N TYR D 367 15.82 -17.32 -24.55
CA TYR D 367 16.89 -17.31 -23.57
C TYR D 367 16.35 -16.90 -22.21
N LEU D 368 17.14 -17.16 -21.17
CA LEU D 368 16.85 -16.75 -19.81
C LEU D 368 17.95 -15.80 -19.34
N ILE D 369 17.70 -15.13 -18.22
CA ILE D 369 18.66 -14.23 -17.61
C ILE D 369 18.77 -14.57 -16.13
N LEU D 370 20.01 -14.66 -15.64
CA LEU D 370 20.31 -15.11 -14.29
C LEU D 370 21.06 -14.02 -13.53
N LEU D 371 20.67 -13.80 -12.27
CA LEU D 371 21.29 -12.79 -11.43
C LEU D 371 22.08 -13.47 -10.31
N ALA D 372 23.29 -12.98 -10.07
CA ALA D 372 24.19 -13.42 -9.00
C ALA D 372 24.56 -14.90 -9.11
N GLU D 373 24.25 -15.55 -10.23
CA GLU D 373 24.55 -16.96 -10.46
C GLU D 373 23.92 -17.84 -9.36
N GLY D 374 22.72 -17.46 -8.92
CA GLY D 374 22.03 -18.23 -7.91
C GLY D 374 22.56 -18.07 -6.51
N ARG D 375 23.31 -17.00 -6.24
CA ARG D 375 23.90 -16.74 -4.93
C ARG D 375 23.18 -15.56 -4.28
N LEU D 376 23.69 -15.12 -3.14
CA LEU D 376 23.11 -13.98 -2.43
C LEU D 376 23.05 -12.76 -3.34
N VAL D 377 21.85 -12.32 -3.68
CA VAL D 377 21.68 -11.31 -4.73
C VAL D 377 21.77 -9.90 -4.15
N ASN D 378 21.21 -9.65 -2.97
CA ASN D 378 21.14 -8.27 -2.50
C ASN D 378 22.52 -7.78 -2.06
N LEU D 379 23.35 -8.67 -1.51
CA LEU D 379 24.76 -8.33 -1.35
C LEU D 379 25.54 -8.47 -2.63
N GLY D 380 25.02 -9.22 -3.61
CA GLY D 380 25.73 -9.44 -4.85
C GLY D 380 25.63 -8.27 -5.80
N ASN D 381 24.41 -7.87 -6.15
CA ASN D 381 24.17 -6.81 -7.11
C ASN D 381 24.02 -5.44 -6.46
N ALA D 382 24.09 -5.35 -5.13
CA ALA D 382 23.85 -4.08 -4.45
C ALA D 382 24.83 -3.95 -3.27
N THR D 383 24.55 -3.00 -2.39
CA THR D 383 25.46 -2.79 -1.25
C THR D 383 25.06 -3.71 -0.13
N GLY D 384 23.76 -3.84 0.13
CA GLY D 384 23.31 -4.60 1.27
C GLY D 384 22.38 -3.80 2.16
N HIS D 385 22.24 -4.27 3.40
CA HIS D 385 21.36 -3.60 4.34
C HIS D 385 21.95 -2.25 4.76
N PRO D 386 21.10 -1.28 5.10
CA PRO D 386 21.60 0.03 5.51
C PRO D 386 22.28 -0.03 6.87
N SER D 387 23.06 1.02 7.14
CA SER D 387 23.84 1.06 8.38
C SER D 387 22.96 1.12 9.62
N ARG D 388 21.80 1.76 9.53
CA ARG D 388 20.94 1.89 10.69
C ARG D 388 20.28 0.59 11.10
N ILE D 389 20.18 -0.39 10.18
CA ILE D 389 19.53 -1.65 10.51
C ILE D 389 20.51 -2.60 11.19
N MET D 390 21.74 -2.70 10.69
CA MET D 390 22.74 -3.57 11.28
C MET D 390 23.19 -3.12 12.67
N ASP D 391 22.81 -1.90 13.07
CA ASP D 391 23.16 -1.42 14.41
C ASP D 391 22.56 -2.30 15.49
N GLY D 392 21.30 -2.69 15.34
CA GLY D 392 20.68 -3.57 16.32
C GLY D 392 21.16 -5.00 16.26
N SER D 393 21.58 -5.44 15.08
CA SER D 393 22.07 -6.80 14.91
C SER D 393 23.49 -6.98 15.44
N PHE D 394 24.24 -5.90 15.62
CA PHE D 394 25.65 -5.98 16.02
C PHE D 394 25.86 -5.74 17.50
N ALA D 395 25.06 -4.88 18.13
CA ALA D 395 25.17 -4.69 19.57
C ALA D 395 24.83 -5.98 20.31
N ASN D 396 23.86 -6.74 19.79
CA ASN D 396 23.56 -8.05 20.37
C ASN D 396 24.77 -8.97 20.30
N GLN D 397 25.44 -8.99 19.15
CA GLN D 397 26.65 -9.81 19.01
C GLN D 397 27.72 -9.39 20.00
N VAL D 398 27.95 -8.08 20.13
CA VAL D 398 29.01 -7.60 21.01
C VAL D 398 28.69 -7.92 22.47
N LEU D 399 27.42 -7.73 22.88
CA LEU D 399 27.02 -8.09 24.23
C LEU D 399 27.17 -9.59 24.47
N ALA D 400 26.82 -10.40 23.47
CA ALA D 400 26.98 -11.84 23.60
C ALA D 400 28.44 -12.24 23.73
N GLN D 401 29.33 -11.51 23.05
CA GLN D 401 30.76 -11.79 23.18
C GLN D 401 31.23 -11.63 24.62
N ILE D 402 30.81 -10.55 25.29
CA ILE D 402 31.18 -10.38 26.68
C ILE D 402 30.61 -11.52 27.52
N HIS D 403 29.29 -11.73 27.44
CA HIS D 403 28.58 -12.67 28.32
C HIS D 403 29.17 -14.06 28.34
N LEU D 404 30.04 -14.39 27.39
CA LEU D 404 30.72 -15.68 27.38
C LEU D 404 32.20 -15.61 27.71
N PHE D 405 32.79 -14.42 27.72
CA PHE D 405 34.24 -14.33 27.92
C PHE D 405 34.61 -14.51 29.38
N GLU D 406 33.92 -13.82 30.30
CA GLU D 406 34.30 -13.88 31.71
C GLU D 406 34.09 -15.27 32.29
N GLN D 407 33.20 -16.08 31.71
CA GLN D 407 32.93 -17.40 32.26
C GLN D 407 34.16 -18.31 32.22
N LYS D 408 35.10 -18.05 31.31
CA LYS D 408 36.36 -18.77 31.23
C LYS D 408 36.13 -20.28 31.14
N TYR D 409 35.48 -20.68 30.03
CA TYR D 409 35.14 -22.08 29.87
C TYR D 409 36.37 -22.96 29.65
N ALA D 410 37.52 -22.38 29.31
CA ALA D 410 38.72 -23.17 29.13
C ALA D 410 39.39 -23.56 30.45
N ASP D 411 38.99 -22.95 31.57
CA ASP D 411 39.70 -23.11 32.82
C ASP D 411 38.95 -23.89 33.90
N LEU D 412 37.61 -23.87 33.90
CA LEU D 412 36.90 -24.54 34.98
C LEU D 412 37.09 -26.05 34.86
N PRO D 413 37.08 -26.76 35.99
CA PRO D 413 37.38 -28.20 35.96
C PRO D 413 36.34 -28.98 35.19
N ALA D 414 36.77 -30.14 34.67
CA ALA D 414 35.87 -31.00 33.90
C ALA D 414 34.71 -31.51 34.75
N ALA D 415 34.89 -31.58 36.07
CA ALA D 415 33.78 -31.94 36.95
C ALA D 415 32.66 -30.92 36.88
N GLU D 416 32.98 -29.67 36.52
CA GLU D 416 31.99 -28.63 36.32
C GLU D 416 31.56 -28.50 34.86
N LYS D 417 32.37 -29.00 33.93
CA LYS D 417 32.05 -28.88 32.51
C LYS D 417 30.78 -29.66 32.16
N ALA D 418 30.58 -30.82 32.80
CA ALA D 418 29.47 -31.70 32.44
C ALA D 418 28.12 -31.06 32.72
N LYS D 419 28.05 -30.03 33.56
CA LYS D 419 26.79 -29.35 33.85
C LYS D 419 26.69 -27.97 33.23
N ARG D 420 27.80 -27.35 32.86
CA ARG D 420 27.76 -26.04 32.21
C ARG D 420 27.44 -26.11 30.73
N LEU D 421 27.52 -27.29 30.11
CA LEU D 421 27.27 -27.43 28.69
C LEU D 421 25.76 -27.55 28.48
N SER D 422 25.14 -26.41 28.14
CA SER D 422 23.69 -26.36 27.93
C SER D 422 23.39 -25.19 27.01
N VAL D 423 22.16 -25.17 26.49
CA VAL D 423 21.74 -24.12 25.57
C VAL D 423 21.70 -22.79 26.31
N GLU D 424 22.18 -21.74 25.64
CA GLU D 424 22.25 -20.41 26.24
C GLU D 424 21.76 -19.37 25.24
N VAL D 425 21.27 -18.26 25.78
CA VAL D 425 20.86 -17.11 24.97
C VAL D 425 20.84 -15.89 25.88
N LEU D 426 21.07 -14.72 25.29
CA LEU D 426 21.15 -13.50 26.07
C LEU D 426 19.80 -13.17 26.72
N PRO D 427 19.80 -12.57 27.90
CA PRO D 427 18.54 -12.19 28.54
C PRO D 427 17.92 -10.96 27.88
N LYS D 428 16.71 -10.63 28.34
CA LYS D 428 15.91 -9.60 27.70
C LYS D 428 16.38 -8.19 28.04
N LYS D 429 16.92 -7.98 29.24
CA LYS D 429 17.35 -6.64 29.65
C LYS D 429 18.46 -6.12 28.76
N LEU D 430 19.42 -6.99 28.42
CA LEU D 430 20.51 -6.58 27.54
C LEU D 430 20.01 -6.26 26.13
N ASP D 431 18.88 -6.84 25.73
CA ASP D 431 18.26 -6.49 24.45
C ASP D 431 17.54 -5.16 24.53
N GLU D 432 16.85 -4.90 25.65
CA GLU D 432 16.13 -3.65 25.81
C GLU D 432 17.09 -2.46 25.92
N GLU D 433 18.25 -2.67 26.54
CA GLU D 433 19.24 -1.59 26.63
C GLU D 433 19.76 -1.17 25.27
N VAL D 434 19.68 -2.05 24.27
CA VAL D 434 20.02 -1.68 22.90
C VAL D 434 18.82 -1.07 22.18
N ALA D 435 17.64 -1.63 22.41
CA ALA D 435 16.43 -1.11 21.76
C ALA D 435 16.19 0.36 22.15
N LEU D 436 16.43 0.69 23.42
CA LEU D 436 16.24 2.07 23.86
C LEU D 436 17.18 3.03 23.14
N GLU D 437 18.46 2.68 23.07
CA GLU D 437 19.43 3.53 22.41
C GLU D 437 19.17 3.62 20.91
N MET D 438 18.60 2.57 20.31
CA MET D 438 18.19 2.66 18.91
C MET D 438 17.02 3.63 18.73
N VAL D 439 16.01 3.52 19.60
CA VAL D 439 14.82 4.36 19.46
C VAL D 439 15.18 5.83 19.67
N LYS D 440 16.04 6.12 20.65
CA LYS D 440 16.46 7.49 20.88
C LYS D 440 17.28 8.05 19.73
N GLY D 441 17.81 7.19 18.86
CA GLY D 441 18.55 7.67 17.70
C GLY D 441 17.68 8.41 16.71
N PHE D 442 16.44 7.96 16.52
CA PHE D 442 15.52 8.61 15.60
C PHE D 442 15.06 9.97 16.08
N GLY D 443 15.42 10.37 17.29
CA GLY D 443 14.84 11.53 17.92
C GLY D 443 13.59 11.24 18.72
N GLY D 444 13.25 9.95 18.91
CA GLY D 444 12.08 9.58 19.65
C GLY D 444 12.28 9.67 21.14
N VAL D 445 11.16 9.56 21.87
CA VAL D 445 11.14 9.69 23.31
C VAL D 445 10.34 8.53 23.90
N VAL D 446 10.81 8.03 25.04
CA VAL D 446 10.18 6.92 25.74
C VAL D 446 9.72 7.42 27.11
N THR D 447 8.44 7.19 27.41
CA THR D 447 7.88 7.66 28.67
C THR D 447 8.34 6.78 29.82
N GLN D 448 7.98 7.18 31.03
CA GLN D 448 8.31 6.47 32.25
C GLN D 448 7.05 6.12 33.02
N LEU D 449 7.00 4.91 33.57
CA LEU D 449 5.85 4.47 34.34
C LEU D 449 5.90 5.02 35.76
N THR D 450 4.77 5.54 36.23
CA THR D 450 4.64 5.91 37.63
C THR D 450 4.64 4.64 38.48
N PRO D 451 5.07 4.74 39.74
CA PRO D 451 5.06 3.54 40.61
C PRO D 451 3.70 2.89 40.73
N LYS D 452 2.62 3.68 40.71
CA LYS D 452 1.28 3.10 40.83
C LYS D 452 0.95 2.18 39.67
N GLN D 453 1.52 2.43 38.49
CA GLN D 453 1.29 1.57 37.33
C GLN D 453 2.28 0.42 37.26
N ALA D 454 3.54 0.66 37.63
CA ALA D 454 4.55 -0.39 37.56
C ALA D 454 4.21 -1.55 38.49
N GLU D 455 3.77 -1.23 39.72
CA GLU D 455 3.35 -2.29 40.63
C GLU D 455 2.10 -2.99 40.14
N TYR D 456 1.26 -2.29 39.36
CA TYR D 456 0.03 -2.90 38.86
C TYR D 456 0.33 -4.06 37.92
N ILE D 457 1.31 -3.89 37.03
CA ILE D 457 1.62 -4.92 36.04
C ILE D 457 2.67 -5.89 36.51
N GLY D 458 3.20 -5.73 37.73
CA GLY D 458 4.22 -6.64 38.24
C GLY D 458 5.60 -6.45 37.64
N VAL D 459 5.87 -5.29 37.04
CA VAL D 459 7.16 -4.98 36.44
C VAL D 459 7.73 -3.74 37.11
N SER D 460 9.02 -3.80 37.45
CA SER D 460 9.68 -2.66 38.05
C SER D 460 9.72 -1.49 37.08
N VAL D 461 10.11 -0.33 37.60
CA VAL D 461 10.26 0.86 36.75
C VAL D 461 11.36 0.63 35.73
N GLU D 462 12.36 -0.19 36.06
CA GLU D 462 13.42 -0.56 35.13
C GLU D 462 13.57 -2.07 35.16
N GLY D 463 13.30 -2.72 34.03
CA GLY D 463 13.38 -4.15 33.93
C GLY D 463 12.63 -4.70 32.74
N PRO D 464 12.53 -6.03 32.64
CA PRO D 464 11.83 -6.65 31.51
C PRO D 464 10.32 -6.50 31.65
N PHE D 465 9.68 -5.99 30.60
CA PHE D 465 8.23 -5.81 30.59
C PHE D 465 7.48 -7.00 30.03
N LYS D 466 8.17 -7.96 29.43
CA LYS D 466 7.54 -9.11 28.79
C LYS D 466 8.23 -10.39 29.24
N PRO D 467 7.54 -11.52 29.21
CA PRO D 467 8.16 -12.80 29.55
C PRO D 467 8.97 -13.34 28.38
N ASP D 468 9.54 -14.53 28.58
CA ASP D 468 10.31 -15.18 27.54
C ASP D 468 9.44 -15.88 26.50
N THR D 469 8.17 -16.15 26.82
CA THR D 469 7.26 -16.82 25.91
C THR D 469 6.63 -15.85 24.90
N TYR D 470 6.70 -14.55 25.16
CA TYR D 470 6.06 -13.57 24.29
C TYR D 470 6.71 -13.60 22.90
N ARG D 471 5.87 -13.60 21.86
CA ARG D 471 6.32 -13.75 20.49
C ARG D 471 6.49 -12.42 19.75
N TYR D 472 5.97 -11.33 20.29
CA TYR D 472 6.04 -10.02 19.65
C TYR D 472 5.45 -10.06 18.24
PA NAD E . 0.49 -6.04 24.97
O1A NAD E . 0.14 -6.91 26.15
O2A NAD E . 1.30 -6.79 24.01
O5B NAD E . 1.08 -4.65 25.49
C5B NAD E . 0.35 -3.42 25.56
C4B NAD E . 1.37 -2.33 25.45
O4B NAD E . 1.03 -1.23 26.32
C3B NAD E . 2.80 -2.76 25.82
O3B NAD E . 3.70 -2.54 24.75
C2B NAD E . 3.15 -1.85 27.00
O2B NAD E . 4.53 -1.51 26.94
C1B NAD E . 2.26 -0.65 26.72
N9A NAD E . 2.03 0.23 27.85
C8A NAD E . 1.84 -0.12 29.17
N7A NAD E . 1.76 0.89 29.99
C5A NAD E . 1.90 2.00 29.15
C6A NAD E . 1.93 3.38 29.41
N6A NAD E . 1.77 3.91 30.62
N1A NAD E . 2.13 4.21 28.36
C2A NAD E . 2.27 3.68 27.16
N3A NAD E . 2.25 2.40 26.78
C4A NAD E . 2.06 1.60 27.84
O3 NAD E . -0.89 -5.67 24.30
PN NAD E . -1.84 -6.75 23.64
O1N NAD E . -1.61 -8.04 24.33
O2N NAD E . -1.67 -6.68 22.18
O5D NAD E . -3.26 -6.15 24.00
C5D NAD E . -3.37 -5.19 25.07
C4D NAD E . -4.65 -5.45 25.86
O4D NAD E . -5.61 -6.13 25.04
C3D NAD E . -4.50 -6.34 27.09
O3D NAD E . -4.29 -5.57 28.26
C2D NAD E . -5.83 -7.10 27.16
O2D NAD E . -6.58 -6.78 28.32
C1D NAD E . -6.58 -6.58 25.93
N1N NAD E . -7.38 -7.59 25.26
C2N NAD E . -8.05 -7.26 24.15
C3N NAD E . -8.90 -8.17 23.55
C7N NAD E . -9.68 -7.79 22.34
O7N NAD E . -10.44 -8.62 21.82
N7N NAD E . -9.53 -6.56 21.86
C4N NAD E . -9.03 -9.43 24.13
C5N NAD E . -8.32 -9.75 25.27
C6N NAD E . -7.48 -8.81 25.82
PA NAD F . -15.85 8.04 -16.92
O1A NAD F . -16.70 8.15 -18.13
O2A NAD F . -14.54 8.64 -17.18
O5B NAD F . -15.82 6.49 -16.49
C5B NAD F . -16.56 5.44 -17.14
C4B NAD F . -15.57 4.43 -17.61
O4B NAD F . -16.24 3.27 -18.15
C3B NAD F . -14.61 4.94 -18.70
O3B NAD F . -13.26 4.81 -18.29
C2B NAD F . -14.94 4.06 -19.91
O2B NAD F . -13.77 3.80 -20.68
C1B NAD F . -15.46 2.80 -19.23
N9A NAD F . -16.29 1.95 -20.07
C8A NAD F . -17.30 2.32 -20.92
N7A NAD F . -17.99 1.32 -21.40
C5A NAD F . -17.39 0.21 -20.84
C6A NAD F . -17.68 -1.17 -20.91
N6A NAD F . -18.75 -1.68 -21.52
N1A NAD F . -16.86 -2.02 -20.24
C2A NAD F . -15.84 -1.52 -19.56
N3A NAD F . -15.49 -0.24 -19.39
C4A NAD F . -16.32 0.58 -20.05
O3 NAD F . -16.57 8.85 -15.77
PN NAD F . -16.29 8.86 -14.20
O1N NAD F . -16.48 10.24 -13.70
O2N NAD F . -15.02 8.16 -13.94
O5D NAD F . -17.48 7.94 -13.70
C5D NAD F . -18.81 8.37 -13.99
C4D NAD F . -19.80 7.40 -13.43
O4D NAD F . -19.75 7.42 -11.99
C3D NAD F . -21.26 7.67 -13.83
O3D NAD F . -21.83 6.54 -14.48
C2D NAD F . -21.95 7.98 -12.50
O2D NAD F . -23.23 7.38 -12.40
C1D NAD F . -21.06 7.25 -11.52
N1N NAD F . -21.15 7.78 -10.13
C2N NAD F . -21.88 7.05 -9.27
C3N NAD F . -21.91 7.37 -7.93
C7N NAD F . -22.71 6.55 -6.97
O7N NAD F . -23.37 5.60 -7.40
N7N NAD F . -22.69 6.90 -5.69
C4N NAD F . -21.18 8.47 -7.50
C5N NAD F . -20.46 9.23 -8.41
C6N NAD F . -20.47 8.86 -9.73
O5' ADN G . -24.55 9.33 -7.00
C5' ADN G . -24.16 10.25 -8.01
C4' ADN G . -23.88 11.62 -7.44
O4' ADN G . -24.26 11.65 -6.04
C3' ADN G . -22.40 12.06 -7.49
O3' ADN G . -22.30 13.41 -7.93
C2' ADN G . -21.95 11.89 -6.04
O2' ADN G . -20.91 12.79 -5.72
C1' ADN G . -23.22 12.24 -5.30
N9 ADN G . -23.31 11.71 -3.95
C8 ADN G . -23.02 10.43 -3.54
N7 ADN G . -23.32 10.17 -2.30
C5 ADN G . -23.86 11.37 -1.84
C6 ADN G . -24.45 11.73 -0.62
N6 ADN G . -24.58 10.91 0.42
N1 ADN G . -24.95 12.99 -0.52
C2 ADN G . -24.86 13.81 -1.56
N3 ADN G . -24.31 13.57 -2.77
C4 ADN G . -23.84 12.32 -2.84
K K H . -24.73 11.30 5.42
PA NAD I . 3.77 22.32 -12.90
O1A NAD I . 3.49 23.65 -13.49
O2A NAD I . 2.53 21.55 -12.87
O5B NAD I . 4.35 22.56 -11.38
C5B NAD I . 4.36 23.84 -10.72
C4B NAD I . 4.06 23.63 -9.25
O4B NAD I . 4.94 24.47 -8.46
C3B NAD I . 2.64 23.99 -8.81
O3B NAD I . 2.14 22.99 -7.92
C2B NAD I . 2.82 25.33 -8.10
O2B NAD I . 1.84 25.52 -7.08
C1B NAD I . 4.18 25.14 -7.48
N9A NAD I . 4.87 26.37 -7.12
C8A NAD I . 5.28 27.37 -7.96
N7A NAD I . 5.96 28.32 -7.38
C5A NAD I . 6.01 27.93 -6.05
C6A NAD I . 6.64 28.47 -4.92
N6A NAD I . 7.27 29.64 -4.91
N1A NAD I . 6.56 27.79 -3.76
C2A NAD I . 5.85 26.65 -3.73
N3A NAD I . 5.20 26.05 -4.73
C4A NAD I . 5.33 26.73 -5.87
O3 NAD I . 4.80 21.57 -13.87
PN NAD I . 5.67 20.24 -13.77
O1N NAD I . 5.98 19.74 -15.11
O2N NAD I . 5.02 19.33 -12.80
O5D NAD I . 6.99 20.83 -13.12
C5D NAD I . 8.25 20.21 -13.33
C4D NAD I . 9.20 21.21 -13.90
O4D NAD I . 10.39 20.54 -14.33
C3D NAD I . 8.73 21.91 -15.16
O3D NAD I . 9.48 23.09 -15.38
C2D NAD I . 9.00 20.85 -16.22
O2D NAD I . 9.27 21.43 -17.49
C1D NAD I . 10.25 20.16 -15.67
N1N NAD I . 10.19 18.70 -15.73
C2N NAD I . 11.20 17.98 -15.21
C3N NAD I . 11.18 16.60 -15.30
C7N NAD I . 12.28 15.77 -14.72
O7N NAD I . 12.23 14.55 -14.81
N7N NAD I . 13.28 16.39 -14.11
C4N NAD I . 10.11 15.98 -15.94
C5N NAD I . 9.10 16.75 -16.46
C6N NAD I . 9.15 18.11 -16.36
PA NAD J . 12.89 -19.72 8.02
O1A NAD J . 13.26 -21.04 8.60
O2A NAD J . 12.32 -18.87 9.06
O5B NAD J . 11.83 -19.99 6.83
C5B NAD J . 12.06 -20.77 5.65
C4B NAD J . 10.70 -21.14 5.14
O4B NAD J . 10.81 -22.02 4.01
C3B NAD J . 9.81 -21.86 6.16
O3B NAD J . 8.59 -21.15 6.36
C2B NAD J . 9.56 -23.23 5.51
O2B NAD J . 8.24 -23.70 5.75
C1B NAD J . 9.68 -22.87 4.05
N9A NAD J . 9.89 -23.99 3.14
C8A NAD J . 10.74 -25.05 3.29
N7A NAD J . 10.77 -25.86 2.25
C5A NAD J . 9.88 -25.28 1.36
C6A NAD J . 9.51 -25.61 0.06
N6A NAD J . 9.99 -26.66 -0.61
N1A NAD J . 8.61 -24.81 -0.57
C2A NAD J . 8.12 -23.76 0.10
N3A NAD J . 8.41 -23.34 1.33
C4A NAD J . 9.31 -24.14 1.91
O3 NAD J . 14.21 -19.06 7.47
PN NAD J . 14.70 -17.55 7.38
O1N NAD J . 15.11 -17.13 8.73
O2N NAD J . 13.67 -16.77 6.66
O5D NAD J . 15.97 -17.64 6.46
C5D NAD J . 16.10 -18.71 5.52
C4D NAD J . 17.33 -18.52 4.69
O4D NAD J . 17.64 -17.12 4.62
C3D NAD J . 18.59 -19.20 5.22
O3D NAD J . 19.31 -19.79 4.14
C2D NAD J . 19.37 -18.03 5.83
O2D NAD J . 20.78 -18.21 5.82
C1D NAD J . 19.00 -16.93 4.87
N1N NAD J . 19.18 -15.61 5.41
C2N NAD J . 19.72 -14.66 4.62
C3N NAD J . 19.86 -13.37 5.08
C7N NAD J . 20.38 -12.29 4.21
O7N NAD J . 20.53 -11.16 4.65
N7N NAD J . 20.70 -12.59 2.97
C4N NAD J . 19.45 -13.08 6.38
C5N NAD J . 18.91 -14.08 7.17
C6N NAD J . 18.78 -15.35 6.67
O5' ADN K . 23.19 -13.38 4.25
C5' ADN K . 23.26 -14.02 5.52
C4' ADN K . 23.73 -13.08 6.60
O4' ADN K . 24.19 -11.84 6.01
C3' ADN K . 22.68 -12.67 7.64
O3' ADN K . 22.95 -13.29 8.90
C2' ADN K . 22.80 -11.14 7.71
O2' ADN K . 22.88 -10.68 9.06
C1' ADN K . 24.12 -10.87 7.02
N9 ADN K . 24.22 -9.55 6.42
C8 ADN K . 23.26 -8.93 5.66
N7 ADN K . 23.59 -7.72 5.27
C5 ADN K . 24.85 -7.54 5.81
C6 ADN K . 25.76 -6.46 5.75
N6 ADN K . 25.52 -5.33 5.10
N1 ADN K . 26.93 -6.60 6.38
C2 ADN K . 27.18 -7.74 7.03
N3 ADN K . 26.40 -8.82 7.15
C4 ADN K . 25.25 -8.65 6.51
K K L . 24.67 -1.15 2.80
#